data_7WHT
#
_entry.id   7WHT
#
_cell.length_a   1.00
_cell.length_b   1.00
_cell.length_c   1.00
_cell.angle_alpha   90.00
_cell.angle_beta   90.00
_cell.angle_gamma   90.00
#
_symmetry.space_group_name_H-M   'P 1'
#
loop_
_entity.id
_entity.type
_entity.pdbx_description
1 polymer 'Nucleotidyl transferase family protein'
2 non-polymer "GUANOSINE-5'-DIPHOSPHATE-ALPHA-D-MANNOSE"
3 non-polymer 'MAGNESIUM ION'
#
_entity_poly.entity_id   1
_entity_poly.type   'polypeptide(L)'
_entity_poly.pdbx_seq_one_letter_code
;MSASDGQGMRAVILVGGFGTRLRPLTLTTPKPLVPFCNKPMIIHQIEALKAVGVTEVILAVAYRPEAMKEQMDEWSRKLG
VSFVFSVEEEPLGTAGPLALARDILMQDDKPFFVLNSDVTCTFPMQELLDFHKAHGGEGTIMVSQVTQWEKYGVVVYSPQ
NYQIERFVEKPSRFLGDRINAGIYIFNKSILDRIPPRRASIEKEIFPAMAAEGQLYAFNLEGFWMDVGQPKDYILGMTKF
IPSLVHGNRETEQLHTEAVEHQRGGRFTVIGASLIDPSAKIGDGAVIGPYASIGANCVIGESCRIDNAAILENSKVGKGT
MVSRSIVGWNNRIGSWCHIKDISVLGDDVEVKDGVILIGTKVLPNKDVGEHRFEPGIIM
;
_entity_poly.pdbx_strand_id   A,B,C,D,E,F
#
loop_
_chem_comp.id
_chem_comp.type
_chem_comp.name
_chem_comp.formula
GDD non-polymer GUANOSINE-5'-DIPHOSPHATE-ALPHA-D-MANNOSE 'C16 H25 N5 O16 P2'
MG non-polymer 'MAGNESIUM ION' 'Mg 2'
#
# COMPACT_ATOMS: atom_id res chain seq x y z
N MET A 9 50.81 11.07 29.06
CA MET A 9 50.51 11.54 30.40
C MET A 9 49.06 11.99 30.51
N ARG A 10 48.51 12.49 29.40
CA ARG A 10 47.15 13.00 29.38
C ARG A 10 46.46 12.53 28.10
N ALA A 11 45.13 12.54 28.14
CA ALA A 11 44.31 12.13 27.01
C ALA A 11 43.14 13.08 26.85
N VAL A 12 42.59 13.14 25.64
CA VAL A 12 41.47 14.00 25.32
C VAL A 12 40.36 13.10 24.81
N ILE A 13 39.40 12.78 25.66
CA ILE A 13 38.26 11.97 25.28
C ILE A 13 37.13 12.91 24.89
N LEU A 14 36.85 13.01 23.60
CA LEU A 14 35.78 13.86 23.10
C LEU A 14 34.44 13.29 23.53
N VAL A 15 33.72 14.01 24.38
CA VAL A 15 32.44 13.57 24.91
C VAL A 15 31.31 14.54 24.58
N GLY A 16 31.61 15.70 24.01
CA GLY A 16 30.58 16.66 23.66
C GLY A 16 29.92 16.34 22.34
N GLY A 17 28.67 15.89 22.38
CA GLY A 17 27.94 15.55 21.18
C GLY A 17 26.52 15.14 21.47
N PHE A 18 25.59 15.49 20.58
CA PHE A 18 24.17 15.26 20.83
C PHE A 18 23.78 13.79 20.78
N GLY A 19 24.58 12.95 20.12
CA GLY A 19 24.25 11.54 20.01
C GLY A 19 22.96 11.32 19.24
N THR A 20 22.83 12.00 18.09
CA THR A 20 21.59 11.94 17.32
C THR A 20 21.31 10.53 16.81
N ARG A 21 22.35 9.74 16.54
CA ARG A 21 22.11 8.40 16.00
C ARG A 21 21.54 7.46 17.04
N LEU A 22 22.09 7.50 18.26
CA LEU A 22 21.55 6.71 19.38
C LEU A 22 20.52 7.51 20.15
N ARG A 23 19.54 8.06 19.44
CA ARG A 23 18.66 9.08 20.03
C ARG A 23 17.79 8.56 21.17
N PRO A 24 17.09 7.43 21.04
CA PRO A 24 16.15 7.06 22.13
C PRO A 24 16.82 6.88 23.48
N LEU A 25 18.06 6.43 23.52
CA LEU A 25 18.77 6.29 24.79
C LEU A 25 19.52 7.55 25.20
N THR A 26 19.89 8.41 24.25
CA THR A 26 20.66 9.61 24.56
C THR A 26 19.79 10.81 24.90
N LEU A 27 18.47 10.65 24.94
CA LEU A 27 17.61 11.72 25.43
C LEU A 27 17.68 11.85 26.95
N THR A 28 18.19 10.85 27.63
CA THR A 28 18.32 10.85 29.09
C THR A 28 19.76 11.06 29.54
N THR A 29 20.72 10.35 28.95
CA THR A 29 22.11 10.45 29.30
C THR A 29 22.95 10.67 28.05
N PRO A 30 24.09 11.33 28.16
CA PRO A 30 24.95 11.52 26.98
C PRO A 30 25.46 10.19 26.46
N LYS A 31 25.75 10.16 25.16
CA LYS A 31 26.26 8.94 24.53
C LYS A 31 27.49 8.35 25.21
N PRO A 32 28.46 9.12 25.70
CA PRO A 32 29.56 8.50 26.45
C PRO A 32 29.10 7.70 27.65
N LEU A 33 28.00 8.07 28.29
CA LEU A 33 27.58 7.46 29.54
C LEU A 33 26.52 6.39 29.36
N VAL A 34 26.09 6.09 28.15
CA VAL A 34 25.15 4.99 27.96
C VAL A 34 25.93 3.69 28.06
N PRO A 35 25.56 2.78 28.95
CA PRO A 35 26.35 1.56 29.14
C PRO A 35 26.41 0.72 27.87
N PHE A 36 27.58 0.11 27.63
CA PHE A 36 27.77 -0.74 26.47
C PHE A 36 27.38 -2.18 26.78
N CYS A 37 28.07 -2.80 27.75
CA CYS A 37 27.70 -4.13 28.22
C CYS A 37 27.23 -4.11 29.66
N ASN A 38 28.10 -3.70 30.60
CA ASN A 38 27.73 -3.48 31.98
C ASN A 38 28.25 -2.17 32.54
N LYS A 39 29.14 -1.49 31.83
CA LYS A 39 29.77 -0.25 32.27
C LYS A 39 29.52 0.84 31.23
N PRO A 40 29.58 2.10 31.63
CA PRO A 40 29.38 3.19 30.67
C PRO A 40 30.36 3.11 29.52
N MET A 41 29.90 3.55 28.34
CA MET A 41 30.68 3.42 27.11
C MET A 41 32.05 4.08 27.22
N ILE A 42 32.17 5.12 28.04
CA ILE A 42 33.46 5.77 28.22
C ILE A 42 34.37 5.01 29.18
N ILE A 43 33.80 4.18 30.06
CA ILE A 43 34.59 3.55 31.12
C ILE A 43 35.60 2.57 30.54
N HIS A 44 35.27 1.89 29.44
CA HIS A 44 36.24 1.00 28.81
C HIS A 44 37.49 1.76 28.36
N GLN A 45 37.30 2.91 27.71
CA GLN A 45 38.43 3.70 27.26
C GLN A 45 39.24 4.24 28.44
N ILE A 46 38.55 4.69 29.49
CA ILE A 46 39.26 5.20 30.66
C ILE A 46 40.05 4.10 31.33
N GLU A 47 39.51 2.88 31.37
CA GLU A 47 40.24 1.75 31.95
C GLU A 47 41.46 1.39 31.10
N ALA A 48 41.32 1.42 29.78
CA ALA A 48 42.49 1.17 28.93
C ALA A 48 43.56 2.24 29.13
N LEU A 49 43.14 3.51 29.25
CA LEU A 49 44.10 4.57 29.50
C LEU A 49 44.75 4.42 30.87
N LYS A 50 44.00 3.94 31.86
CA LYS A 50 44.60 3.64 33.16
C LYS A 50 45.62 2.51 33.05
N ALA A 51 45.33 1.53 32.19
CA ALA A 51 46.29 0.45 31.95
C ALA A 51 47.58 0.99 31.34
N VAL A 52 47.46 1.90 30.37
CA VAL A 52 48.64 2.56 29.83
C VAL A 52 49.04 3.65 30.81
N GLY A 53 50.22 4.25 30.62
CA GLY A 53 50.73 5.20 31.58
C GLY A 53 50.21 6.63 31.45
N VAL A 54 48.95 6.87 31.80
CA VAL A 54 48.42 8.21 31.94
C VAL A 54 47.62 8.29 33.23
N THR A 55 47.47 9.51 33.73
CA THR A 55 46.77 9.73 34.99
C THR A 55 45.61 10.70 34.89
N GLU A 56 45.74 11.77 34.11
CA GLU A 56 44.71 12.80 34.00
C GLU A 56 44.06 12.74 32.63
N VAL A 57 42.72 12.70 32.61
CA VAL A 57 41.94 12.72 31.39
C VAL A 57 41.08 13.98 31.39
N ILE A 58 41.14 14.74 30.30
CA ILE A 58 40.33 15.93 30.13
C ILE A 58 39.16 15.60 29.22
N LEU A 59 37.96 16.01 29.62
CA LEU A 59 36.74 15.73 28.87
C LEU A 59 36.17 17.03 28.32
N ALA A 60 35.86 17.04 27.03
CA ALA A 60 35.26 18.20 26.38
C ALA A 60 33.78 17.92 26.23
N VAL A 61 33.01 18.25 27.25
CA VAL A 61 31.58 17.96 27.30
C VAL A 61 30.79 19.19 26.85
N ALA A 62 29.89 18.99 25.90
CA ALA A 62 29.06 20.06 25.36
C ALA A 62 27.58 19.80 25.50
N TYR A 63 27.12 18.59 25.14
CA TYR A 63 25.69 18.33 25.06
C TYR A 63 25.01 18.42 26.42
N ARG A 64 25.63 17.86 27.46
CA ARG A 64 25.02 17.83 28.79
C ARG A 64 26.13 17.88 29.82
N PRO A 65 26.37 19.05 30.43
CA PRO A 65 27.38 19.15 31.49
C PRO A 65 26.96 18.53 32.82
N GLU A 66 25.83 17.82 32.86
CA GLU A 66 25.37 17.15 34.07
C GLU A 66 25.96 15.76 34.23
N ALA A 67 26.82 15.33 33.32
CA ALA A 67 27.57 14.09 33.48
C ALA A 67 28.64 14.20 34.55
N MET A 68 28.83 15.39 35.13
CA MET A 68 29.86 15.59 36.13
C MET A 68 29.63 14.71 37.35
N LYS A 69 28.38 14.58 37.80
CA LYS A 69 28.10 13.77 38.98
C LYS A 69 28.43 12.31 38.74
N GLU A 70 28.05 11.78 37.58
CA GLU A 70 28.36 10.39 37.28
C GLU A 70 29.86 10.18 37.14
N GLN A 71 30.56 11.13 36.52
CA GLN A 71 32.01 11.02 36.40
C GLN A 71 32.68 11.05 37.77
N MET A 72 32.20 11.93 38.67
CA MET A 72 32.72 11.94 40.04
C MET A 72 32.44 10.63 40.75
N ASP A 73 31.29 10.00 40.47
CA ASP A 73 31.04 8.67 41.00
C ASP A 73 32.06 7.68 40.47
N GLU A 74 32.43 7.80 39.20
CA GLU A 74 33.46 6.95 38.61
C GLU A 74 34.86 7.51 38.77
N TRP A 75 35.01 8.65 39.46
CA TRP A 75 36.30 9.30 39.66
C TRP A 75 37.14 8.61 40.72
N SER A 76 36.55 7.71 41.52
CA SER A 76 37.26 7.13 42.65
C SER A 76 38.51 6.39 42.23
N ARG A 77 38.53 5.85 41.01
CA ARG A 77 39.66 5.04 40.57
C ARG A 77 40.72 5.83 39.82
N LYS A 78 40.34 6.89 39.10
CA LYS A 78 41.27 7.62 38.26
C LYS A 78 40.92 9.10 38.27
N LEU A 79 41.94 9.94 38.10
CA LEU A 79 41.79 11.39 38.20
C LEU A 79 41.30 11.94 36.87
N GLY A 80 40.00 11.77 36.63
CA GLY A 80 39.37 12.31 35.44
C GLY A 80 38.51 13.52 35.77
N VAL A 81 39.02 14.37 36.68
CA VAL A 81 38.24 15.49 37.20
C VAL A 81 38.12 16.65 36.22
N SER A 82 38.99 16.71 35.22
CA SER A 82 39.01 17.87 34.32
C SER A 82 37.72 17.94 33.51
N PHE A 83 37.19 19.16 33.40
CA PHE A 83 35.94 19.41 32.68
C PHE A 83 35.96 20.84 32.17
N VAL A 84 35.84 21.00 30.85
CA VAL A 84 35.90 22.32 30.22
C VAL A 84 34.76 22.45 29.22
N PHE A 85 34.12 23.62 29.22
CA PHE A 85 33.09 23.96 28.24
C PHE A 85 32.80 25.45 28.33
N SER A 86 32.70 26.09 27.16
CA SER A 86 32.28 27.48 27.06
C SER A 86 31.03 27.67 26.21
N VAL A 87 31.01 27.09 25.02
CA VAL A 87 29.87 27.21 24.12
C VAL A 87 29.96 26.06 23.12
N GLU A 88 28.81 25.67 22.55
CA GLU A 88 28.77 24.55 21.63
C GLU A 88 29.59 24.88 20.38
N GLU A 89 30.66 24.09 20.15
CA GLU A 89 31.51 24.25 18.98
C GLU A 89 31.16 23.22 17.91
N GLU A 90 31.27 21.93 18.24
CA GLU A 90 31.00 20.84 17.31
C GLU A 90 30.97 19.52 18.05
N PRO A 91 30.09 18.58 17.64
CA PRO A 91 30.21 17.21 18.20
C PRO A 91 31.57 16.60 17.95
N LEU A 92 32.16 16.84 16.78
CA LEU A 92 33.54 16.41 16.53
C LEU A 92 34.52 17.14 17.43
N GLY A 93 34.22 18.39 17.76
CA GLY A 93 34.98 19.12 18.76
C GLY A 93 36.46 19.27 18.43
N THR A 94 36.77 19.65 17.19
CA THR A 94 38.16 19.87 16.82
C THR A 94 38.77 20.98 17.67
N ALA A 95 38.00 22.04 17.94
CA ALA A 95 38.44 23.10 18.83
C ALA A 95 38.53 22.64 20.28
N GLY A 96 38.00 21.46 20.61
CA GLY A 96 38.06 20.92 21.94
C GLY A 96 39.47 20.94 22.53
N PRO A 97 40.39 20.20 21.91
CA PRO A 97 41.80 20.30 22.34
C PRO A 97 42.37 21.70 22.18
N LEU A 98 41.92 22.45 21.18
CA LEU A 98 42.44 23.79 20.96
C LEU A 98 41.90 24.78 21.99
N ALA A 99 40.65 24.60 22.43
CA ALA A 99 40.10 25.50 23.45
C ALA A 99 40.82 25.34 24.78
N LEU A 100 41.29 24.13 25.09
CA LEU A 100 42.02 23.87 26.33
C LEU A 100 43.49 23.60 26.04
N ALA A 101 44.03 24.23 24.99
CA ALA A 101 45.44 24.07 24.66
C ALA A 101 46.35 24.62 25.76
N ARG A 102 45.84 25.51 26.60
CA ARG A 102 46.67 26.11 27.65
C ARG A 102 47.02 25.08 28.72
N ASP A 103 46.02 24.31 29.16
CA ASP A 103 46.25 23.35 30.23
C ASP A 103 47.19 22.24 29.81
N ILE A 104 47.06 21.76 28.57
CA ILE A 104 47.88 20.64 28.13
C ILE A 104 49.35 21.04 28.03
N LEU A 105 49.62 22.28 27.63
CA LEU A 105 50.99 22.72 27.40
C LEU A 105 51.76 22.87 28.72
N MET A 106 51.25 23.71 29.62
CA MET A 106 52.03 24.10 30.79
C MET A 106 52.29 22.93 31.73
N GLN A 107 51.31 22.04 31.89
CA GLN A 107 51.50 20.92 32.80
C GLN A 107 52.56 19.95 32.30
N ASP A 108 52.47 19.52 31.05
CA ASP A 108 53.35 18.48 30.53
C ASP A 108 53.64 18.75 29.06
N ASP A 109 54.68 18.09 28.55
CA ASP A 109 55.05 18.16 27.15
C ASP A 109 54.92 16.82 26.44
N LYS A 110 54.55 15.76 27.15
CA LYS A 110 54.41 14.45 26.53
C LYS A 110 53.23 14.44 25.57
N PRO A 111 53.27 13.60 24.53
CA PRO A 111 52.14 13.51 23.60
C PRO A 111 50.86 13.09 24.30
N PHE A 112 49.75 13.63 23.82
CA PHE A 112 48.45 13.42 24.43
C PHE A 112 47.54 12.63 23.50
N PHE A 113 46.82 11.67 24.08
CA PHE A 113 45.89 10.86 23.32
C PHE A 113 44.62 11.65 23.01
N VAL A 114 43.99 11.32 21.89
CA VAL A 114 42.68 11.82 21.52
C VAL A 114 41.82 10.64 21.12
N LEU A 115 40.66 10.49 21.75
CA LEU A 115 39.80 9.35 21.53
C LEU A 115 38.36 9.79 21.34
N ASN A 116 37.64 9.06 20.50
CA ASN A 116 36.20 9.18 20.45
C ASN A 116 35.58 8.43 21.65
N SER A 117 34.41 8.88 22.06
CA SER A 117 33.71 8.25 23.18
C SER A 117 32.75 7.16 22.74
N ASP A 118 32.67 6.88 21.44
CA ASP A 118 31.75 5.87 20.91
C ASP A 118 32.50 4.80 20.14
N VAL A 119 33.75 4.57 20.47
CA VAL A 119 34.59 3.58 19.79
C VAL A 119 34.94 2.47 20.77
N THR A 120 34.77 1.22 20.33
CA THR A 120 35.18 0.06 21.09
C THR A 120 36.06 -0.82 20.23
N CYS A 121 37.14 -1.32 20.80
CA CYS A 121 38.10 -2.16 20.10
C CYS A 121 38.98 -2.84 21.13
N THR A 122 40.05 -3.49 20.68
CA THR A 122 40.98 -4.15 21.58
C THR A 122 41.69 -3.14 22.49
N PHE A 123 41.81 -1.88 22.05
CA PHE A 123 42.45 -0.81 22.80
C PHE A 123 43.89 -1.19 23.10
N PRO A 124 44.77 -1.20 22.09
CA PRO A 124 46.17 -1.60 22.33
C PRO A 124 46.86 -0.72 23.36
N MET A 125 46.92 0.59 23.10
CA MET A 125 47.62 1.54 23.96
C MET A 125 49.02 1.03 24.28
N GLN A 126 49.70 0.56 23.24
CA GLN A 126 50.96 -0.16 23.42
C GLN A 126 52.01 0.73 24.05
N GLU A 127 52.85 0.13 24.89
CA GLU A 127 53.98 0.84 25.48
C GLU A 127 55.09 1.09 24.46
N LEU A 128 54.89 0.58 23.26
CA LEU A 128 55.84 0.80 22.17
C LEU A 128 55.72 2.20 21.69
N LEU A 129 56.82 2.71 21.20
CA LEU A 129 56.84 4.07 20.77
C LEU A 129 55.95 4.45 19.60
N ASP A 130 55.83 3.58 18.61
CA ASP A 130 55.15 3.97 17.39
C ASP A 130 55.90 5.20 16.99
N PHE A 131 57.22 5.08 16.92
CA PHE A 131 58.06 6.20 16.51
C PHE A 131 58.36 6.19 15.03
N HIS A 132 57.67 5.35 14.27
CA HIS A 132 57.75 5.45 12.81
C HIS A 132 56.92 6.71 12.50
N LYS A 133 55.76 6.87 13.15
CA LYS A 133 54.90 8.06 13.03
C LYS A 133 53.93 7.80 14.19
N ALA A 134 53.21 8.79 14.73
CA ALA A 134 52.33 8.46 15.88
C ALA A 134 50.87 8.00 15.63
N HIS A 135 50.02 8.74 14.91
CA HIS A 135 48.67 8.22 14.68
C HIS A 135 48.62 7.00 13.78
N GLY A 136 49.41 6.96 12.69
CA GLY A 136 49.39 5.85 11.71
C GLY A 136 49.46 4.39 12.16
N GLY A 137 50.50 4.03 12.91
CA GLY A 137 50.51 2.68 13.45
C GLY A 137 49.26 2.35 14.26
N GLU A 138 48.84 3.27 15.11
CA GLU A 138 47.63 3.08 15.90
C GLU A 138 46.42 3.50 15.06
N GLY A 139 45.25 3.56 15.68
CA GLY A 139 44.05 3.88 14.94
C GLY A 139 43.81 2.85 13.85
N THR A 140 43.60 3.30 12.62
CA THR A 140 43.41 2.35 11.55
C THR A 140 44.72 1.63 11.26
N ILE A 141 44.98 0.47 11.89
CA ILE A 141 46.28 -0.17 11.65
C ILE A 141 46.37 -0.60 10.21
N MET A 142 47.56 -0.52 9.66
CA MET A 142 47.72 -1.00 8.33
C MET A 142 47.66 -2.49 8.48
N VAL A 143 46.84 -3.15 7.68
CA VAL A 143 46.76 -4.61 7.74
C VAL A 143 46.85 -5.24 6.37
N VAL A 146 38.12 0.01 10.53
CA VAL A 146 39.14 -0.40 9.56
C VAL A 146 38.69 -1.68 8.86
N THR A 147 38.93 -1.75 7.54
CA THR A 147 38.53 -2.88 6.71
C THR A 147 37.04 -3.15 6.82
N GLN A 148 36.24 -2.12 6.54
CA GLN A 148 34.79 -2.23 6.63
C GLN A 148 34.18 -1.29 5.60
N TRP A 149 32.90 -1.00 5.76
CA TRP A 149 32.19 -0.15 4.81
C TRP A 149 32.79 1.24 4.73
N GLU A 150 32.71 1.85 3.56
CA GLU A 150 33.18 3.21 3.34
C GLU A 150 32.09 4.25 3.53
N LYS A 151 30.88 3.83 3.89
CA LYS A 151 29.78 4.78 4.03
C LYS A 151 30.04 5.77 5.16
N TYR A 152 30.55 5.30 6.29
CA TYR A 152 30.87 6.14 7.43
C TYR A 152 32.36 6.14 7.69
N GLY A 153 32.82 7.20 8.34
CA GLY A 153 34.23 7.35 8.64
C GLY A 153 35.05 7.72 7.41
N VAL A 154 36.20 8.33 7.65
CA VAL A 154 37.06 8.78 6.58
C VAL A 154 37.80 7.59 5.97
N VAL A 155 37.85 7.56 4.65
CA VAL A 155 38.71 6.62 3.95
C VAL A 155 40.15 7.12 4.04
N VAL A 156 41.05 6.27 4.52
CA VAL A 156 42.45 6.61 4.69
C VAL A 156 43.26 5.74 3.74
N TYR A 157 44.01 6.38 2.84
CA TYR A 157 44.85 5.68 1.88
C TYR A 157 46.27 5.63 2.44
N SER A 158 46.64 4.47 2.99
CA SER A 158 47.93 4.28 3.64
C SER A 158 48.75 3.23 2.89
N PRO A 159 49.86 3.59 2.27
CA PRO A 159 50.73 2.56 1.68
C PRO A 159 51.50 1.80 2.74
N GLN A 160 52.41 0.91 2.31
CA GLN A 160 53.18 0.11 3.25
C GLN A 160 54.22 0.93 4.01
N ASN A 161 54.44 2.19 3.63
CA ASN A 161 55.43 3.04 4.29
C ASN A 161 54.81 4.00 5.30
N TYR A 162 53.54 3.78 5.66
CA TYR A 162 52.85 4.52 6.72
C TYR A 162 52.77 6.02 6.40
N GLN A 163 52.07 6.33 5.31
CA GLN A 163 51.77 7.71 4.95
C GLN A 163 50.27 7.85 4.73
N ILE A 164 49.77 9.08 4.93
CA ILE A 164 48.39 9.43 4.64
C ILE A 164 48.39 10.54 3.61
N GLU A 165 47.68 10.32 2.51
CA GLU A 165 47.63 11.27 1.41
C GLU A 165 46.26 11.91 1.24
N ARG A 166 45.19 11.13 1.30
CA ARG A 166 43.84 11.62 1.12
C ARG A 166 43.04 11.45 2.41
N PHE A 167 42.13 12.38 2.67
CA PHE A 167 41.34 12.39 3.89
C PHE A 167 39.98 13.01 3.55
N VAL A 168 39.01 12.16 3.21
CA VAL A 168 37.67 12.58 2.83
C VAL A 168 36.69 12.00 3.85
N GLU A 169 35.96 12.89 4.54
CA GLU A 169 35.18 12.48 5.70
C GLU A 169 34.08 11.49 5.33
N LYS A 170 33.25 11.85 4.34
CA LYS A 170 32.13 11.01 3.90
C LYS A 170 32.14 10.93 2.38
N PRO A 171 33.03 10.14 1.81
CA PRO A 171 33.05 10.00 0.34
C PRO A 171 31.78 9.32 -0.16
N SER A 172 31.40 9.70 -1.38
CA SER A 172 30.22 9.09 -2.00
C SER A 172 30.52 7.67 -2.44
N ARG A 173 31.47 7.49 -3.36
CA ARG A 173 31.93 6.16 -3.77
C ARG A 173 33.40 6.28 -4.15
N PHE A 174 34.27 6.05 -3.18
CA PHE A 174 35.72 6.15 -3.36
C PHE A 174 36.46 4.86 -3.02
N LEU A 175 35.75 3.78 -2.71
CA LEU A 175 36.35 2.52 -2.27
C LEU A 175 37.20 2.82 -1.03
N GLY A 176 38.32 2.12 -0.87
CA GLY A 176 39.17 2.36 0.28
C GLY A 176 38.54 1.87 1.57
N ASP A 177 38.47 0.55 1.74
CA ASP A 177 37.79 -0.02 2.90
C ASP A 177 38.43 0.40 4.22
N ARG A 178 39.68 0.87 4.19
CA ARG A 178 40.34 1.28 5.42
C ARG A 178 39.75 2.60 5.93
N ILE A 179 39.35 2.61 7.20
CA ILE A 179 38.86 3.81 7.87
C ILE A 179 39.56 3.93 9.21
N ASN A 180 39.57 5.15 9.74
CA ASN A 180 40.24 5.40 11.01
C ASN A 180 39.49 4.71 12.14
N ALA A 181 40.24 4.21 13.12
CA ALA A 181 39.60 3.58 14.27
C ALA A 181 38.93 4.59 15.16
N GLY A 182 39.48 5.80 15.26
CA GLY A 182 38.97 6.82 16.16
C GLY A 182 39.87 7.14 17.32
N ILE A 183 40.98 6.44 17.48
CA ILE A 183 41.96 6.72 18.53
C ILE A 183 43.11 7.49 17.89
N TYR A 184 43.37 8.69 18.40
CA TYR A 184 44.41 9.56 17.87
C TYR A 184 45.43 9.87 18.95
N ILE A 185 46.69 10.01 18.54
CA ILE A 185 47.75 10.49 19.41
C ILE A 185 48.46 11.64 18.71
N PHE A 186 48.61 12.75 19.41
CA PHE A 186 49.16 13.97 18.83
C PHE A 186 50.25 14.53 19.73
N ASN A 187 51.18 15.25 19.12
CA ASN A 187 52.21 15.97 19.85
C ASN A 187 51.69 17.37 20.19
N LYS A 188 52.50 18.13 20.93
CA LYS A 188 52.09 19.47 21.34
C LYS A 188 52.02 20.46 20.18
N SER A 189 52.53 20.10 19.00
CA SER A 189 52.48 21.01 17.87
C SER A 189 51.08 21.07 17.26
N ILE A 190 50.31 19.98 17.33
CA ILE A 190 48.99 19.94 16.71
C ILE A 190 48.06 20.94 17.37
N LEU A 191 48.04 20.99 18.70
CA LEU A 191 47.17 21.92 19.39
C LEU A 191 47.60 23.37 19.13
N ASP A 192 48.87 23.59 18.82
CA ASP A 192 49.37 24.92 18.48
C ASP A 192 49.44 25.16 16.98
N ARG A 193 49.02 24.19 16.16
CA ARG A 193 49.13 24.35 14.70
C ARG A 193 47.98 25.18 14.15
N ILE A 194 46.75 24.68 14.27
CA ILE A 194 45.58 25.34 13.72
C ILE A 194 44.52 25.45 14.81
N PRO A 195 44.60 26.47 15.67
CA PRO A 195 43.50 26.74 16.61
C PRO A 195 42.54 27.78 16.06
N PRO A 196 41.65 27.43 15.14
CA PRO A 196 40.84 28.45 14.45
C PRO A 196 39.82 29.13 15.35
N ARG A 197 39.64 28.68 16.59
CA ARG A 197 38.70 29.23 17.57
C ARG A 197 37.23 29.01 17.21
N ARG A 198 36.93 28.15 16.25
CA ARG A 198 35.55 27.87 15.89
C ARG A 198 35.44 26.43 15.39
N ALA A 199 34.22 26.07 14.96
CA ALA A 199 33.95 24.70 14.54
C ALA A 199 34.79 24.31 13.33
N SER A 200 35.29 23.08 13.35
CA SER A 200 36.07 22.53 12.25
C SER A 200 36.06 21.02 12.37
N ILE A 201 36.46 20.35 11.29
CA ILE A 201 36.43 18.89 11.25
C ILE A 201 37.84 18.31 11.31
N GLU A 202 38.35 18.10 12.51
CA GLU A 202 39.57 17.33 12.79
C GLU A 202 40.83 17.99 12.25
N LYS A 203 40.67 19.06 11.48
CA LYS A 203 41.78 19.85 10.91
C LYS A 203 42.96 18.97 10.50
N GLU A 204 42.67 17.93 9.73
CA GLU A 204 43.69 16.98 9.30
C GLU A 204 44.44 17.56 8.11
N ILE A 205 45.71 17.90 8.32
CA ILE A 205 46.55 18.49 7.28
C ILE A 205 47.62 17.46 6.93
N PHE A 206 47.27 16.18 7.06
CA PHE A 206 48.20 15.11 6.69
C PHE A 206 48.69 15.19 5.25
N PRO A 207 47.94 15.69 4.26
CA PRO A 207 48.54 15.87 2.92
C PRO A 207 49.78 16.75 2.92
N ALA A 208 50.03 17.50 3.98
CA ALA A 208 51.29 18.25 4.06
C ALA A 208 52.45 17.39 4.57
N MET A 209 52.26 16.62 5.64
CA MET A 209 53.38 15.85 6.25
C MET A 209 53.28 14.33 6.26
N ALA A 210 54.33 13.65 5.82
CA ALA A 210 54.36 12.17 5.84
C ALA A 210 54.49 11.36 7.17
N ALA A 211 55.35 11.76 8.10
CA ALA A 211 55.54 10.94 9.32
C ALA A 211 56.07 11.54 10.64
N GLU A 212 55.60 11.05 11.80
CA GLU A 212 56.10 11.47 13.15
C GLU A 212 55.55 12.77 13.71
N GLY A 213 54.88 13.56 12.87
CA GLY A 213 54.27 14.80 13.32
C GLY A 213 53.07 14.62 14.20
N GLN A 214 52.27 13.60 13.92
CA GLN A 214 51.04 13.40 14.64
C GLN A 214 50.46 12.03 14.39
N LEU A 220 45.26 -1.48 15.14
CA LEU A 220 44.16 -2.27 15.62
C LEU A 220 43.97 -3.59 14.97
N GLU A 221 44.76 -4.56 15.38
CA GLU A 221 44.50 -5.89 14.92
C GLU A 221 43.59 -6.54 15.91
N GLY A 222 42.29 -6.42 15.72
CA GLY A 222 41.34 -6.93 16.68
C GLY A 222 39.99 -6.46 16.19
N PHE A 223 38.97 -6.53 17.02
CA PHE A 223 37.67 -6.13 16.61
C PHE A 223 37.64 -4.67 16.68
N TRP A 224 36.78 -4.05 15.91
CA TRP A 224 36.63 -2.63 16.05
C TRP A 224 35.28 -2.39 15.60
N MET A 225 34.58 -1.52 16.29
CA MET A 225 33.24 -1.13 15.90
C MET A 225 32.93 0.26 16.46
N ASP A 226 32.35 1.11 15.61
CA ASP A 226 31.88 2.43 16.02
C ASP A 226 30.52 2.25 16.66
N VAL A 227 30.48 2.17 17.99
CA VAL A 227 29.25 1.86 18.72
C VAL A 227 28.55 3.20 18.96
N GLY A 228 27.80 3.62 17.95
CA GLY A 228 27.05 4.87 18.03
C GLY A 228 25.68 4.78 17.39
N GLN A 229 25.34 3.61 16.87
CA GLN A 229 24.04 3.34 16.27
C GLN A 229 23.46 2.07 16.87
N PRO A 230 22.14 1.94 16.88
CA PRO A 230 21.53 0.74 17.49
C PRO A 230 22.02 -0.56 16.88
N LYS A 231 21.94 -0.70 15.55
CA LYS A 231 22.45 -1.91 14.91
C LYS A 231 23.96 -2.02 15.10
N ASP A 232 24.67 -0.90 15.03
CA ASP A 232 26.10 -0.90 15.31
C ASP A 232 26.35 -1.26 16.77
N TYR A 233 25.49 -0.80 17.67
CA TYR A 233 25.61 -1.18 19.08
C TYR A 233 25.51 -2.69 19.25
N ILE A 234 24.50 -3.29 18.61
CA ILE A 234 24.30 -4.73 18.75
C ILE A 234 25.47 -5.51 18.17
N LEU A 235 25.91 -5.11 16.96
CA LEU A 235 27.01 -5.83 16.32
C LEU A 235 28.31 -5.65 17.09
N GLY A 236 28.55 -4.45 17.63
CA GLY A 236 29.73 -4.23 18.43
C GLY A 236 29.72 -5.04 19.72
N MET A 237 28.55 -5.19 20.34
CA MET A 237 28.45 -6.06 21.50
C MET A 237 28.74 -7.50 21.11
N THR A 238 28.21 -7.95 19.98
CA THR A 238 28.44 -9.30 19.50
C THR A 238 29.93 -9.56 19.28
N LYS A 239 30.65 -8.58 18.75
CA LYS A 239 32.09 -8.75 18.55
C LYS A 239 32.87 -8.61 19.86
N PHE A 240 32.42 -7.74 20.77
CA PHE A 240 33.20 -7.41 21.95
C PHE A 240 33.12 -8.50 23.02
N ILE A 241 31.95 -9.12 23.18
CA ILE A 241 31.77 -10.07 24.29
C ILE A 241 32.75 -11.25 24.22
N PRO A 242 32.96 -11.92 23.09
CA PRO A 242 33.92 -13.03 23.07
C PRO A 242 35.33 -12.62 23.47
N SER A 243 35.77 -11.41 23.11
CA SER A 243 37.11 -10.97 23.44
C SER A 243 37.29 -10.66 24.91
N LEU A 244 36.20 -10.51 25.67
CA LEU A 244 36.27 -10.19 27.08
C LEU A 244 36.32 -11.41 27.98
N VAL A 245 36.17 -12.62 27.41
CA VAL A 245 36.11 -13.83 28.22
C VAL A 245 37.44 -14.11 28.94
N HIS A 246 38.53 -13.49 28.50
CA HIS A 246 39.83 -13.77 29.09
C HIS A 246 40.03 -13.10 30.45
N GLY A 247 39.46 -11.92 30.66
CA GLY A 247 39.82 -11.14 31.83
C GLY A 247 38.75 -10.89 32.87
N ASN A 248 37.49 -10.80 32.46
CA ASN A 248 36.39 -10.44 33.36
C ASN A 248 35.68 -11.70 33.82
N ARG A 249 35.83 -12.03 35.10
CA ARG A 249 35.22 -13.17 35.76
C ARG A 249 35.61 -14.51 35.12
N GLU A 250 36.60 -14.50 34.24
CA GLU A 250 37.07 -15.71 33.56
C GLU A 250 35.95 -16.48 32.87
N HIS A 255 29.01 -24.35 33.87
CA HIS A 255 29.22 -22.96 34.27
C HIS A 255 30.30 -22.31 33.41
N THR A 256 30.88 -23.10 32.50
CA THR A 256 31.95 -22.63 31.63
C THR A 256 31.43 -22.10 30.29
N GLU A 257 30.12 -22.14 30.06
CA GLU A 257 29.60 -21.70 28.77
C GLU A 257 29.66 -20.19 28.63
N ALA A 258 29.37 -19.45 29.69
CA ALA A 258 29.35 -18.00 29.65
C ALA A 258 30.05 -17.43 30.88
N VAL A 259 30.07 -16.10 30.98
CA VAL A 259 30.67 -15.45 32.13
C VAL A 259 29.88 -15.76 33.40
N GLU A 260 28.55 -15.70 33.31
CA GLU A 260 27.67 -16.01 34.44
C GLU A 260 26.69 -17.08 34.01
N HIS A 261 26.55 -18.13 34.82
CA HIS A 261 25.66 -19.24 34.51
C HIS A 261 24.76 -19.66 35.65
N GLN A 262 24.93 -19.09 36.86
CA GLN A 262 24.07 -19.45 37.98
C GLN A 262 23.93 -18.21 38.87
N ARG A 263 22.85 -17.47 38.67
CA ARG A 263 22.56 -16.30 39.49
C ARG A 263 21.17 -16.35 40.11
N GLY A 264 20.20 -16.94 39.42
CA GLY A 264 18.86 -17.10 39.98
C GLY A 264 18.20 -18.38 39.53
N GLY A 265 17.78 -19.20 40.50
CA GLY A 265 17.16 -20.47 40.16
C GLY A 265 18.09 -21.34 39.35
N ARG A 266 17.62 -21.81 38.20
CA ARG A 266 18.42 -22.63 37.29
C ARG A 266 18.03 -22.27 35.86
N PHE A 267 18.93 -21.60 35.15
CA PHE A 267 18.71 -21.19 33.78
C PHE A 267 19.84 -21.72 32.91
N THR A 268 19.59 -21.75 31.61
CA THR A 268 20.57 -22.22 30.63
C THR A 268 21.05 -21.05 29.78
N VAL A 269 22.31 -21.11 29.37
CA VAL A 269 22.95 -20.06 28.58
C VAL A 269 23.49 -20.67 27.30
N ILE A 270 23.22 -20.03 26.18
CA ILE A 270 23.77 -20.41 24.89
C ILE A 270 24.81 -19.36 24.49
N GLY A 271 26.06 -19.79 24.36
CA GLY A 271 27.13 -18.86 24.05
C GLY A 271 27.54 -18.05 25.27
N ALA A 272 28.39 -17.06 25.01
CA ALA A 272 28.91 -16.19 26.05
C ALA A 272 27.99 -15.00 26.27
N SER A 273 27.90 -14.55 27.52
CA SER A 273 27.07 -13.42 27.88
C SER A 273 27.50 -12.89 29.24
N LEU A 274 27.22 -11.61 29.48
CA LEU A 274 27.51 -10.97 30.75
C LEU A 274 26.21 -10.78 31.53
N ILE A 275 26.20 -11.28 32.77
CA ILE A 275 25.07 -11.09 33.67
C ILE A 275 25.61 -10.52 34.97
N ASP A 276 25.16 -9.33 35.32
CA ASP A 276 25.63 -8.67 36.53
C ASP A 276 25.18 -9.48 37.75
N PRO A 277 26.08 -9.77 38.70
CA PRO A 277 25.69 -10.56 39.88
C PRO A 277 24.49 -10.01 40.64
N SER A 278 24.17 -8.74 40.45
CA SER A 278 23.00 -8.15 41.10
C SER A 278 21.69 -8.52 40.41
N ALA A 279 21.74 -9.11 39.21
CA ALA A 279 20.53 -9.45 38.49
C ALA A 279 19.90 -10.72 39.06
N LYS A 280 18.63 -10.93 38.72
CA LYS A 280 17.90 -12.13 39.09
C LYS A 280 17.29 -12.74 37.84
N ILE A 281 17.53 -14.02 37.62
CA ILE A 281 17.09 -14.74 36.43
C ILE A 281 16.09 -15.80 36.85
N GLY A 282 15.01 -15.94 36.07
CA GLY A 282 13.96 -16.89 36.39
C GLY A 282 14.34 -18.31 36.07
N ASP A 283 13.44 -19.23 36.40
CA ASP A 283 13.66 -20.66 36.21
C ASP A 283 13.38 -21.02 34.75
N GLY A 284 14.43 -21.33 34.00
CA GLY A 284 14.29 -21.77 32.63
C GLY A 284 14.57 -20.71 31.58
N ALA A 285 14.98 -19.52 31.98
CA ALA A 285 15.33 -18.49 31.00
C ALA A 285 16.54 -18.94 30.18
N VAL A 286 16.54 -18.53 28.91
CA VAL A 286 17.60 -18.92 27.97
C VAL A 286 18.32 -17.64 27.55
N ILE A 287 19.40 -17.32 28.26
CA ILE A 287 20.22 -16.16 27.91
C ILE A 287 21.00 -16.50 26.65
N GLY A 288 20.65 -15.87 25.54
CA GLY A 288 21.19 -16.22 24.25
C GLY A 288 22.61 -15.75 24.06
N PRO A 289 23.12 -15.90 22.83
CA PRO A 289 24.51 -15.53 22.55
C PRO A 289 24.69 -14.01 22.58
N TYR A 290 25.75 -13.58 23.28
CA TYR A 290 26.17 -12.18 23.30
C TYR A 290 25.05 -11.26 23.80
N ALA A 291 24.64 -11.48 25.05
CA ALA A 291 23.64 -10.66 25.69
C ALA A 291 24.20 -10.10 27.00
N SER A 292 23.70 -8.92 27.38
CA SER A 292 24.16 -8.26 28.59
C SER A 292 22.95 -7.92 29.46
N ILE A 293 23.04 -8.25 30.74
CA ILE A 293 21.99 -7.98 31.72
C ILE A 293 22.53 -7.03 32.76
N GLY A 294 21.85 -5.90 32.97
CA GLY A 294 22.33 -4.87 33.86
C GLY A 294 22.08 -5.16 35.32
N ALA A 295 22.57 -4.24 36.15
CA ALA A 295 22.42 -4.39 37.59
C ALA A 295 20.97 -4.26 38.01
N ASN A 296 20.58 -5.04 39.04
CA ASN A 296 19.25 -4.98 39.63
C ASN A 296 18.15 -5.39 38.67
N CYS A 297 18.52 -5.81 37.46
CA CYS A 297 17.53 -6.22 36.48
C CYS A 297 16.92 -7.57 36.86
N VAL A 298 15.64 -7.71 36.56
CA VAL A 298 14.89 -8.93 36.86
C VAL A 298 14.42 -9.54 35.55
N ILE A 299 14.71 -10.82 35.36
CA ILE A 299 14.35 -11.55 34.15
C ILE A 299 13.33 -12.62 34.52
N GLY A 300 12.25 -12.71 33.74
CA GLY A 300 11.17 -13.63 34.04
C GLY A 300 11.55 -15.10 33.96
N GLU A 301 10.55 -15.97 34.09
CA GLU A 301 10.83 -17.40 34.21
C GLU A 301 11.42 -17.96 32.92
N SER A 302 10.79 -17.70 31.78
CA SER A 302 11.16 -18.34 30.53
C SER A 302 11.46 -17.33 29.43
N CYS A 303 12.24 -16.31 29.76
CA CYS A 303 12.61 -15.31 28.76
C CYS A 303 13.67 -15.87 27.82
N ARG A 304 13.87 -15.14 26.71
CA ARG A 304 14.92 -15.44 25.76
C ARG A 304 15.63 -14.14 25.42
N ILE A 305 16.86 -13.99 25.91
CA ILE A 305 17.64 -12.77 25.70
C ILE A 305 18.66 -13.09 24.63
N ASP A 306 18.29 -12.85 23.37
CA ASP A 306 19.12 -13.21 22.22
C ASP A 306 19.77 -11.95 21.69
N ASN A 307 21.06 -11.76 21.99
CA ASN A 307 21.83 -10.62 21.50
C ASN A 307 21.17 -9.30 21.87
N ALA A 308 20.59 -9.25 23.07
CA ALA A 308 19.90 -8.07 23.54
C ALA A 308 20.59 -7.54 24.80
N ALA A 309 20.50 -6.24 25.00
CA ALA A 309 21.12 -5.57 26.15
C ALA A 309 20.03 -5.00 27.03
N ILE A 310 20.05 -5.36 28.31
CA ILE A 310 19.16 -4.80 29.31
C ILE A 310 20.00 -3.89 30.20
N LEU A 311 19.61 -2.60 30.26
CA LEU A 311 20.51 -1.60 30.81
C LEU A 311 20.57 -1.63 32.33
N GLU A 312 19.45 -1.35 33.00
CA GLU A 312 19.48 -1.27 34.45
C GLU A 312 18.06 -1.19 34.99
N ASN A 313 17.82 -1.83 36.13
CA ASN A 313 16.57 -1.75 36.88
C ASN A 313 15.36 -2.16 36.05
N SER A 314 15.57 -2.81 34.92
CA SER A 314 14.46 -3.21 34.07
C SER A 314 13.88 -4.54 34.53
N LYS A 315 12.56 -4.66 34.41
CA LYS A 315 11.85 -5.88 34.81
C LYS A 315 11.20 -6.50 33.58
N VAL A 316 11.27 -7.82 33.48
CA VAL A 316 10.81 -8.56 32.32
C VAL A 316 9.88 -9.67 32.77
N GLY A 317 8.76 -9.83 32.07
CA GLY A 317 7.75 -10.80 32.43
C GLY A 317 8.14 -12.22 32.01
N LYS A 318 7.16 -13.11 32.08
CA LYS A 318 7.38 -14.53 31.86
C LYS A 318 7.17 -14.87 30.38
N GLY A 319 8.25 -15.04 29.65
CA GLY A 319 8.19 -15.58 28.31
C GLY A 319 8.45 -14.62 27.17
N THR A 320 8.86 -13.39 27.45
CA THR A 320 9.21 -12.48 26.37
C THR A 320 10.47 -12.96 25.66
N MET A 321 10.61 -12.55 24.40
CA MET A 321 11.79 -12.86 23.61
C MET A 321 12.36 -11.54 23.10
N VAL A 322 13.18 -10.89 23.91
CA VAL A 322 13.86 -9.67 23.50
C VAL A 322 15.11 -10.07 22.72
N SER A 323 15.10 -9.82 21.41
CA SER A 323 16.13 -10.30 20.51
C SER A 323 16.70 -9.14 19.71
N ARG A 324 18.02 -8.98 19.77
CA ARG A 324 18.76 -8.01 18.97
C ARG A 324 18.30 -6.58 19.21
N SER A 325 17.66 -6.30 20.34
CA SER A 325 17.18 -4.95 20.64
C SER A 325 17.74 -4.52 22.00
N ILE A 326 17.49 -3.26 22.33
CA ILE A 326 18.03 -2.64 23.54
C ILE A 326 16.88 -2.21 24.43
N VAL A 327 16.95 -2.57 25.70
CA VAL A 327 15.92 -2.25 26.69
C VAL A 327 16.50 -1.24 27.67
N GLY A 328 15.91 -0.05 27.72
CA GLY A 328 16.48 1.06 28.45
C GLY A 328 16.34 0.94 29.95
N TRP A 329 16.84 1.95 30.65
CA TRP A 329 16.83 1.96 32.10
C TRP A 329 15.40 2.00 32.63
N ASN A 330 15.19 1.35 33.78
CA ASN A 330 13.95 1.44 34.54
C ASN A 330 12.73 1.03 33.71
N ASN A 331 12.92 0.13 32.75
CA ASN A 331 11.79 -0.34 31.96
C ASN A 331 10.97 -1.34 32.76
N ARG A 332 9.74 -1.57 32.29
CA ARG A 332 8.86 -2.60 32.85
C ARG A 332 8.21 -3.32 31.66
N ILE A 333 8.87 -4.38 31.21
CA ILE A 333 8.37 -5.13 30.06
C ILE A 333 7.27 -6.07 30.53
N GLY A 334 6.26 -6.24 29.69
CA GLY A 334 5.14 -7.10 30.02
C GLY A 334 5.53 -8.56 30.08
N SER A 335 4.51 -9.41 30.09
CA SER A 335 4.71 -10.83 30.33
C SER A 335 5.08 -11.60 29.08
N TRP A 336 4.36 -11.41 27.98
CA TRP A 336 4.54 -12.22 26.77
C TRP A 336 4.79 -11.33 25.55
N CYS A 337 5.71 -10.38 25.69
CA CYS A 337 6.02 -9.47 24.61
C CYS A 337 7.06 -10.08 23.66
N HIS A 338 7.24 -9.41 22.52
CA HIS A 338 8.27 -9.74 21.54
C HIS A 338 8.96 -8.43 21.13
N ILE A 339 10.02 -8.07 21.83
CA ILE A 339 10.82 -6.89 21.49
C ILE A 339 11.99 -7.40 20.66
N LYS A 340 11.80 -7.50 19.36
CA LYS A 340 12.79 -8.10 18.47
C LYS A 340 13.23 -7.09 17.42
N ASP A 341 14.06 -7.56 16.50
CA ASP A 341 14.68 -6.74 15.45
C ASP A 341 15.50 -5.65 16.16
N ILE A 342 15.70 -4.51 15.52
CA ILE A 342 16.46 -3.40 16.10
C ILE A 342 15.43 -2.41 16.62
N SER A 343 15.01 -2.59 17.88
CA SER A 343 13.97 -1.76 18.48
C SER A 343 14.49 -1.26 19.84
N VAL A 344 15.01 -0.05 19.86
CA VAL A 344 15.54 0.54 21.08
C VAL A 344 14.39 1.06 21.93
N LEU A 345 14.42 0.76 23.23
CA LEU A 345 13.44 1.25 24.17
C LEU A 345 14.08 2.29 25.08
N GLY A 346 13.39 3.41 25.28
CA GLY A 346 13.92 4.49 26.08
C GLY A 346 13.74 4.26 27.57
N ASP A 347 14.06 5.29 28.34
CA ASP A 347 13.95 5.22 29.78
C ASP A 347 12.50 5.13 30.22
N ASP A 348 12.23 4.29 31.22
CA ASP A 348 10.93 4.19 31.87
C ASP A 348 9.80 3.91 30.88
N VAL A 349 10.06 3.02 29.93
CA VAL A 349 9.03 2.60 28.99
C VAL A 349 8.38 1.32 29.49
N GLU A 350 7.06 1.34 29.59
CA GLU A 350 6.29 0.18 30.05
C GLU A 350 5.54 -0.42 28.87
N VAL A 351 5.65 -1.73 28.71
CA VAL A 351 5.03 -2.46 27.62
C VAL A 351 4.02 -3.43 28.20
N LYS A 352 2.79 -3.41 27.67
CA LYS A 352 1.75 -4.30 28.15
C LYS A 352 2.00 -5.72 27.65
N ASP A 353 1.25 -6.67 28.23
CA ASP A 353 1.41 -8.07 27.88
C ASP A 353 1.00 -8.33 26.44
N GLY A 354 1.76 -9.18 25.76
CA GLY A 354 1.43 -9.61 24.41
C GLY A 354 1.76 -8.62 23.32
N VAL A 355 2.41 -7.52 23.65
CA VAL A 355 2.73 -6.49 22.65
C VAL A 355 3.96 -6.91 21.87
N ILE A 356 3.87 -6.85 20.54
CA ILE A 356 4.97 -7.22 19.66
C ILE A 356 5.57 -5.95 19.07
N LEU A 357 6.82 -5.67 19.39
CA LEU A 357 7.55 -4.53 18.87
C LEU A 357 8.64 -5.04 17.95
N ILE A 358 8.65 -4.56 16.71
CA ILE A 358 9.62 -4.98 15.71
C ILE A 358 10.22 -3.72 15.10
N GLY A 359 11.41 -3.35 15.57
CA GLY A 359 12.12 -2.22 15.00
C GLY A 359 11.54 -0.87 15.34
N THR A 360 10.79 -0.75 16.43
CA THR A 360 10.16 0.50 16.82
C THR A 360 10.93 1.13 17.97
N LYS A 361 11.42 2.34 17.77
CA LYS A 361 12.10 3.08 18.82
C LYS A 361 11.07 3.82 19.66
N VAL A 362 11.17 3.69 20.97
CA VAL A 362 10.20 4.27 21.91
C VAL A 362 10.90 5.36 22.71
N LEU A 363 10.33 6.56 22.71
CA LEU A 363 10.88 7.65 23.48
C LEU A 363 10.62 7.43 24.98
N PRO A 364 11.39 8.08 25.85
CA PRO A 364 11.27 7.82 27.28
C PRO A 364 9.90 8.17 27.82
N ASN A 365 9.49 7.45 28.87
CA ASN A 365 8.24 7.69 29.59
C ASN A 365 7.03 7.52 28.66
N LYS A 366 6.89 6.31 28.13
CA LYS A 366 5.77 5.96 27.27
C LYS A 366 5.21 4.61 27.67
N ASP A 367 3.93 4.40 27.37
CA ASP A 367 3.26 3.14 27.58
C ASP A 367 2.84 2.59 26.22
N VAL A 368 3.24 1.37 25.90
CA VAL A 368 2.95 0.73 24.63
C VAL A 368 1.93 -0.37 24.88
N GLY A 369 0.83 -0.34 24.15
CA GLY A 369 -0.21 -1.33 24.30
C GLY A 369 -0.71 -1.89 22.99
N GLU A 370 -0.16 -1.41 21.88
CA GLU A 370 -0.58 -1.82 20.54
C GLU A 370 0.59 -2.44 19.79
N HIS A 371 0.28 -3.46 19.00
CA HIS A 371 1.30 -4.13 18.20
C HIS A 371 1.86 -3.18 17.15
N ARG A 372 3.12 -3.43 16.77
CA ARG A 372 3.77 -2.64 15.72
C ARG A 372 4.69 -3.58 14.95
N PHE A 373 4.26 -3.96 13.74
CA PHE A 373 4.97 -4.93 12.93
C PHE A 373 5.94 -4.30 11.93
N GLU A 374 6.06 -2.97 11.93
CA GLU A 374 6.95 -2.30 11.00
C GLU A 374 7.85 -1.34 11.75
N PRO A 375 9.05 -1.08 11.23
CA PRO A 375 9.94 -0.12 11.88
C PRO A 375 9.31 1.25 11.95
N GLY A 376 9.56 1.95 13.07
CA GLY A 376 8.97 3.26 13.27
C GLY A 376 9.41 3.84 14.58
N ILE A 377 8.77 4.94 14.95
CA ILE A 377 9.07 5.66 16.18
C ILE A 377 7.77 5.86 16.95
N ILE A 378 7.79 5.60 18.25
CA ILE A 378 6.65 5.81 19.13
C ILE A 378 6.94 7.04 19.99
N MET A 379 6.08 8.05 19.88
CA MET A 379 6.21 9.26 20.69
C MET A 379 5.77 9.00 22.13
N MET B 9 18.29 22.79 -51.76
CA MET B 9 17.50 24.00 -52.04
C MET B 9 16.10 23.88 -51.44
N ARG B 10 15.76 22.69 -50.98
CA ARG B 10 14.47 22.43 -50.36
C ARG B 10 14.65 21.46 -49.20
N ALA B 11 13.70 21.48 -48.27
CA ALA B 11 13.73 20.62 -47.11
C ALA B 11 12.35 20.07 -46.83
N VAL B 12 12.30 18.91 -46.19
CA VAL B 12 11.05 18.24 -45.85
C VAL B 12 11.02 18.11 -44.32
N ILE B 13 10.39 19.06 -43.65
CA ILE B 13 10.26 19.04 -42.20
C ILE B 13 8.99 18.27 -41.86
N LEU B 14 9.15 17.04 -41.40
CA LEU B 14 8.01 16.21 -41.01
C LEU B 14 7.34 16.81 -39.79
N VAL B 15 6.12 17.32 -39.96
CA VAL B 15 5.37 17.95 -38.89
C VAL B 15 4.08 17.22 -38.56
N GLY B 16 3.71 16.21 -39.35
CA GLY B 16 2.49 15.47 -39.09
C GLY B 16 2.68 14.36 -38.08
N GLY B 17 2.10 14.52 -36.90
CA GLY B 17 2.20 13.53 -35.85
C GLY B 17 1.39 13.91 -34.63
N PHE B 18 0.83 12.91 -33.94
CA PHE B 18 -0.08 13.18 -32.84
C PHE B 18 0.61 13.77 -31.61
N GLY B 19 1.93 13.57 -31.48
CA GLY B 19 2.64 14.06 -30.32
C GLY B 19 2.15 13.41 -29.04
N THR B 20 2.03 12.08 -29.06
CA THR B 20 1.45 11.36 -27.93
C THR B 20 2.31 11.52 -26.68
N ARG B 21 3.63 11.55 -26.84
CA ARG B 21 4.52 11.61 -25.67
C ARG B 21 4.40 12.95 -24.96
N LEU B 22 4.37 14.05 -25.71
CA LEU B 22 4.21 15.38 -25.13
C LEU B 22 2.73 15.76 -25.10
N ARG B 23 1.93 14.85 -24.52
CA ARG B 23 0.48 14.95 -24.68
C ARG B 23 -0.14 16.18 -24.02
N PRO B 24 0.15 16.52 -22.76
CA PRO B 24 -0.59 17.62 -22.13
C PRO B 24 -0.46 18.95 -22.86
N LEU B 25 0.66 19.19 -23.53
CA LEU B 25 0.82 20.42 -24.30
C LEU B 25 0.37 20.29 -25.75
N THR B 26 0.36 19.08 -26.29
CA THR B 26 0.00 18.88 -27.68
C THR B 26 -1.50 18.68 -27.89
N LEU B 27 -2.30 18.74 -26.84
CA LEU B 27 -3.75 18.72 -26.99
C LEU B 27 -4.29 20.04 -27.52
N THR B 28 -3.49 21.11 -27.49
CA THR B 28 -3.88 22.42 -27.99
C THR B 28 -3.16 22.81 -29.28
N THR B 29 -1.86 22.56 -29.37
CA THR B 29 -1.07 22.89 -30.55
C THR B 29 -0.28 21.67 -30.98
N PRO B 30 0.04 21.56 -32.28
CA PRO B 30 0.86 20.44 -32.73
C PRO B 30 2.25 20.48 -32.11
N LYS B 31 2.86 19.31 -31.99
CA LYS B 31 4.18 19.22 -31.39
C LYS B 31 5.22 20.12 -32.04
N PRO B 32 5.25 20.30 -33.37
CA PRO B 32 6.21 21.27 -33.93
C PRO B 32 6.04 22.67 -33.38
N LEU B 33 4.81 23.07 -33.02
CA LEU B 33 4.54 24.46 -32.67
C LEU B 33 4.57 24.74 -31.17
N VAL B 34 4.83 23.74 -30.33
CA VAL B 34 4.96 24.02 -28.90
C VAL B 34 6.34 24.62 -28.68
N PRO B 35 6.43 25.83 -28.10
CA PRO B 35 7.73 26.49 -27.97
C PRO B 35 8.71 25.67 -27.14
N PHE B 36 9.98 25.70 -27.56
CA PHE B 36 11.03 24.98 -26.85
C PHE B 36 11.66 25.85 -25.77
N CYS B 37 12.25 26.98 -26.15
CA CYS B 37 12.77 27.94 -25.19
C CYS B 37 12.02 29.26 -25.26
N ASN B 38 12.01 29.91 -26.41
CA ASN B 38 11.17 31.08 -26.64
C ASN B 38 10.51 31.07 -28.01
N LYS B 39 10.79 30.09 -28.84
CA LYS B 39 10.26 29.96 -30.18
C LYS B 39 9.79 28.53 -30.39
N PRO B 40 8.87 28.30 -31.33
CA PRO B 40 8.43 26.92 -31.60
C PRO B 40 9.59 26.04 -32.04
N MET B 41 9.42 24.73 -31.84
CA MET B 41 10.49 23.78 -32.13
C MET B 41 10.90 23.84 -33.60
N ILE B 42 9.91 23.92 -34.50
CA ILE B 42 10.23 23.97 -35.92
C ILE B 42 10.95 25.26 -36.30
N ILE B 43 10.78 26.32 -35.51
CA ILE B 43 11.35 27.62 -35.88
C ILE B 43 12.87 27.57 -35.83
N HIS B 44 13.45 26.84 -34.86
CA HIS B 44 14.90 26.71 -34.81
C HIS B 44 15.42 26.02 -36.06
N GLN B 45 14.77 24.94 -36.48
CA GLN B 45 15.19 24.23 -37.68
C GLN B 45 15.01 25.09 -38.93
N ILE B 46 13.91 25.85 -38.99
CA ILE B 46 13.69 26.73 -40.14
C ILE B 46 14.76 27.81 -40.19
N GLU B 47 15.16 28.33 -39.03
CA GLU B 47 16.22 29.32 -39.00
C GLU B 47 17.56 28.73 -39.44
N ALA B 48 17.85 27.50 -39.01
CA ALA B 48 19.07 26.85 -39.47
C ALA B 48 19.06 26.64 -40.98
N LEU B 49 17.91 26.21 -41.51
CA LEU B 49 17.78 26.03 -42.96
C LEU B 49 17.89 27.36 -43.69
N LYS B 50 17.41 28.45 -43.09
CA LYS B 50 17.62 29.76 -43.69
C LYS B 50 19.09 30.13 -43.68
N ALA B 51 19.81 29.76 -42.63
CA ALA B 51 21.25 29.99 -42.57
C ALA B 51 21.96 29.24 -43.68
N VAL B 52 21.59 27.98 -43.93
CA VAL B 52 22.13 27.24 -45.06
C VAL B 52 21.38 27.71 -46.30
N GLY B 53 21.86 27.33 -47.48
CA GLY B 53 21.28 27.84 -48.71
C GLY B 53 20.05 27.13 -49.24
N VAL B 54 18.92 27.26 -48.52
CA VAL B 54 17.63 26.80 -49.01
C VAL B 54 16.61 27.91 -48.81
N THR B 55 15.56 27.87 -49.62
CA THR B 55 14.53 28.92 -49.60
C THR B 55 13.14 28.38 -49.35
N GLU B 56 12.76 27.27 -49.96
CA GLU B 56 11.42 26.72 -49.84
C GLU B 56 11.44 25.50 -48.94
N VAL B 57 10.56 25.50 -47.94
CA VAL B 57 10.40 24.39 -47.01
C VAL B 57 8.99 23.85 -47.16
N ILE B 58 8.87 22.54 -47.37
CA ILE B 58 7.58 21.87 -47.52
C ILE B 58 7.30 21.11 -46.24
N LEU B 59 6.07 21.23 -45.74
CA LEU B 59 5.65 20.61 -44.48
C LEU B 59 4.61 19.56 -44.76
N ALA B 60 4.78 18.38 -44.17
CA ALA B 60 3.82 17.29 -44.28
C ALA B 60 3.02 17.24 -42.99
N VAL B 61 1.97 18.06 -42.93
CA VAL B 61 1.16 18.19 -41.72
C VAL B 61 -0.03 17.24 -41.81
N ALA B 62 -0.23 16.46 -40.75
CA ALA B 62 -1.32 15.50 -40.67
C ALA B 62 -2.21 15.71 -39.46
N TYR B 63 -1.63 15.87 -38.28
CA TYR B 63 -2.41 15.88 -37.05
C TYR B 63 -3.36 17.06 -36.97
N ARG B 64 -2.89 18.25 -37.35
CA ARG B 64 -3.68 19.47 -37.20
C ARG B 64 -3.33 20.43 -38.32
N PRO B 65 -4.14 20.47 -39.39
CA PRO B 65 -3.87 21.39 -40.49
C PRO B 65 -4.20 22.86 -40.20
N GLU B 66 -4.57 23.19 -38.96
CA GLU B 66 -4.79 24.58 -38.57
C GLU B 66 -3.52 25.28 -38.09
N ALA B 67 -2.36 24.63 -38.20
CA ALA B 67 -1.08 25.30 -38.00
C ALA B 67 -0.74 26.26 -39.13
N MET B 68 -1.57 26.29 -40.17
CA MET B 68 -1.31 27.16 -41.32
C MET B 68 -1.29 28.63 -40.91
N LYS B 69 -2.21 29.04 -40.03
CA LYS B 69 -2.24 30.44 -39.61
C LYS B 69 -0.98 30.83 -38.86
N GLU B 70 -0.51 29.97 -37.95
CA GLU B 70 0.72 30.27 -37.22
C GLU B 70 1.92 30.29 -38.16
N GLN B 71 1.95 29.36 -39.13
CA GLN B 71 3.05 29.38 -40.10
C GLN B 71 3.02 30.65 -40.94
N MET B 72 1.83 31.10 -41.34
CA MET B 72 1.73 32.37 -42.07
C MET B 72 2.19 33.54 -41.21
N ASP B 73 1.91 33.47 -39.91
CA ASP B 73 2.45 34.47 -38.99
C ASP B 73 3.98 34.44 -38.98
N GLU B 74 4.56 33.25 -39.03
CA GLU B 74 6.01 33.09 -39.10
C GLU B 74 6.52 33.03 -40.54
N TRP B 75 5.65 33.24 -41.53
CA TRP B 75 6.03 33.15 -42.94
C TRP B 75 6.84 34.34 -43.41
N SER B 76 6.99 35.39 -42.59
CA SER B 76 7.67 36.60 -43.03
C SER B 76 9.12 36.33 -43.39
N ARG B 77 9.83 35.56 -42.55
CA ARG B 77 11.26 35.36 -42.76
C ARG B 77 11.55 34.43 -43.93
N LYS B 78 10.81 33.32 -44.04
CA LYS B 78 11.11 32.29 -45.02
C LYS B 78 9.85 31.90 -45.78
N LEU B 79 10.05 31.44 -47.01
CA LEU B 79 8.93 31.04 -47.89
C LEU B 79 8.63 29.57 -47.59
N GLY B 80 7.83 29.35 -46.54
CA GLY B 80 7.42 28.00 -46.19
C GLY B 80 5.93 27.81 -46.39
N VAL B 81 5.40 28.35 -47.48
CA VAL B 81 3.96 28.34 -47.73
C VAL B 81 3.46 26.95 -48.10
N SER B 82 4.36 26.05 -48.51
CA SER B 82 3.95 24.73 -48.99
C SER B 82 3.29 23.93 -47.87
N PHE B 83 2.18 23.29 -48.20
CA PHE B 83 1.42 22.49 -47.23
C PHE B 83 0.67 21.42 -48.00
N VAL B 84 0.90 20.15 -47.64
CA VAL B 84 0.31 19.02 -48.35
C VAL B 84 -0.26 18.04 -47.33
N PHE B 85 -1.47 17.56 -47.60
CA PHE B 85 -2.11 16.52 -46.80
C PHE B 85 -3.32 15.99 -47.54
N SER B 86 -3.46 14.66 -47.57
CA SER B 86 -4.64 14.01 -48.12
C SER B 86 -5.34 13.12 -47.09
N VAL B 87 -4.58 12.27 -46.39
CA VAL B 87 -5.14 11.37 -45.39
C VAL B 87 -4.00 10.95 -44.48
N GLU B 88 -4.33 10.58 -43.24
CA GLU B 88 -3.32 10.19 -42.27
C GLU B 88 -2.57 8.96 -42.76
N GLU B 89 -1.26 9.11 -42.98
CA GLU B 89 -0.41 8.01 -43.39
C GLU B 89 0.39 7.44 -42.22
N GLU B 90 1.20 8.28 -41.57
CA GLU B 90 2.00 7.87 -40.43
C GLU B 90 2.62 9.10 -39.77
N PRO B 91 2.73 9.13 -38.44
CA PRO B 91 3.53 10.18 -37.80
C PRO B 91 4.96 10.21 -38.29
N LEU B 92 5.56 9.03 -38.52
CA LEU B 92 6.89 8.97 -39.12
C LEU B 92 6.88 9.49 -40.55
N GLY B 93 5.76 9.33 -41.25
CA GLY B 93 5.56 9.97 -42.54
C GLY B 93 6.57 9.60 -43.60
N THR B 94 6.87 8.31 -43.74
CA THR B 94 7.75 7.88 -44.81
C THR B 94 7.16 8.23 -46.18
N ALA B 95 5.85 8.01 -46.34
CA ALA B 95 5.16 8.41 -47.55
C ALA B 95 5.05 9.92 -47.70
N GLY B 96 5.36 10.68 -46.66
CA GLY B 96 5.32 12.12 -46.70
C GLY B 96 6.01 12.72 -47.91
N PRO B 97 7.33 12.58 -47.99
CA PRO B 97 8.02 13.00 -49.21
C PRO B 97 7.59 12.22 -50.45
N LEU B 98 7.21 10.95 -50.27
CA LEU B 98 6.78 10.15 -51.42
C LEU B 98 5.44 10.62 -51.96
N ALA B 99 4.52 11.02 -51.08
CA ALA B 99 3.24 11.55 -51.54
C ALA B 99 3.39 12.89 -52.25
N LEU B 100 4.52 13.57 -52.07
CA LEU B 100 4.82 14.83 -52.74
C LEU B 100 6.10 14.70 -53.56
N ALA B 101 6.23 13.58 -54.28
CA ALA B 101 7.38 13.38 -55.13
C ALA B 101 7.37 14.28 -56.36
N ARG B 102 6.19 14.77 -56.76
CA ARG B 102 6.11 15.61 -57.94
C ARG B 102 6.65 17.02 -57.68
N ASP B 103 6.40 17.57 -56.48
CA ASP B 103 6.82 18.93 -56.21
C ASP B 103 8.32 19.04 -56.03
N ILE B 104 8.93 18.06 -55.36
CA ILE B 104 10.37 18.10 -55.15
C ILE B 104 11.12 17.94 -56.46
N LEU B 105 10.57 17.16 -57.40
CA LEU B 105 11.29 16.80 -58.61
C LEU B 105 11.36 17.96 -59.61
N MET B 106 10.20 18.45 -60.07
CA MET B 106 10.17 19.26 -61.28
C MET B 106 10.76 20.66 -61.08
N GLN B 107 10.61 21.25 -59.89
CA GLN B 107 11.21 22.56 -59.65
C GLN B 107 12.73 22.49 -59.66
N ASP B 108 13.32 21.54 -58.91
CA ASP B 108 14.76 21.51 -58.73
C ASP B 108 15.25 20.07 -58.66
N ASP B 109 16.53 19.89 -58.96
CA ASP B 109 17.18 18.59 -58.90
C ASP B 109 18.18 18.47 -57.75
N LYS B 110 18.33 19.53 -56.95
CA LYS B 110 19.28 19.50 -55.85
C LYS B 110 18.80 18.56 -54.74
N PRO B 111 19.72 17.99 -53.97
CA PRO B 111 19.31 17.15 -52.83
C PRO B 111 18.48 17.93 -51.84
N PHE B 112 17.52 17.24 -51.23
CA PHE B 112 16.55 17.84 -50.33
C PHE B 112 16.75 17.31 -48.91
N PHE B 113 16.70 18.21 -47.93
CA PHE B 113 16.82 17.83 -46.54
C PHE B 113 15.54 17.19 -46.03
N VAL B 114 15.69 16.32 -45.04
CA VAL B 114 14.57 15.75 -44.31
C VAL B 114 14.90 15.83 -42.82
N LEU B 115 14.01 16.45 -42.05
CA LEU B 115 14.25 16.68 -40.64
C LEU B 115 13.03 16.31 -39.82
N ASN B 116 13.28 15.84 -38.60
CA ASN B 116 12.22 15.73 -37.62
C ASN B 116 11.92 17.10 -37.02
N SER B 117 10.68 17.30 -36.60
CA SER B 117 10.26 18.57 -36.04
C SER B 117 10.44 18.65 -34.53
N ASP B 118 10.96 17.59 -33.91
CA ASP B 118 11.14 17.57 -32.46
C ASP B 118 12.60 17.29 -32.10
N VAL B 119 13.54 17.76 -32.92
CA VAL B 119 14.96 17.53 -32.71
C VAL B 119 15.64 18.88 -32.50
N THR B 120 16.51 18.94 -31.50
CA THR B 120 17.33 20.12 -31.24
C THR B 120 18.80 19.69 -31.15
N CYS B 121 19.67 20.46 -31.77
CA CYS B 121 21.10 20.17 -31.79
C CYS B 121 21.83 21.42 -32.26
N THR B 122 23.14 21.27 -32.52
CA THR B 122 23.92 22.38 -33.04
C THR B 122 23.45 22.79 -34.43
N PHE B 123 22.84 21.87 -35.19
CA PHE B 123 22.35 22.12 -36.54
C PHE B 123 23.49 22.57 -37.44
N PRO B 124 24.42 21.68 -37.78
CA PRO B 124 25.56 22.08 -38.62
C PRO B 124 25.13 22.67 -39.95
N MET B 125 24.40 21.89 -40.75
CA MET B 125 23.97 22.31 -42.08
C MET B 125 25.15 22.88 -42.87
N GLN B 126 26.27 22.18 -42.81
CA GLN B 126 27.52 22.72 -43.33
C GLN B 126 27.42 22.93 -44.84
N GLU B 127 28.07 24.01 -45.31
CA GLU B 127 28.15 24.25 -46.74
C GLU B 127 29.09 23.30 -47.44
N LEU B 128 29.87 22.51 -46.69
CA LEU B 128 30.69 21.46 -47.30
C LEU B 128 29.80 20.48 -48.04
N LEU B 129 30.27 20.04 -49.22
CA LEU B 129 29.45 19.21 -50.08
C LEU B 129 29.11 17.88 -49.41
N ASP B 130 30.13 17.20 -48.88
CA ASP B 130 29.97 15.86 -48.32
C ASP B 130 29.27 14.93 -49.33
N PHE B 131 29.74 15.00 -50.57
CA PHE B 131 29.10 14.29 -51.68
C PHE B 131 29.56 12.83 -51.78
N HIS B 132 30.50 12.39 -50.95
CA HIS B 132 30.85 10.98 -50.91
C HIS B 132 29.88 10.17 -50.04
N LYS B 133 29.18 10.82 -49.12
CA LYS B 133 28.17 10.17 -48.28
C LYS B 133 27.27 11.26 -47.73
N ALA B 134 25.97 11.17 -48.00
CA ALA B 134 25.05 12.24 -47.65
C ALA B 134 24.65 12.18 -46.19
N HIS B 135 23.98 11.11 -45.78
CA HIS B 135 23.44 11.01 -44.44
C HIS B 135 24.46 10.48 -43.43
N GLY B 136 25.50 9.77 -43.88
CA GLY B 136 26.46 9.22 -42.95
C GLY B 136 27.22 10.28 -42.17
N GLY B 137 27.72 11.29 -42.88
CA GLY B 137 28.47 12.35 -42.20
C GLY B 137 27.58 13.21 -41.32
N GLU B 138 26.44 13.66 -41.85
CA GLU B 138 25.51 14.45 -41.08
C GLU B 138 24.64 13.53 -40.22
N GLY B 139 23.63 14.08 -39.57
CA GLY B 139 22.80 13.26 -38.70
C GLY B 139 23.64 12.67 -37.58
N THR B 140 23.65 11.36 -37.43
CA THR B 140 24.54 10.80 -36.41
C THR B 140 26.02 10.87 -36.89
N ILE B 141 26.84 11.77 -36.33
CA ILE B 141 28.24 11.80 -36.74
C ILE B 141 29.00 10.60 -36.22
N MET B 142 30.08 10.25 -36.88
CA MET B 142 30.89 9.13 -36.45
C MET B 142 32.13 9.66 -35.77
N VAL B 143 32.38 9.23 -34.54
CA VAL B 143 33.65 9.57 -33.90
C VAL B 143 34.64 8.42 -34.07
N VAL B 146 22.74 10.72 -30.61
CA VAL B 146 23.94 9.95 -30.86
C VAL B 146 24.71 9.73 -29.56
N THR B 147 25.21 8.50 -29.38
CA THR B 147 25.96 8.10 -28.18
C THR B 147 25.14 8.35 -26.91
N GLN B 148 24.01 7.66 -26.82
CA GLN B 148 23.16 7.74 -25.64
C GLN B 148 22.44 6.40 -25.49
N TRP B 149 21.37 6.38 -24.70
CA TRP B 149 20.63 5.15 -24.46
C TRP B 149 20.09 4.57 -25.77
N GLU B 150 20.04 3.24 -25.83
CA GLU B 150 19.52 2.54 -26.99
C GLU B 150 18.03 2.24 -26.90
N LYS B 151 17.37 2.70 -25.83
CA LYS B 151 15.95 2.41 -25.66
C LYS B 151 15.11 3.06 -26.77
N TYR B 152 15.41 4.32 -27.09
CA TYR B 152 14.70 5.04 -28.13
C TYR B 152 15.64 5.31 -29.30
N GLY B 153 15.05 5.53 -30.46
CA GLY B 153 15.81 5.77 -31.66
C GLY B 153 16.44 4.52 -32.22
N VAL B 154 16.81 4.59 -33.49
CA VAL B 154 17.39 3.46 -34.19
C VAL B 154 18.88 3.37 -33.88
N VAL B 155 19.35 2.15 -33.61
CA VAL B 155 20.79 1.93 -33.44
C VAL B 155 21.45 1.87 -34.80
N VAL B 156 22.50 2.65 -34.97
CA VAL B 156 23.24 2.73 -36.23
C VAL B 156 24.63 2.16 -36.01
N TYR B 157 24.98 1.14 -36.79
CA TYR B 157 26.30 0.52 -36.74
C TYR B 157 27.11 1.06 -37.90
N SER B 158 28.09 1.91 -37.60
CA SER B 158 28.89 2.57 -38.63
C SER B 158 30.37 2.39 -38.32
N PRO B 159 31.14 1.75 -39.21
CA PRO B 159 32.59 1.68 -39.01
C PRO B 159 33.28 3.00 -39.31
N GLN B 160 34.61 3.01 -39.26
CA GLN B 160 35.37 4.23 -39.51
C GLN B 160 35.35 4.66 -40.97
N ASN B 161 34.86 3.82 -41.87
CA ASN B 161 34.81 4.14 -43.29
C ASN B 161 33.44 4.65 -43.75
N TYR B 162 32.56 5.00 -42.80
CA TYR B 162 31.26 5.60 -43.09
C TYR B 162 30.37 4.67 -43.91
N GLN B 163 30.08 3.51 -43.34
CA GLN B 163 29.14 2.56 -43.93
C GLN B 163 28.07 2.21 -42.91
N ILE B 164 26.95 1.71 -43.43
CA ILE B 164 25.82 1.29 -42.61
C ILE B 164 25.27 -0.03 -43.16
N GLU B 165 25.00 -0.97 -42.27
CA GLU B 165 24.53 -2.28 -42.69
C GLU B 165 23.34 -2.77 -41.86
N ARG B 166 23.22 -2.26 -40.63
CA ARG B 166 22.14 -2.64 -39.73
C ARG B 166 21.31 -1.42 -39.36
N PHE B 167 20.00 -1.61 -39.27
CA PHE B 167 19.09 -0.50 -39.00
C PHE B 167 17.89 -1.09 -38.25
N VAL B 168 17.95 -1.05 -36.92
CA VAL B 168 16.92 -1.64 -36.06
C VAL B 168 16.24 -0.52 -35.27
N GLU B 169 14.94 -0.33 -35.52
CA GLU B 169 14.25 0.86 -35.02
C GLU B 169 14.20 0.89 -33.49
N LYS B 170 13.71 -0.19 -32.87
CA LYS B 170 13.59 -0.28 -31.42
C LYS B 170 14.12 -1.63 -30.95
N PRO B 171 15.43 -1.82 -30.95
CA PRO B 171 15.99 -3.08 -30.47
C PRO B 171 15.75 -3.27 -28.98
N SER B 172 15.63 -4.54 -28.58
CA SER B 172 15.45 -4.86 -27.16
C SER B 172 16.75 -4.61 -26.40
N ARG B 173 17.82 -5.33 -26.75
CA ARG B 173 19.14 -5.12 -26.16
C ARG B 173 20.17 -5.46 -27.22
N PHE B 174 20.61 -4.44 -27.97
CA PHE B 174 21.57 -4.62 -29.06
C PHE B 174 22.79 -3.75 -28.90
N LEU B 175 22.92 -3.03 -27.79
CA LEU B 175 24.01 -2.08 -27.56
C LEU B 175 24.00 -1.06 -28.71
N GLY B 176 25.17 -0.58 -29.12
CA GLY B 176 25.23 0.40 -30.18
C GLY B 176 24.70 1.74 -29.75
N ASP B 177 25.43 2.43 -28.88
CA ASP B 177 24.98 3.70 -28.31
C ASP B 177 24.70 4.75 -29.38
N ARG B 178 25.29 4.62 -30.56
CA ARG B 178 25.06 5.60 -31.62
C ARG B 178 23.66 5.45 -32.19
N ILE B 179 22.96 6.58 -32.32
CA ILE B 179 21.64 6.62 -32.93
C ILE B 179 21.62 7.77 -33.92
N ASN B 180 20.67 7.71 -34.86
CA ASN B 180 20.52 8.79 -35.82
C ASN B 180 20.07 10.07 -35.11
N ALA B 181 20.58 11.20 -35.59
CA ALA B 181 20.20 12.48 -35.01
C ALA B 181 18.80 12.91 -35.40
N GLY B 182 18.22 12.33 -36.45
CA GLY B 182 16.93 12.72 -36.95
C GLY B 182 16.97 13.66 -38.14
N ILE B 183 18.16 14.12 -38.52
CA ILE B 183 18.33 14.97 -39.70
C ILE B 183 18.86 14.11 -40.83
N TYR B 184 18.15 14.10 -41.95
CA TYR B 184 18.53 13.32 -43.11
C TYR B 184 18.62 14.21 -44.34
N ILE B 185 19.53 13.86 -45.25
CA ILE B 185 19.63 14.49 -46.55
C ILE B 185 19.58 13.40 -47.60
N PHE B 186 18.70 13.56 -48.59
CA PHE B 186 18.47 12.55 -49.60
C PHE B 186 18.57 13.17 -50.99
N ASN B 187 18.89 12.33 -51.97
CA ASN B 187 18.87 12.75 -53.36
C ASN B 187 17.52 12.37 -53.98
N LYS B 188 17.33 12.77 -55.24
CA LYS B 188 16.06 12.54 -55.90
C LYS B 188 15.77 11.07 -56.17
N SER B 189 16.77 10.20 -56.03
CA SER B 189 16.53 8.77 -56.24
C SER B 189 15.74 8.15 -55.10
N ILE B 190 15.89 8.69 -53.88
CA ILE B 190 15.20 8.11 -52.72
C ILE B 190 13.69 8.26 -52.86
N LEU B 191 13.23 9.46 -53.23
CA LEU B 191 11.80 9.67 -53.39
C LEU B 191 11.21 8.86 -54.54
N ASP B 192 12.04 8.48 -55.51
CA ASP B 192 11.60 7.62 -56.61
C ASP B 192 11.98 6.16 -56.41
N ARG B 193 12.60 5.82 -55.28
CA ARG B 193 13.04 4.43 -55.06
C ARG B 193 11.88 3.56 -54.61
N ILE B 194 11.31 3.85 -53.44
CA ILE B 194 10.25 3.02 -52.88
C ILE B 194 9.08 3.93 -52.50
N PRO B 195 8.19 4.24 -53.44
CA PRO B 195 6.95 4.96 -53.09
C PRO B 195 5.79 3.99 -52.85
N PRO B 196 5.73 3.34 -51.69
CA PRO B 196 4.73 2.27 -51.50
C PRO B 196 3.30 2.77 -51.45
N ARG B 197 3.07 4.08 -51.37
CA ARG B 197 1.76 4.73 -51.32
C ARG B 197 0.99 4.46 -50.04
N ARG B 198 1.64 3.96 -48.99
CA ARG B 198 0.97 3.72 -47.73
C ARG B 198 1.97 3.85 -46.59
N ALA B 199 1.50 3.58 -45.38
CA ALA B 199 2.32 3.76 -44.19
C ALA B 199 3.54 2.84 -44.21
N SER B 200 4.68 3.39 -43.79
CA SER B 200 5.92 2.64 -43.69
C SER B 200 6.86 3.40 -42.76
N ILE B 201 7.94 2.72 -42.35
CA ILE B 201 8.86 3.32 -41.39
C ILE B 201 10.19 3.64 -42.06
N GLU B 202 10.29 4.84 -42.64
CA GLU B 202 11.52 5.44 -43.13
C GLU B 202 12.13 4.70 -44.32
N LYS B 203 11.56 3.54 -44.66
CA LYS B 203 11.94 2.72 -45.82
C LYS B 203 13.44 2.77 -46.09
N GLU B 204 14.23 2.52 -45.05
CA GLU B 204 15.68 2.57 -45.17
C GLU B 204 16.18 1.25 -45.73
N ILE B 205 16.70 1.28 -46.96
CA ILE B 205 17.23 0.10 -47.63
C ILE B 205 18.74 0.26 -47.65
N PHE B 206 19.27 0.82 -46.59
CA PHE B 206 20.71 0.99 -46.49
C PHE B 206 21.58 -0.25 -46.62
N PRO B 207 21.01 -1.44 -46.41
CA PRO B 207 21.86 -2.61 -46.67
C PRO B 207 22.37 -2.68 -48.10
N ALA B 208 21.55 -2.33 -49.07
CA ALA B 208 21.96 -2.44 -50.45
C ALA B 208 23.14 -1.58 -50.83
N MET B 209 23.23 -0.35 -50.33
CA MET B 209 24.30 0.53 -50.80
C MET B 209 25.07 1.35 -49.78
N ALA B 210 26.18 1.94 -50.22
CA ALA B 210 26.97 2.83 -49.36
C ALA B 210 27.43 3.98 -50.24
N ALA B 211 27.64 5.17 -49.66
CA ALA B 211 28.16 6.36 -50.40
C ALA B 211 27.28 7.27 -51.28
N GLU B 212 25.97 7.02 -51.35
CA GLU B 212 25.10 7.82 -52.22
C GLU B 212 23.64 7.65 -51.81
N GLY B 213 22.75 8.47 -52.35
CA GLY B 213 21.38 8.39 -51.89
C GLY B 213 21.54 8.86 -50.47
N GLN B 214 21.19 8.03 -49.50
CA GLN B 214 21.37 8.35 -48.10
C GLN B 214 22.37 9.44 -47.87
N LEU B 220 26.69 13.84 -34.22
CA LEU B 220 26.85 15.23 -34.54
C LEU B 220 27.87 15.69 -33.55
N GLU B 221 28.69 16.66 -33.91
CA GLU B 221 29.59 17.19 -32.91
C GLU B 221 28.84 18.35 -32.32
N GLY B 222 28.34 18.17 -31.12
CA GLY B 222 27.53 19.20 -30.51
C GLY B 222 26.54 18.51 -29.60
N PHE B 223 25.64 19.26 -29.01
CA PHE B 223 24.68 18.65 -28.15
C PHE B 223 23.64 18.10 -29.03
N TRP B 224 22.88 17.17 -28.50
CA TRP B 224 21.75 16.67 -29.29
C TRP B 224 20.73 16.10 -28.32
N MET B 225 19.45 16.29 -28.63
CA MET B 225 18.39 15.73 -27.80
C MET B 225 17.09 15.67 -28.60
N ASP B 226 16.40 14.53 -28.48
CA ASP B 226 15.08 14.36 -29.08
C ASP B 226 14.06 14.98 -28.14
N VAL B 227 13.70 16.23 -28.41
CA VAL B 227 12.82 17.00 -27.51
C VAL B 227 11.38 16.64 -27.90
N GLY B 228 10.92 15.52 -27.35
CA GLY B 228 9.57 15.05 -27.62
C GLY B 228 8.90 14.46 -26.39
N GLN B 229 9.61 14.46 -25.27
CA GLN B 229 9.10 13.99 -24.00
C GLN B 229 9.34 15.05 -22.94
N PRO B 230 8.52 15.09 -21.89
CA PRO B 230 8.70 16.14 -20.87
C PRO B 230 10.07 16.14 -20.23
N LYS B 231 10.53 14.99 -19.71
CA LYS B 231 11.88 14.93 -19.16
C LYS B 231 12.92 15.19 -20.23
N ASP B 232 12.70 14.66 -21.43
CA ASP B 232 13.60 14.96 -22.54
C ASP B 232 13.53 16.44 -22.91
N TYR B 233 12.34 17.05 -22.81
CA TYR B 233 12.22 18.49 -23.04
C TYR B 233 13.09 19.26 -22.07
N ILE B 234 13.00 18.93 -20.78
CA ILE B 234 13.77 19.64 -19.75
C ILE B 234 15.26 19.45 -19.98
N LEU B 235 15.68 18.21 -20.24
CA LEU B 235 17.11 17.95 -20.41
C LEU B 235 17.64 18.62 -21.67
N GLY B 236 16.86 18.61 -22.76
CA GLY B 236 17.28 19.28 -23.97
C GLY B 236 17.38 20.79 -23.79
N MET B 237 16.45 21.38 -23.05
CA MET B 237 16.57 22.80 -22.74
C MET B 237 17.82 23.09 -21.91
N THR B 238 18.11 22.21 -20.95
CA THR B 238 19.31 22.37 -20.13
C THR B 238 20.57 22.30 -20.98
N LYS B 239 20.61 21.41 -21.97
CA LYS B 239 21.77 21.33 -22.85
C LYS B 239 21.81 22.45 -23.88
N PHE B 240 20.64 23.02 -24.23
CA PHE B 240 20.57 23.95 -25.34
C PHE B 240 20.85 25.38 -24.90
N ILE B 241 20.38 25.78 -23.73
CA ILE B 241 20.54 27.18 -23.30
C ILE B 241 21.99 27.62 -23.23
N PRO B 242 22.93 26.85 -22.66
CA PRO B 242 24.33 27.31 -22.67
C PRO B 242 24.90 27.52 -24.05
N SER B 243 24.52 26.69 -25.02
CA SER B 243 25.05 26.82 -26.38
C SER B 243 24.49 28.02 -27.12
N LEU B 244 23.44 28.66 -26.61
CA LEU B 244 22.81 29.79 -27.28
C LEU B 244 23.39 31.14 -26.84
N VAL B 245 24.25 31.14 -25.82
CA VAL B 245 24.74 32.40 -25.26
C VAL B 245 25.60 33.18 -26.26
N HIS B 246 26.11 32.51 -27.30
CA HIS B 246 27.01 33.18 -28.22
C HIS B 246 26.27 34.13 -29.17
N GLY B 247 25.00 33.88 -29.45
CA GLY B 247 24.32 34.63 -30.49
C GLY B 247 23.04 35.34 -30.13
N ASN B 248 22.40 34.94 -29.03
CA ASN B 248 21.10 35.51 -28.64
C ASN B 248 21.32 36.51 -27.53
N ARG B 249 21.21 37.80 -27.86
CA ARG B 249 21.34 38.91 -26.93
C ARG B 249 22.69 38.94 -26.21
N GLU B 250 23.66 38.17 -26.69
CA GLU B 250 24.99 38.09 -26.10
C GLU B 250 24.94 37.79 -24.60
N HIS B 255 25.00 41.68 -14.90
CA HIS B 255 24.11 41.44 -16.03
C HIS B 255 24.70 40.43 -17.00
N THR B 256 25.90 39.94 -16.67
CA THR B 256 26.59 38.97 -17.50
C THR B 256 26.32 37.52 -17.09
N GLU B 257 25.52 37.31 -16.04
CA GLU B 257 25.27 35.95 -15.58
C GLU B 257 24.37 35.18 -16.54
N ALA B 258 23.36 35.84 -17.10
CA ALA B 258 22.41 35.20 -18.00
C ALA B 258 22.13 36.11 -19.17
N VAL B 259 21.22 35.67 -20.05
CA VAL B 259 20.82 36.48 -21.20
C VAL B 259 20.09 37.74 -20.74
N GLU B 260 19.17 37.59 -19.79
CA GLU B 260 18.42 38.71 -19.25
C GLU B 260 18.59 38.74 -17.74
N HIS B 261 18.92 39.91 -17.19
CA HIS B 261 19.13 40.07 -15.76
C HIS B 261 18.41 41.27 -15.15
N GLN B 262 17.79 42.13 -15.96
CA GLN B 262 17.07 43.28 -15.43
C GLN B 262 15.89 43.57 -16.36
N ARG B 263 14.72 43.05 -16.00
CA ARG B 263 13.51 43.29 -16.78
C ARG B 263 12.40 43.85 -15.90
N GLY B 264 12.36 43.42 -14.64
CA GLY B 264 11.39 43.93 -13.70
C GLY B 264 11.92 44.03 -12.29
N GLY B 265 11.86 45.23 -11.71
CA GLY B 265 12.36 45.42 -10.36
C GLY B 265 13.84 45.08 -10.27
N ARG B 266 14.18 44.21 -9.32
CA ARG B 266 15.55 43.76 -9.13
C ARG B 266 15.50 42.29 -8.71
N PHE B 267 15.90 41.40 -9.62
CA PHE B 267 15.90 39.97 -9.36
C PHE B 267 17.28 39.41 -9.65
N THR B 268 17.59 38.28 -9.02
CA THR B 268 18.87 37.61 -9.18
C THR B 268 18.70 36.36 -10.03
N VAL B 269 19.74 36.05 -10.80
CA VAL B 269 19.74 34.91 -11.72
C VAL B 269 20.91 34.01 -11.38
N ILE B 270 20.65 32.71 -11.30
CA ILE B 270 21.69 31.70 -11.10
C ILE B 270 21.85 30.95 -12.42
N GLY B 271 23.03 31.04 -13.02
CA GLY B 271 23.26 30.41 -14.30
C GLY B 271 22.63 31.19 -15.44
N ALA B 272 22.60 30.56 -16.60
CA ALA B 272 22.04 31.17 -17.79
C ALA B 272 20.54 30.89 -17.89
N SER B 273 19.81 31.86 -18.43
CA SER B 273 18.38 31.73 -18.60
C SER B 273 17.92 32.64 -19.74
N LEU B 274 16.80 32.27 -20.35
CA LEU B 274 16.21 33.03 -21.44
C LEU B 274 14.92 33.66 -20.94
N ILE B 275 14.87 34.99 -20.98
CA ILE B 275 13.70 35.74 -20.52
C ILE B 275 13.29 36.70 -21.62
N ASP B 276 12.06 36.59 -22.08
CA ASP B 276 11.56 37.46 -23.14
C ASP B 276 11.41 38.87 -22.58
N PRO B 277 11.96 39.90 -23.24
CA PRO B 277 11.84 41.28 -22.75
C PRO B 277 10.41 41.72 -22.45
N SER B 278 9.41 41.02 -23.00
CA SER B 278 8.03 41.36 -22.71
C SER B 278 7.56 40.85 -21.35
N ALA B 279 8.32 39.98 -20.70
CA ALA B 279 7.93 39.44 -19.41
C ALA B 279 8.18 40.45 -18.30
N LYS B 280 7.55 40.21 -17.15
CA LYS B 280 7.73 41.02 -15.95
C LYS B 280 8.13 40.11 -14.80
N ILE B 281 9.18 40.49 -14.08
CA ILE B 281 9.73 39.71 -12.99
C ILE B 281 9.60 40.50 -11.70
N GLY B 282 9.20 39.83 -10.63
CA GLY B 282 8.99 40.50 -9.36
C GLY B 282 10.29 40.83 -8.66
N ASP B 283 10.15 41.41 -7.47
CA ASP B 283 11.27 41.87 -6.67
C ASP B 283 11.81 40.71 -5.85
N GLY B 284 12.97 40.18 -6.25
CA GLY B 284 13.61 39.12 -5.51
C GLY B 284 13.45 37.73 -6.08
N ALA B 285 12.82 37.58 -7.24
CA ALA B 285 12.70 36.28 -7.86
C ALA B 285 14.07 35.74 -8.24
N VAL B 286 14.23 34.43 -8.16
CA VAL B 286 15.51 33.78 -8.42
C VAL B 286 15.30 32.87 -9.64
N ILE B 287 15.59 33.40 -10.82
CA ILE B 287 15.50 32.62 -12.05
C ILE B 287 16.67 31.64 -12.07
N GLY B 288 16.36 30.35 -11.91
CA GLY B 288 17.37 29.34 -11.73
C GLY B 288 18.11 28.99 -13.00
N PRO B 289 18.93 27.95 -12.94
CA PRO B 289 19.75 27.58 -14.11
C PRO B 289 18.88 26.99 -15.21
N TYR B 290 19.10 27.46 -16.44
CA TYR B 290 18.45 26.93 -17.63
C TYR B 290 16.93 26.98 -17.52
N ALA B 291 16.42 28.21 -17.43
CA ALA B 291 14.98 28.45 -17.36
C ALA B 291 14.57 29.41 -18.47
N SER B 292 13.35 29.22 -18.97
CA SER B 292 12.82 30.03 -20.06
C SER B 292 11.49 30.65 -19.63
N ILE B 293 11.34 31.95 -19.87
CA ILE B 293 10.14 32.69 -19.52
C ILE B 293 9.56 33.25 -20.81
N GLY B 294 8.27 33.00 -21.05
CA GLY B 294 7.64 33.35 -22.29
C GLY B 294 7.19 34.80 -22.36
N ALA B 295 6.58 35.14 -23.49
CA ALA B 295 6.09 36.49 -23.72
C ALA B 295 4.94 36.82 -22.79
N ASN B 296 4.89 38.08 -22.35
CA ASN B 296 3.78 38.61 -21.55
C ASN B 296 3.63 37.89 -20.22
N CYS B 297 4.58 37.02 -19.88
CA CYS B 297 4.52 36.28 -18.63
C CYS B 297 4.77 37.21 -17.45
N VAL B 298 4.12 36.91 -16.34
CA VAL B 298 4.28 37.65 -15.09
C VAL B 298 4.78 36.68 -14.03
N ILE B 299 5.87 37.04 -13.37
CA ILE B 299 6.48 36.22 -12.33
C ILE B 299 6.39 36.98 -11.01
N GLY B 300 5.95 36.29 -9.97
CA GLY B 300 5.72 36.92 -8.68
C GLY B 300 6.95 37.47 -8.00
N GLU B 301 6.80 37.92 -6.76
CA GLU B 301 7.89 38.62 -6.09
C GLU B 301 9.07 37.72 -5.82
N SER B 302 8.85 36.56 -5.22
CA SER B 302 9.94 35.71 -4.72
C SER B 302 9.79 34.30 -5.26
N CYS B 303 9.58 34.16 -6.56
CA CYS B 303 9.47 32.85 -7.17
C CYS B 303 10.85 32.21 -7.30
N ARG B 304 10.86 30.98 -7.82
CA ARG B 304 12.10 30.26 -8.09
C ARG B 304 11.87 29.42 -9.34
N ILE B 305 12.45 29.84 -10.47
CA ILE B 305 12.25 29.14 -11.72
C ILE B 305 13.49 28.30 -12.00
N ASP B 306 13.48 27.05 -11.54
CA ASP B 306 14.65 26.18 -11.61
C ASP B 306 14.45 25.17 -12.73
N ASN B 307 15.13 25.39 -13.85
CA ASN B 307 15.07 24.47 -15.00
C ASN B 307 13.63 24.25 -15.46
N ALA B 308 12.82 25.29 -15.38
CA ALA B 308 11.42 25.22 -15.74
C ALA B 308 11.13 26.18 -16.89
N ALA B 309 10.17 25.80 -17.74
CA ALA B 309 9.79 26.60 -18.89
C ALA B 309 8.38 27.13 -18.70
N ILE B 310 8.23 28.44 -18.79
CA ILE B 310 6.92 29.10 -18.73
C ILE B 310 6.58 29.55 -20.14
N LEU B 311 5.47 29.05 -20.67
CA LEU B 311 5.24 29.13 -22.12
C LEU B 311 4.83 30.53 -22.57
N GLU B 312 3.67 31.00 -22.12
CA GLU B 312 3.18 32.29 -22.58
C GLU B 312 1.98 32.71 -21.75
N ASN B 313 1.89 34.01 -21.46
CA ASN B 313 0.77 34.65 -20.78
C ASN B 313 0.48 34.06 -19.41
N SER B 314 1.35 33.19 -18.90
CA SER B 314 1.13 32.59 -17.59
C SER B 314 1.44 33.60 -16.49
N LYS B 315 0.69 33.48 -15.38
CA LYS B 315 0.87 34.34 -14.22
C LYS B 315 1.21 33.48 -13.01
N VAL B 316 2.16 33.95 -12.20
CA VAL B 316 2.68 33.19 -11.07
C VAL B 316 2.64 34.08 -9.83
N GLY B 317 2.18 33.52 -8.72
CA GLY B 317 2.05 34.25 -7.49
C GLY B 317 3.38 34.45 -6.77
N LYS B 318 3.28 34.86 -5.51
CA LYS B 318 4.46 35.23 -4.72
C LYS B 318 4.97 34.02 -3.96
N GLY B 319 6.05 33.42 -4.44
CA GLY B 319 6.77 32.41 -3.69
C GLY B 319 6.68 30.99 -4.20
N THR B 320 6.05 30.74 -5.35
CA THR B 320 6.04 29.40 -5.89
C THR B 320 7.44 29.00 -6.34
N MET B 321 7.68 27.70 -6.41
CA MET B 321 8.94 27.15 -6.88
C MET B 321 8.63 26.13 -7.96
N VAL B 322 8.49 26.59 -9.19
CA VAL B 322 8.30 25.69 -10.33
C VAL B 322 9.67 25.19 -10.78
N SER B 323 9.92 23.90 -10.59
CA SER B 323 11.24 23.33 -10.79
C SER B 323 11.15 22.13 -11.73
N ARG B 324 11.96 22.15 -12.78
CA ARG B 324 12.10 21.05 -13.73
C ARG B 324 10.78 20.64 -14.37
N SER B 325 9.80 21.53 -14.40
CA SER B 325 8.50 21.22 -14.98
C SER B 325 8.13 22.30 -15.99
N ILE B 326 7.02 22.06 -16.69
CA ILE B 326 6.59 22.91 -17.79
C ILE B 326 5.23 23.51 -17.43
N VAL B 327 5.11 24.82 -17.65
CA VAL B 327 3.88 25.55 -17.35
C VAL B 327 3.29 26.03 -18.68
N GLY B 328 2.08 25.59 -18.99
CA GLY B 328 1.50 25.81 -20.30
C GLY B 328 1.01 27.22 -20.51
N TRP B 329 0.41 27.43 -21.68
CA TRP B 329 -0.06 28.75 -22.08
C TRP B 329 -1.21 29.21 -21.18
N ASN B 330 -1.26 30.52 -20.94
CA ASN B 330 -2.40 31.16 -20.28
C ASN B 330 -2.71 30.57 -18.92
N ASN B 331 -1.70 30.02 -18.26
CA ASN B 331 -1.90 29.47 -16.93
C ASN B 331 -2.06 30.58 -15.90
N ARG B 332 -2.58 30.21 -14.73
CA ARG B 332 -2.68 31.12 -13.59
C ARG B 332 -2.26 30.33 -12.35
N ILE B 333 -0.97 30.35 -12.05
CA ILE B 333 -0.43 29.64 -10.90
C ILE B 333 -0.75 30.43 -9.64
N GLY B 334 -1.04 29.71 -8.55
CA GLY B 334 -1.37 30.35 -7.30
C GLY B 334 -0.21 31.07 -6.65
N SER B 335 -0.32 31.36 -5.36
CA SER B 335 0.67 32.20 -4.68
C SER B 335 1.84 31.41 -4.12
N TRP B 336 1.58 30.31 -3.42
CA TRP B 336 2.64 29.56 -2.72
C TRP B 336 2.62 28.09 -3.14
N CYS B 337 2.55 27.85 -4.45
CA CYS B 337 2.48 26.50 -4.97
C CYS B 337 3.88 25.88 -5.11
N HIS B 338 3.90 24.56 -5.26
CA HIS B 338 5.10 23.81 -5.61
C HIS B 338 4.81 22.96 -6.82
N ILE B 339 5.43 23.30 -7.94
CA ILE B 339 5.27 22.55 -9.19
C ILE B 339 6.66 22.01 -9.53
N LYS B 340 6.95 20.80 -9.06
CA LYS B 340 8.30 20.25 -9.21
C LYS B 340 8.27 18.88 -9.86
N ASP B 341 9.43 18.22 -9.89
CA ASP B 341 9.61 16.94 -10.59
C ASP B 341 9.26 17.19 -12.06
N ILE B 342 8.71 16.18 -12.75
CA ILE B 342 8.30 16.36 -14.13
C ILE B 342 6.78 16.42 -14.20
N SER B 343 6.23 17.62 -14.11
CA SER B 343 4.79 17.84 -14.09
C SER B 343 4.42 18.86 -15.15
N VAL B 344 3.81 18.41 -16.23
CA VAL B 344 3.47 19.27 -17.35
C VAL B 344 2.06 19.83 -17.15
N LEU B 345 1.94 21.14 -17.20
CA LEU B 345 0.65 21.80 -17.07
C LEU B 345 0.13 22.20 -18.45
N GLY B 346 -1.15 21.93 -18.69
CA GLY B 346 -1.75 22.22 -19.98
C GLY B 346 -2.19 23.66 -20.09
N ASP B 347 -2.92 23.93 -21.18
CA ASP B 347 -3.41 25.27 -21.45
C ASP B 347 -4.48 25.67 -20.44
N ASP B 348 -4.42 26.92 -19.98
CA ASP B 348 -5.45 27.52 -19.15
C ASP B 348 -5.73 26.70 -17.89
N VAL B 349 -4.67 26.23 -17.24
CA VAL B 349 -4.78 25.51 -15.98
C VAL B 349 -4.56 26.48 -14.83
N GLU B 350 -5.50 26.52 -13.90
CA GLU B 350 -5.42 27.40 -12.74
C GLU B 350 -5.15 26.55 -11.50
N VAL B 351 -4.17 26.96 -10.70
CA VAL B 351 -3.76 26.24 -9.51
C VAL B 351 -4.01 27.14 -8.30
N LYS B 352 -4.70 26.60 -7.30
CA LYS B 352 -5.00 27.37 -6.09
C LYS B 352 -3.74 27.52 -5.23
N ASP B 353 -3.83 28.43 -4.26
CA ASP B 353 -2.69 28.72 -3.41
C ASP B 353 -2.32 27.51 -2.55
N GLY B 354 -1.03 27.28 -2.39
CA GLY B 354 -0.54 26.22 -1.53
C GLY B 354 -0.60 24.83 -2.10
N VAL B 355 -1.02 24.67 -3.35
CA VAL B 355 -1.14 23.36 -3.97
C VAL B 355 0.24 22.87 -4.38
N ILE B 356 0.56 21.64 -3.99
CA ILE B 356 1.85 21.03 -4.31
C ILE B 356 1.63 19.98 -5.38
N LEU B 357 2.21 20.19 -6.55
CA LEU B 357 2.13 19.25 -7.67
C LEU B 357 3.51 18.66 -7.90
N ILE B 358 3.60 17.33 -7.87
CA ILE B 358 4.87 16.62 -8.04
C ILE B 358 4.65 15.56 -9.11
N GLY B 359 5.06 15.86 -10.34
CA GLY B 359 4.99 14.88 -11.41
C GLY B 359 3.61 14.59 -11.93
N THR B 360 2.66 15.51 -11.75
CA THR B 360 1.28 15.32 -12.18
C THR B 360 1.02 16.18 -13.41
N LYS B 361 0.56 15.54 -14.49
CA LYS B 361 0.21 16.25 -15.72
C LYS B 361 -1.25 16.65 -15.68
N VAL B 362 -1.52 17.93 -15.95
CA VAL B 362 -2.87 18.47 -15.90
C VAL B 362 -3.33 18.76 -17.32
N LEU B 363 -4.50 18.22 -17.68
CA LEU B 363 -5.07 18.46 -18.99
C LEU B 363 -5.58 19.89 -19.09
N PRO B 364 -5.74 20.42 -20.30
CA PRO B 364 -6.13 21.82 -20.45
C PRO B 364 -7.47 22.13 -19.83
N ASN B 365 -7.62 23.37 -19.36
CA ASN B 365 -8.86 23.89 -18.79
C ASN B 365 -9.29 23.08 -17.56
N LYS B 366 -8.42 23.10 -16.55
CA LYS B 366 -8.68 22.42 -15.30
C LYS B 366 -8.30 23.34 -14.14
N ASP B 367 -8.93 23.12 -13.00
CA ASP B 367 -8.62 23.83 -11.77
C ASP B 367 -8.11 22.82 -10.75
N VAL B 368 -6.91 23.04 -10.22
CA VAL B 368 -6.30 22.14 -9.25
C VAL B 368 -6.36 22.81 -7.88
N GLY B 369 -6.94 22.10 -6.92
CA GLY B 369 -7.05 22.62 -5.57
C GLY B 369 -6.60 21.64 -4.52
N GLU B 370 -6.22 20.43 -4.95
CA GLU B 370 -5.80 19.38 -4.05
C GLU B 370 -4.34 19.04 -4.28
N HIS B 371 -3.67 18.63 -3.20
CA HIS B 371 -2.28 18.24 -3.29
C HIS B 371 -2.14 16.90 -4.01
N ARG B 372 -0.99 16.68 -4.63
CA ARG B 372 -0.71 15.42 -5.30
C ARG B 372 0.78 15.15 -5.17
N PHE B 373 1.14 14.24 -4.27
CA PHE B 373 2.53 13.94 -3.97
C PHE B 373 3.11 12.80 -4.79
N GLU B 374 2.33 12.22 -5.69
CA GLU B 374 2.79 11.11 -6.50
C GLU B 374 2.55 11.42 -7.97
N PRO B 375 3.36 10.86 -8.87
CA PRO B 375 3.12 11.05 -10.31
C PRO B 375 1.75 10.52 -10.71
N GLY B 376 1.09 11.25 -11.59
CA GLY B 376 -0.24 10.89 -12.00
C GLY B 376 -0.77 11.84 -13.04
N ILE B 377 -2.06 11.70 -13.34
CA ILE B 377 -2.73 12.50 -14.35
C ILE B 377 -3.96 13.16 -13.72
N ILE B 378 -4.16 14.43 -14.04
CA ILE B 378 -5.34 15.17 -13.60
C ILE B 378 -6.19 15.45 -14.83
N MET B 379 -7.41 14.93 -14.84
CA MET B 379 -8.30 15.11 -15.98
C MET B 379 -8.83 16.54 -16.04
N MET C 9 14.13 -56.27 -13.64
CA MET C 9 12.88 -57.00 -13.77
C MET C 9 11.78 -56.34 -12.95
N ARG C 10 12.17 -55.44 -12.05
CA ARG C 10 11.22 -54.75 -11.18
C ARG C 10 11.65 -53.30 -11.03
N ALA C 11 10.69 -52.47 -10.62
CA ALA C 11 10.93 -51.06 -10.41
C ALA C 11 10.26 -50.61 -9.13
N VAL C 12 10.79 -49.53 -8.54
CA VAL C 12 10.27 -48.98 -7.28
C VAL C 12 9.86 -47.55 -7.59
N ILE C 13 8.58 -47.36 -7.89
CA ILE C 13 8.05 -46.03 -8.16
C ILE C 13 7.58 -45.43 -6.84
N LEU C 14 8.34 -44.48 -6.31
CA LEU C 14 7.98 -43.82 -5.06
C LEU C 14 6.73 -42.98 -5.28
N VAL C 15 5.63 -43.38 -4.64
CA VAL C 15 4.35 -42.69 -4.79
C VAL C 15 3.84 -42.12 -3.47
N GLY C 16 4.48 -42.42 -2.35
CA GLY C 16 4.04 -41.89 -1.07
C GLY C 16 4.57 -40.51 -0.78
N GLY C 17 3.68 -39.51 -0.78
CA GLY C 17 4.07 -38.14 -0.52
C GLY C 17 2.88 -37.20 -0.50
N PHE C 18 2.93 -36.18 0.35
CA PHE C 18 1.78 -35.30 0.52
C PHE C 18 1.53 -34.41 -0.69
N GLY C 19 2.55 -34.15 -1.51
CA GLY C 19 2.38 -33.28 -2.65
C GLY C 19 2.04 -31.85 -2.25
N THR C 20 2.77 -31.32 -1.28
CA THR C 20 2.45 -30.00 -0.74
C THR C 20 2.59 -28.90 -1.78
N ARG C 21 3.48 -29.08 -2.76
CA ARG C 21 3.67 -28.04 -3.77
C ARG C 21 2.49 -27.96 -4.72
N LEU C 22 2.00 -29.10 -5.19
CA LEU C 22 0.81 -29.16 -6.05
C LEU C 22 -0.45 -29.33 -5.21
N ARG C 23 -0.65 -28.43 -4.24
CA ARG C 23 -1.63 -28.69 -3.19
C ARG C 23 -3.08 -28.58 -3.66
N PRO C 24 -3.49 -27.55 -4.40
CA PRO C 24 -4.92 -27.45 -4.73
C PRO C 24 -5.47 -28.64 -5.50
N LEU C 25 -4.63 -29.34 -6.25
CA LEU C 25 -5.07 -30.54 -6.96
C LEU C 25 -4.84 -31.82 -6.17
N THR C 26 -3.88 -31.83 -5.24
CA THR C 26 -3.56 -33.03 -4.50
C THR C 26 -4.37 -33.17 -3.21
N LEU C 27 -5.28 -32.25 -2.93
CA LEU C 27 -6.20 -32.44 -1.82
C LEU C 27 -7.27 -33.49 -2.12
N THR C 28 -7.43 -33.87 -3.38
CA THR C 28 -8.40 -34.87 -3.79
C THR C 28 -7.74 -36.18 -4.20
N THR C 29 -6.67 -36.13 -4.97
CA THR C 29 -5.96 -37.32 -5.44
C THR C 29 -4.48 -37.19 -5.15
N PRO C 30 -3.78 -38.31 -4.97
CA PRO C 30 -2.34 -38.23 -4.74
C PRO C 30 -1.61 -37.65 -5.94
N LYS C 31 -0.46 -37.03 -5.67
CA LYS C 31 0.32 -36.42 -6.75
C LYS C 31 0.67 -37.39 -7.88
N PRO C 32 0.99 -38.66 -7.63
CA PRO C 32 1.20 -39.56 -8.78
C PRO C 32 -0.01 -39.68 -9.69
N LEU C 33 -1.22 -39.56 -9.16
CA LEU C 33 -2.42 -39.83 -9.94
C LEU C 33 -3.07 -38.60 -10.53
N VAL C 34 -2.53 -37.40 -10.31
CA VAL C 34 -3.10 -36.23 -10.96
C VAL C 34 -2.63 -36.23 -12.41
N PRO C 35 -3.56 -36.20 -13.38
CA PRO C 35 -3.15 -36.31 -14.79
C PRO C 35 -2.22 -35.19 -15.20
N PHE C 36 -1.25 -35.53 -16.05
CA PHE C 36 -0.30 -34.55 -16.56
C PHE C 36 -0.80 -33.90 -17.84
N CYS C 37 -1.00 -34.68 -18.89
CA CYS C 37 -1.60 -34.20 -20.12
C CYS C 37 -2.96 -34.83 -20.38
N ASN C 38 -3.01 -36.16 -20.48
CA ASN C 38 -4.28 -36.89 -20.53
C ASN C 38 -4.26 -38.15 -19.68
N LYS C 39 -3.15 -38.49 -19.05
CA LYS C 39 -2.99 -39.67 -18.22
C LYS C 39 -2.30 -39.28 -16.93
N PRO C 40 -2.47 -40.07 -15.86
CA PRO C 40 -1.79 -39.75 -14.60
C PRO C 40 -0.28 -39.76 -14.77
N MET C 41 0.39 -38.96 -13.93
CA MET C 41 1.84 -38.81 -14.03
C MET C 41 2.55 -40.16 -13.96
N ILE C 42 2.07 -41.06 -13.10
CA ILE C 42 2.72 -42.35 -12.96
C ILE C 42 2.51 -43.21 -14.20
N ILE C 43 1.45 -42.96 -14.96
CA ILE C 43 1.11 -43.82 -16.09
C ILE C 43 2.18 -43.72 -17.19
N HIS C 44 2.72 -42.52 -17.40
CA HIS C 44 3.80 -42.38 -18.39
C HIS C 44 5.01 -43.22 -17.99
N GLN C 45 5.39 -43.17 -16.71
CA GLN C 45 6.52 -43.97 -16.25
C GLN C 45 6.23 -45.46 -16.34
N ILE C 46 4.99 -45.85 -16.03
CA ILE C 46 4.63 -47.27 -16.11
C ILE C 46 4.67 -47.75 -17.56
N GLU C 47 4.23 -46.91 -18.51
CA GLU C 47 4.32 -47.28 -19.91
C GLU C 47 5.77 -47.38 -20.37
N ALA C 48 6.63 -46.46 -19.91
CA ALA C 48 8.05 -46.57 -20.26
C ALA C 48 8.65 -47.85 -19.70
N LEU C 49 8.33 -48.18 -18.45
CA LEU C 49 8.83 -49.42 -17.85
C LEU C 49 8.29 -50.65 -18.56
N LYS C 50 7.05 -50.59 -19.07
CA LYS C 50 6.53 -51.68 -19.87
C LYS C 50 7.28 -51.79 -21.19
N ALA C 51 7.67 -50.65 -21.76
CA ALA C 51 8.47 -50.65 -22.98
C ALA C 51 9.82 -51.32 -22.75
N VAL C 52 10.48 -51.01 -21.64
CA VAL C 52 11.71 -51.71 -21.27
C VAL C 52 11.28 -53.05 -20.66
N GLY C 53 12.22 -53.96 -20.45
CA GLY C 53 11.87 -55.30 -20.00
C GLY C 53 11.68 -55.48 -18.51
N VAL C 54 10.56 -54.96 -17.97
CA VAL C 54 10.14 -55.28 -16.61
C VAL C 54 8.65 -55.60 -16.64
N THR C 55 8.20 -56.31 -15.61
CA THR C 55 6.81 -56.72 -15.56
C THR C 55 6.10 -56.33 -14.28
N GLU C 56 6.78 -56.38 -13.13
CA GLU C 56 6.18 -56.09 -11.85
C GLU C 56 6.71 -54.77 -11.31
N VAL C 57 5.80 -53.88 -10.93
CA VAL C 57 6.14 -52.58 -10.34
C VAL C 57 5.58 -52.53 -8.93
N ILE C 58 6.43 -52.19 -7.97
CA ILE C 58 6.02 -52.08 -6.57
C ILE C 58 5.88 -50.59 -6.23
N LEU C 59 4.80 -50.24 -5.54
CA LEU C 59 4.50 -48.86 -5.19
C LEU C 59 4.59 -48.70 -3.68
N ALA C 60 5.28 -47.65 -3.24
CA ALA C 60 5.39 -47.32 -1.82
C ALA C 60 4.47 -46.13 -1.57
N VAL C 61 3.20 -46.43 -1.28
CA VAL C 61 2.17 -45.42 -1.11
C VAL C 61 2.00 -45.12 0.38
N ALA C 62 2.07 -43.84 0.74
CA ALA C 62 1.92 -43.41 2.13
C ALA C 62 0.80 -42.41 2.32
N TYR C 63 0.71 -41.39 1.46
CA TYR C 63 -0.22 -40.28 1.69
C TYR C 63 -1.67 -40.75 1.63
N ARG C 64 -2.01 -41.58 0.66
CA ARG C 64 -3.41 -42.01 0.47
C ARG C 64 -3.40 -43.42 -0.09
N PRO C 65 -3.63 -44.44 0.74
CA PRO C 65 -3.72 -45.81 0.25
C PRO C 65 -4.99 -46.12 -0.53
N GLU C 66 -5.80 -45.11 -0.84
CA GLU C 66 -7.01 -45.28 -1.62
C GLU C 66 -6.77 -45.18 -3.13
N ALA C 67 -5.52 -44.99 -3.53
CA ALA C 67 -5.16 -45.06 -4.95
C ALA C 67 -5.22 -46.49 -5.49
N MET C 68 -5.48 -47.47 -4.64
CA MET C 68 -5.51 -48.86 -5.06
C MET C 68 -6.59 -49.10 -6.10
N LYS C 69 -7.77 -48.51 -5.93
CA LYS C 69 -8.85 -48.73 -6.89
C LYS C 69 -8.49 -48.16 -8.27
N GLU C 70 -7.92 -46.96 -8.32
CA GLU C 70 -7.52 -46.40 -9.59
C GLU C 70 -6.40 -47.21 -10.23
N GLN C 71 -5.45 -47.68 -9.43
CA GLN C 71 -4.38 -48.50 -9.98
C GLN C 71 -4.92 -49.82 -10.52
N MET C 72 -5.89 -50.43 -9.83
CA MET C 72 -6.52 -51.63 -10.34
C MET C 72 -7.28 -51.34 -11.63
N ASP C 73 -7.87 -50.15 -11.75
CA ASP C 73 -8.47 -49.75 -13.02
C ASP C 73 -7.40 -49.68 -14.11
N GLU C 74 -6.21 -49.19 -13.78
CA GLU C 74 -5.09 -49.14 -14.71
C GLU C 74 -4.24 -50.40 -14.68
N TRP C 75 -4.63 -51.40 -13.89
CA TRP C 75 -3.85 -52.63 -13.73
C TRP C 75 -3.94 -53.56 -14.93
N SER C 76 -4.84 -53.28 -15.89
CA SER C 76 -5.05 -54.21 -16.99
C SER C 76 -3.78 -54.39 -17.83
N ARG C 77 -3.07 -53.30 -18.09
CA ARG C 77 -1.92 -53.38 -19.00
C ARG C 77 -0.72 -54.05 -18.34
N LYS C 78 -0.44 -53.73 -17.08
CA LYS C 78 0.79 -54.18 -16.43
C LYS C 78 0.49 -54.70 -15.03
N LEU C 79 1.34 -55.62 -14.57
CA LEU C 79 1.19 -56.25 -13.26
C LEU C 79 1.79 -55.33 -12.20
N GLY C 80 1.01 -54.30 -11.84
CA GLY C 80 1.41 -53.38 -10.80
C GLY C 80 0.60 -53.55 -9.53
N VAL C 81 0.33 -54.80 -9.18
CA VAL C 81 -0.56 -55.10 -8.05
C VAL C 81 0.12 -54.88 -6.70
N SER C 82 1.44 -54.78 -6.67
CA SER C 82 2.15 -54.67 -5.40
C SER C 82 1.84 -53.34 -4.70
N PHE C 83 1.61 -53.42 -3.40
CA PHE C 83 1.29 -52.25 -2.59
C PHE C 83 1.73 -52.51 -1.16
N VAL C 84 2.62 -51.68 -0.64
CA VAL C 84 3.16 -51.86 0.71
C VAL C 84 3.10 -50.54 1.46
N PHE C 85 2.70 -50.61 2.74
CA PHE C 85 2.71 -49.48 3.63
C PHE C 85 2.48 -49.95 5.06
N SER C 86 3.27 -49.43 5.99
CA SER C 86 3.08 -49.69 7.41
C SER C 86 2.85 -48.42 8.21
N VAL C 87 3.69 -47.41 8.02
CA VAL C 87 3.56 -46.14 8.73
C VAL C 87 4.32 -45.09 7.93
N GLU C 88 3.93 -43.83 8.09
CA GLU C 88 4.55 -42.75 7.35
C GLU C 88 6.03 -42.63 7.70
N GLU C 89 6.89 -42.87 6.71
CA GLU C 89 8.33 -42.76 6.89
C GLU C 89 8.87 -41.44 6.34
N GLU C 90 8.66 -41.20 5.05
CA GLU C 90 9.12 -39.97 4.39
C GLU C 90 8.54 -39.87 2.99
N PRO C 91 8.19 -38.67 2.53
CA PRO C 91 7.84 -38.52 1.10
C PRO C 91 8.96 -38.95 0.19
N LEU C 92 10.22 -38.66 0.56
CA LEU C 92 11.36 -39.17 -0.20
C LEU C 92 11.44 -40.69 -0.09
N GLY C 93 11.04 -41.25 1.04
CA GLY C 93 10.88 -42.68 1.18
C GLY C 93 12.12 -43.50 0.93
N THR C 94 13.25 -43.08 1.49
CA THR C 94 14.47 -43.87 1.37
C THR C 94 14.27 -45.26 1.96
N ALA C 95 13.59 -45.34 3.11
CA ALA C 95 13.26 -46.62 3.71
C ALA C 95 12.22 -47.39 2.89
N GLY C 96 11.58 -46.75 1.91
CA GLY C 96 10.61 -47.39 1.06
C GLY C 96 11.07 -48.72 0.51
N PRO C 97 12.07 -48.70 -0.37
CA PRO C 97 12.65 -49.98 -0.84
C PRO C 97 13.28 -50.79 0.27
N LEU C 98 13.82 -50.12 1.30
CA LEU C 98 14.44 -50.85 2.41
C LEU C 98 13.38 -51.58 3.24
N ALA C 99 12.21 -50.97 3.43
CA ALA C 99 11.15 -51.63 4.16
C ALA C 99 10.57 -52.82 3.40
N LEU C 100 10.85 -52.92 2.10
CA LEU C 100 10.40 -54.03 1.28
C LEU C 100 11.60 -54.72 0.64
N ALA C 101 12.66 -54.93 1.43
CA ALA C 101 13.83 -55.63 0.93
C ALA C 101 13.56 -57.11 0.68
N ARG C 102 12.57 -57.68 1.37
CA ARG C 102 12.29 -59.10 1.22
C ARG C 102 11.69 -59.42 -0.15
N ASP C 103 10.79 -58.56 -0.64
CA ASP C 103 10.10 -58.85 -1.89
C ASP C 103 11.03 -58.71 -3.09
N ILE C 104 11.89 -57.68 -3.08
CA ILE C 104 12.79 -57.46 -4.22
C ILE C 104 13.83 -58.57 -4.29
N LEU C 105 14.31 -59.03 -3.13
CA LEU C 105 15.45 -59.95 -3.09
C LEU C 105 15.06 -61.36 -3.52
N MET C 106 14.11 -61.98 -2.81
CA MET C 106 13.87 -63.41 -2.98
C MET C 106 13.29 -63.75 -4.35
N GLN C 107 12.51 -62.86 -4.95
CA GLN C 107 11.93 -63.16 -6.25
C GLN C 107 13.00 -63.19 -7.36
N ASP C 108 13.86 -62.18 -7.40
CA ASP C 108 14.84 -62.08 -8.47
C ASP C 108 16.07 -61.34 -7.96
N ASP C 109 17.18 -61.52 -8.69
CA ASP C 109 18.44 -60.85 -8.39
C ASP C 109 18.79 -59.77 -9.38
N LYS C 110 17.92 -59.50 -10.36
CA LYS C 110 18.20 -58.49 -11.36
C LYS C 110 18.13 -57.09 -10.76
N PRO C 111 18.86 -56.13 -11.31
CA PRO C 111 18.79 -54.76 -10.80
C PRO C 111 17.38 -54.19 -10.92
N PHE C 112 17.03 -53.35 -9.95
CA PHE C 112 15.69 -52.78 -9.85
C PHE C 112 15.73 -51.28 -10.03
N PHE C 113 14.76 -50.74 -10.76
CA PHE C 113 14.67 -49.31 -10.98
C PHE C 113 14.07 -48.60 -9.78
N VAL C 114 14.43 -47.34 -9.61
CA VAL C 114 13.82 -46.46 -8.63
C VAL C 114 13.50 -45.14 -9.32
N LEU C 115 12.24 -44.73 -9.27
CA LEU C 115 11.78 -43.55 -10.00
C LEU C 115 10.94 -42.68 -9.09
N ASN C 116 11.02 -41.37 -9.33
CA ASN C 116 10.08 -40.43 -8.74
C ASN C 116 8.78 -40.46 -9.53
N SER C 117 7.67 -40.16 -8.85
CA SER C 117 6.37 -40.14 -9.49
C SER C 117 6.00 -38.77 -10.05
N ASP C 118 6.89 -37.79 -9.92
CA ASP C 118 6.62 -36.44 -10.40
C ASP C 118 7.65 -35.99 -11.43
N VAL C 119 8.27 -36.94 -12.12
CA VAL C 119 9.31 -36.67 -13.10
C VAL C 119 8.79 -37.03 -14.49
N THR C 120 9.01 -36.15 -15.45
CA THR C 120 8.70 -36.41 -16.84
C THR C 120 9.92 -36.07 -17.69
N CYS C 121 10.22 -36.93 -18.65
CA CYS C 121 11.37 -36.76 -19.53
C CYS C 121 11.20 -37.71 -20.70
N THR C 122 12.25 -37.85 -21.52
CA THR C 122 12.22 -38.76 -22.65
C THR C 122 12.08 -40.21 -22.20
N PHE C 123 12.49 -40.52 -20.97
CA PHE C 123 12.43 -41.86 -20.40
C PHE C 123 13.21 -42.84 -21.28
N PRO C 124 14.55 -42.75 -21.29
CA PRO C 124 15.34 -43.64 -22.15
C PRO C 124 15.09 -45.11 -21.88
N MET C 125 15.36 -45.54 -20.63
CA MET C 125 15.23 -46.94 -20.23
C MET C 125 15.93 -47.84 -21.24
N GLN C 126 17.13 -47.45 -21.64
CA GLN C 126 17.81 -48.08 -22.76
C GLN C 126 18.11 -49.54 -22.47
N GLU C 127 18.03 -50.37 -23.52
CA GLU C 127 18.39 -51.77 -23.39
C GLU C 127 19.90 -51.96 -23.23
N LEU C 128 20.68 -50.91 -23.46
CA LEU C 128 22.12 -50.98 -23.21
C LEU C 128 22.38 -51.30 -21.75
N LEU C 129 23.34 -52.17 -21.51
CA LEU C 129 23.56 -52.70 -20.16
C LEU C 129 23.95 -51.59 -19.19
N ASP C 130 24.94 -50.78 -19.55
CA ASP C 130 25.52 -49.79 -18.65
C ASP C 130 25.95 -50.45 -17.33
N PHE C 131 26.58 -51.61 -17.44
CA PHE C 131 27.02 -52.38 -16.29
C PHE C 131 28.35 -51.89 -15.72
N HIS C 132 28.99 -50.91 -16.36
CA HIS C 132 30.15 -50.26 -15.78
C HIS C 132 29.76 -49.12 -14.83
N LYS C 133 28.57 -48.54 -15.01
CA LYS C 133 28.05 -47.51 -14.13
C LYS C 133 26.55 -47.45 -14.32
N ALA C 134 25.80 -47.73 -13.25
CA ALA C 134 24.35 -47.88 -13.39
C ALA C 134 23.65 -46.52 -13.42
N HIS C 135 23.75 -45.75 -12.34
CA HIS C 135 23.01 -44.50 -12.24
C HIS C 135 23.73 -43.32 -12.90
N GLY C 136 25.05 -43.39 -13.06
CA GLY C 136 25.77 -42.26 -13.61
C GLY C 136 25.38 -41.95 -15.05
N GLY C 137 25.31 -42.97 -15.89
CA GLY C 137 24.90 -42.76 -17.27
C GLY C 137 23.45 -42.32 -17.40
N GLU C 138 22.56 -42.99 -16.67
CA GLU C 138 21.14 -42.62 -16.69
C GLU C 138 20.91 -41.47 -15.71
N GLY C 139 19.65 -41.16 -15.45
CA GLY C 139 19.31 -40.04 -14.60
C GLY C 139 19.88 -38.74 -15.14
N THR C 140 20.78 -38.12 -14.41
CA THR C 140 21.32 -36.84 -14.85
C THR C 140 22.48 -37.02 -15.84
N ILE C 141 22.23 -37.46 -17.08
CA ILE C 141 23.38 -37.68 -17.96
C ILE C 141 24.05 -36.35 -18.17
N MET C 142 25.36 -36.35 -18.19
CA MET C 142 26.07 -35.12 -18.42
C MET C 142 25.69 -34.72 -19.83
N VAL C 143 25.38 -33.45 -20.04
CA VAL C 143 25.11 -33.01 -21.41
C VAL C 143 26.31 -32.24 -21.96
N VAL C 146 18.33 -31.75 -14.94
CA VAL C 146 19.70 -31.68 -15.40
C VAL C 146 19.93 -30.41 -16.21
N THR C 147 21.04 -29.73 -15.90
CA THR C 147 21.42 -28.47 -16.57
C THR C 147 20.30 -27.43 -16.45
N GLN C 148 20.04 -27.05 -15.21
CA GLN C 148 18.97 -26.10 -14.91
C GLN C 148 19.30 -25.43 -13.58
N TRP C 149 18.31 -24.76 -12.99
CA TRP C 149 18.50 -24.05 -11.73
C TRP C 149 18.92 -25.01 -10.62
N GLU C 150 19.74 -24.51 -9.71
CA GLU C 150 20.21 -25.27 -8.55
C GLU C 150 19.35 -25.05 -7.31
N LYS C 151 18.29 -24.24 -7.42
CA LYS C 151 17.45 -23.98 -6.26
C LYS C 151 16.76 -25.25 -5.77
N TYR C 152 16.26 -26.07 -6.69
CA TYR C 152 15.60 -27.32 -6.35
C TYR C 152 16.42 -28.49 -6.90
N GLY C 153 16.36 -29.61 -6.21
CA GLY C 153 17.13 -30.78 -6.57
C GLY C 153 18.56 -30.70 -6.10
N VAL C 154 19.20 -31.86 -6.04
CA VAL C 154 20.58 -31.98 -5.57
C VAL C 154 21.55 -31.77 -6.72
N VAL C 155 22.58 -30.97 -6.47
CA VAL C 155 23.67 -30.80 -7.42
C VAL C 155 24.52 -32.07 -7.43
N VAL C 156 24.80 -32.57 -8.63
CA VAL C 156 25.66 -33.74 -8.81
C VAL C 156 26.87 -33.29 -9.60
N TYR C 157 28.05 -33.46 -9.02
CA TYR C 157 29.31 -33.07 -9.66
C TYR C 157 29.89 -34.32 -10.31
N SER C 158 29.75 -34.42 -11.63
CA SER C 158 30.20 -35.57 -12.38
C SER C 158 31.26 -35.15 -13.40
N PRO C 159 32.51 -35.59 -13.26
CA PRO C 159 33.50 -35.31 -14.31
C PRO C 159 33.28 -36.16 -15.55
N GLN C 160 34.19 -36.07 -16.51
CA GLN C 160 34.05 -36.82 -17.76
C GLN C 160 34.22 -38.32 -17.56
N ASN C 161 34.68 -38.77 -16.40
CA ASN C 161 34.85 -40.18 -16.11
C ASN C 161 33.68 -40.77 -15.32
N TYR C 162 32.60 -40.01 -15.15
CA TYR C 162 31.35 -40.49 -14.55
C TYR C 162 31.56 -40.96 -13.11
N GLN C 163 31.95 -40.02 -12.25
CA GLN C 163 32.05 -40.25 -10.81
C GLN C 163 31.21 -39.20 -10.08
N ILE C 164 30.72 -39.58 -8.90
CA ILE C 164 29.97 -38.67 -8.04
C ILE C 164 30.72 -38.56 -6.73
N GLU C 165 31.07 -37.33 -6.35
CA GLU C 165 31.79 -37.09 -5.10
C GLU C 165 31.05 -36.17 -4.14
N ARG C 166 30.29 -35.21 -4.64
CA ARG C 166 29.53 -34.30 -3.80
C ARG C 166 28.04 -34.48 -4.06
N PHE C 167 27.25 -34.40 -2.98
CA PHE C 167 25.82 -34.66 -3.03
C PHE C 167 25.16 -33.79 -1.95
N VAL C 168 24.76 -32.58 -2.34
CA VAL C 168 24.19 -31.61 -1.42
C VAL C 168 22.76 -31.30 -1.87
N GLU C 169 21.79 -31.63 -1.02
CA GLU C 169 20.39 -31.69 -1.47
C GLU C 169 19.88 -30.31 -1.89
N LYS C 170 20.02 -29.32 -1.02
CA LYS C 170 19.53 -27.96 -1.27
C LYS C 170 20.63 -26.97 -0.93
N PRO C 171 21.63 -26.83 -1.79
CA PRO C 171 22.71 -25.89 -1.52
C PRO C 171 22.21 -24.45 -1.58
N SER C 172 22.84 -23.59 -0.77
CA SER C 172 22.48 -22.18 -0.78
C SER C 172 22.94 -21.51 -2.08
N ARG C 173 24.26 -21.49 -2.32
CA ARG C 173 24.80 -21.01 -3.59
C ARG C 173 26.09 -21.79 -3.86
N PHE C 174 25.95 -22.89 -4.60
CA PHE C 174 27.07 -23.74 -4.95
C PHE C 174 27.26 -23.90 -6.45
N LEU C 175 26.50 -23.17 -7.26
CA LEU C 175 26.50 -23.33 -8.72
C LEU C 175 26.17 -24.80 -9.01
N GLY C 176 26.78 -25.37 -10.04
CA GLY C 176 26.51 -26.76 -10.34
C GLY C 176 25.14 -26.96 -10.95
N ASP C 177 24.96 -26.50 -12.19
CA ASP C 177 23.67 -26.60 -12.85
C ASP C 177 23.19 -28.04 -12.98
N ARG C 178 24.09 -29.01 -12.91
CA ARG C 178 23.75 -30.41 -13.13
C ARG C 178 22.99 -30.94 -11.92
N ILE C 179 21.77 -31.44 -12.14
CA ILE C 179 20.96 -32.07 -11.10
C ILE C 179 20.42 -33.38 -11.64
N ASN C 180 20.05 -34.27 -10.72
CA ASN C 180 19.61 -35.60 -11.11
C ASN C 180 18.27 -35.52 -11.83
N ALA C 181 18.05 -36.42 -12.78
CA ALA C 181 16.73 -36.51 -13.39
C ALA C 181 15.68 -36.99 -12.41
N GLY C 182 16.06 -37.90 -11.51
CA GLY C 182 15.12 -38.53 -10.60
C GLY C 182 14.91 -40.00 -10.86
N ILE C 183 15.47 -40.53 -11.93
CA ILE C 183 15.39 -41.95 -12.25
C ILE C 183 16.66 -42.63 -11.74
N TYR C 184 16.50 -43.59 -10.85
CA TYR C 184 17.61 -44.28 -10.22
C TYR C 184 17.54 -45.77 -10.53
N ILE C 185 18.71 -46.39 -10.68
CA ILE C 185 18.83 -47.84 -10.82
C ILE C 185 19.85 -48.32 -9.82
N PHE C 186 19.46 -49.30 -9.00
CA PHE C 186 20.31 -49.82 -7.93
C PHE C 186 20.36 -51.33 -8.01
N ASN C 187 21.45 -51.90 -7.51
CA ASN C 187 21.58 -53.34 -7.39
C ASN C 187 21.13 -53.78 -6.00
N LYS C 188 21.15 -55.09 -5.77
CA LYS C 188 20.66 -55.63 -4.50
C LYS C 188 21.56 -55.25 -3.33
N SER C 189 22.78 -54.79 -3.59
CA SER C 189 23.65 -54.37 -2.50
C SER C 189 23.14 -53.09 -1.85
N ILE C 190 22.46 -52.23 -2.61
CA ILE C 190 22.00 -50.96 -2.06
C ILE C 190 20.94 -51.19 -0.99
N LEU C 191 19.94 -52.02 -1.29
CA LEU C 191 18.88 -52.28 -0.33
C LEU C 191 19.40 -52.97 0.93
N ASP C 192 20.51 -53.70 0.84
CA ASP C 192 21.13 -54.33 1.99
C ASP C 192 22.27 -53.50 2.58
N ARG C 193 22.53 -52.32 2.03
CA ARG C 193 23.66 -51.51 2.51
C ARG C 193 23.29 -50.74 3.77
N ILE C 194 22.34 -49.82 3.66
CA ILE C 194 21.94 -48.98 4.79
C ILE C 194 20.42 -49.03 4.91
N PRO C 195 19.85 -50.05 5.55
CA PRO C 195 18.43 -50.03 5.91
C PRO C 195 18.22 -49.50 7.32
N PRO C 196 18.22 -48.17 7.52
CA PRO C 196 18.20 -47.64 8.89
C PRO C 196 16.87 -47.84 9.61
N ARG C 197 15.84 -48.33 8.93
CA ARG C 197 14.52 -48.61 9.49
C ARG C 197 13.77 -47.35 9.88
N ARG C 198 14.18 -46.18 9.40
CA ARG C 198 13.48 -44.94 9.69
C ARG C 198 13.73 -43.94 8.57
N ALA C 199 13.19 -42.73 8.73
CA ALA C 199 13.27 -41.72 7.69
C ALA C 199 14.72 -41.33 7.40
N SER C 200 15.01 -41.15 6.12
CA SER C 200 16.33 -40.72 5.66
C SER C 200 16.19 -40.16 4.26
N ILE C 201 17.23 -39.46 3.81
CA ILE C 201 17.18 -38.79 2.51
C ILE C 201 18.09 -39.51 1.51
N GLU C 202 17.54 -40.51 0.82
CA GLU C 202 18.14 -41.16 -0.33
C GLU C 202 19.41 -41.95 0.00
N LYS C 203 19.90 -41.80 1.23
CA LYS C 203 21.09 -42.49 1.74
C LYS C 203 22.16 -42.65 0.68
N GLU C 204 22.53 -41.54 0.05
CA GLU C 204 23.53 -41.56 -1.02
C GLU C 204 24.93 -41.51 -0.40
N ILE C 205 25.69 -42.60 -0.60
CA ILE C 205 27.04 -42.71 -0.05
C ILE C 205 28.01 -42.75 -1.22
N PHE C 206 27.65 -42.06 -2.31
CA PHE C 206 28.56 -41.96 -3.45
C PHE C 206 29.93 -41.38 -3.12
N PRO C 207 30.09 -40.64 -1.99
CA PRO C 207 31.47 -40.31 -1.66
C PRO C 207 32.36 -41.57 -1.66
N ALA C 208 31.89 -42.68 -1.11
CA ALA C 208 32.68 -43.91 -1.04
C ALA C 208 33.07 -44.60 -2.33
N MET C 209 32.17 -44.68 -3.30
CA MET C 209 32.46 -45.46 -4.52
C MET C 209 32.32 -44.71 -5.84
N ALA C 210 32.99 -45.20 -6.88
CA ALA C 210 32.95 -44.49 -8.17
C ALA C 210 32.28 -45.17 -9.39
N ALA C 211 32.20 -46.49 -9.43
CA ALA C 211 31.63 -47.18 -10.61
C ALA C 211 31.09 -48.60 -10.41
N GLU C 212 30.18 -49.07 -11.28
CA GLU C 212 29.64 -50.46 -11.23
C GLU C 212 28.70 -50.77 -10.09
N GLY C 213 29.14 -50.53 -8.86
CA GLY C 213 28.33 -50.81 -7.68
C GLY C 213 27.15 -49.89 -7.71
N GLN C 214 26.05 -50.27 -7.07
CA GLN C 214 24.82 -49.49 -7.15
C GLN C 214 24.30 -49.59 -8.55
N LEU C 220 20.18 -36.50 -18.90
CA LEU C 220 19.27 -37.15 -19.78
C LEU C 220 19.47 -36.39 -21.06
N GLU C 221 19.52 -37.09 -22.19
CA GLU C 221 19.58 -36.37 -23.43
C GLU C 221 18.14 -36.24 -23.84
N GLY C 222 17.60 -35.04 -23.74
CA GLY C 222 16.20 -34.85 -24.04
C GLY C 222 15.62 -33.92 -23.01
N PHE C 223 14.43 -33.41 -23.23
CA PHE C 223 13.77 -32.55 -22.26
C PHE C 223 13.65 -33.26 -20.92
N TRP C 224 13.52 -32.44 -19.87
CA TRP C 224 13.31 -32.96 -18.53
C TRP C 224 12.68 -31.87 -17.68
N MET C 225 11.75 -32.25 -16.81
CA MET C 225 11.10 -31.29 -15.92
C MET C 225 10.54 -32.02 -14.72
N ASP C 226 10.75 -31.44 -13.54
CA ASP C 226 10.19 -31.96 -12.29
C ASP C 226 8.77 -31.43 -12.18
N VAL C 227 7.80 -32.23 -12.61
CA VAL C 227 6.41 -31.79 -12.68
C VAL C 227 5.79 -32.08 -11.31
N GLY C 228 6.00 -31.15 -10.39
CA GLY C 228 5.44 -31.26 -9.06
C GLY C 228 5.04 -29.91 -8.51
N GLN C 229 5.13 -28.88 -9.34
CA GLN C 229 4.79 -27.50 -9.00
C GLN C 229 3.95 -26.93 -10.13
N PRO C 230 2.99 -26.06 -9.81
CA PRO C 230 2.12 -25.51 -10.88
C PRO C 230 2.87 -24.86 -12.03
N LYS C 231 3.81 -23.95 -11.74
CA LYS C 231 4.61 -23.37 -12.82
C LYS C 231 5.46 -24.43 -13.50
N ASP C 232 6.06 -25.33 -12.71
CA ASP C 232 6.79 -26.45 -13.30
C ASP C 232 5.86 -27.39 -14.06
N TYR C 233 4.62 -27.55 -13.59
CA TYR C 233 3.65 -28.35 -14.34
C TYR C 233 3.42 -27.75 -15.73
N ILE C 234 3.18 -26.44 -15.78
CA ILE C 234 2.92 -25.80 -17.07
C ILE C 234 4.14 -25.88 -17.97
N LEU C 235 5.33 -25.63 -17.42
CA LEU C 235 6.53 -25.66 -18.24
C LEU C 235 6.82 -27.08 -18.74
N GLY C 236 6.60 -28.08 -17.89
CA GLY C 236 6.80 -29.45 -18.33
C GLY C 236 5.80 -29.86 -19.40
N MET C 237 4.56 -29.39 -19.29
CA MET C 237 3.60 -29.63 -20.36
C MET C 237 4.05 -28.99 -21.66
N THR C 238 4.57 -27.76 -21.57
CA THR C 238 5.08 -27.07 -22.75
C THR C 238 6.21 -27.84 -23.41
N LYS C 239 7.12 -28.39 -22.60
CA LYS C 239 8.23 -29.16 -23.14
C LYS C 239 7.80 -30.54 -23.63
N PHE C 240 6.73 -31.10 -23.06
CA PHE C 240 6.33 -32.47 -23.35
C PHE C 240 5.40 -32.58 -24.55
N ILE C 241 4.60 -31.55 -24.84
CA ILE C 241 3.67 -31.63 -25.97
C ILE C 241 4.39 -31.87 -27.29
N PRO C 242 5.43 -31.13 -27.68
CA PRO C 242 6.06 -31.40 -28.98
C PRO C 242 6.71 -32.77 -29.06
N SER C 243 7.27 -33.29 -27.97
CA SER C 243 7.96 -34.56 -28.01
C SER C 243 7.02 -35.75 -28.19
N LEU C 244 5.72 -35.56 -27.98
CA LEU C 244 4.75 -36.64 -28.08
C LEU C 244 4.11 -36.73 -29.47
N VAL C 245 4.44 -35.80 -30.37
CA VAL C 245 3.81 -35.76 -31.68
C VAL C 245 4.17 -37.00 -32.52
N HIS C 246 5.25 -37.68 -32.17
CA HIS C 246 5.71 -38.80 -32.99
C HIS C 246 4.85 -40.05 -32.80
N GLY C 247 4.33 -40.28 -31.60
CA GLY C 247 3.69 -41.54 -31.30
C GLY C 247 2.20 -41.51 -31.00
N ASN C 248 1.72 -40.42 -30.40
CA ASN C 248 0.33 -40.36 -29.94
C ASN C 248 -0.53 -39.72 -31.03
N ARG C 249 -1.35 -40.54 -31.69
CA ARG C 249 -2.27 -40.12 -32.75
C ARG C 249 -1.57 -39.43 -33.91
N GLU C 250 -0.25 -39.54 -34.01
CA GLU C 250 0.53 -38.92 -35.07
C GLU C 250 0.25 -37.44 -35.22
N HIS C 255 -5.48 -30.29 -40.46
CA HIS C 255 -5.57 -31.24 -39.36
C HIS C 255 -4.18 -31.67 -38.92
N THR C 256 -3.15 -31.14 -39.58
CA THR C 256 -1.77 -31.46 -39.27
C THR C 256 -1.13 -30.50 -38.28
N GLU C 257 -1.87 -29.49 -37.81
CA GLU C 257 -1.27 -28.51 -36.90
C GLU C 257 -1.10 -29.09 -35.50
N ALA C 258 -2.07 -29.88 -35.03
CA ALA C 258 -2.04 -30.43 -33.69
C ALA C 258 -2.44 -31.90 -33.73
N VAL C 259 -2.46 -32.52 -32.55
CA VAL C 259 -2.87 -33.92 -32.45
C VAL C 259 -4.34 -34.07 -32.82
N GLU C 260 -5.19 -33.17 -32.31
CA GLU C 260 -6.61 -33.17 -32.64
C GLU C 260 -7.00 -31.79 -33.16
N HIS C 261 -7.71 -31.77 -34.29
CA HIS C 261 -8.10 -30.52 -34.93
C HIS C 261 -9.57 -30.46 -35.32
N GLN C 262 -10.33 -31.56 -35.21
CA GLN C 262 -11.75 -31.55 -35.55
C GLN C 262 -12.46 -32.53 -34.63
N ARG C 263 -13.04 -32.01 -33.55
CA ARG C 263 -13.79 -32.84 -32.62
C ARG C 263 -15.20 -32.30 -32.41
N GLY C 264 -15.35 -30.98 -32.46
CA GLY C 264 -16.65 -30.37 -32.33
C GLY C 264 -16.79 -29.10 -33.15
N GLY C 265 -17.81 -29.05 -34.01
CA GLY C 265 -18.00 -27.87 -34.84
C GLY C 265 -16.80 -27.64 -35.74
N ARG C 266 -16.26 -26.42 -35.69
CA ARG C 266 -15.06 -26.07 -36.44
C ARG C 266 -14.27 -25.08 -35.62
N PHE C 267 -13.13 -25.52 -35.10
CA PHE C 267 -12.27 -24.69 -34.27
C PHE C 267 -10.86 -24.69 -34.85
N THR C 268 -10.11 -23.64 -34.52
CA THR C 268 -8.75 -23.48 -34.98
C THR C 268 -7.77 -23.75 -33.85
N VAL C 269 -6.62 -24.30 -34.18
CA VAL C 269 -5.59 -24.66 -33.22
C VAL C 269 -4.29 -23.95 -33.59
N ILE C 270 -3.64 -23.35 -32.61
CA ILE C 270 -2.33 -22.74 -32.78
C ILE C 270 -1.32 -23.60 -32.06
N GLY C 271 -0.37 -24.17 -32.81
CA GLY C 271 0.59 -25.07 -32.24
C GLY C 271 0.01 -26.45 -31.97
N ALA C 272 0.79 -27.26 -31.26
CA ALA C 272 0.40 -28.62 -30.94
C ALA C 272 -0.33 -28.67 -29.60
N SER C 273 -1.31 -29.57 -29.51
CA SER C 273 -2.08 -29.75 -28.30
C SER C 273 -2.76 -31.11 -28.34
N LEU C 274 -3.06 -31.65 -27.16
CA LEU C 274 -3.75 -32.91 -27.03
C LEU C 274 -5.19 -32.67 -26.61
N ILE C 275 -6.13 -33.24 -27.37
CA ILE C 275 -7.54 -33.14 -27.07
C ILE C 275 -8.12 -34.54 -27.11
N ASP C 276 -8.69 -34.98 -25.98
CA ASP C 276 -9.24 -36.32 -25.89
C ASP C 276 -10.46 -36.41 -26.80
N PRO C 277 -10.54 -37.42 -27.69
CA PRO C 277 -11.69 -37.53 -28.60
C PRO C 277 -13.06 -37.53 -27.92
N SER C 278 -13.09 -37.72 -26.60
CA SER C 278 -14.35 -37.64 -25.87
C SER C 278 -14.79 -36.21 -25.57
N ALA C 279 -13.91 -35.24 -25.75
CA ALA C 279 -14.23 -33.86 -25.45
C ALA C 279 -15.10 -33.25 -26.55
N LYS C 280 -15.74 -32.13 -26.23
CA LYS C 280 -16.53 -31.37 -27.18
C LYS C 280 -16.04 -29.93 -27.20
N ILE C 281 -15.78 -29.40 -28.39
CA ILE C 281 -15.24 -28.05 -28.56
C ILE C 281 -16.25 -27.23 -29.35
N GLY C 282 -16.49 -26.02 -28.90
CA GLY C 282 -17.45 -25.15 -29.57
C GLY C 282 -16.92 -24.60 -30.88
N ASP C 283 -17.80 -23.92 -31.61
CA ASP C 283 -17.46 -23.37 -32.91
C ASP C 283 -16.69 -22.06 -32.71
N GLY C 284 -15.43 -22.05 -33.12
CA GLY C 284 -14.61 -20.86 -33.05
C GLY C 284 -13.61 -20.82 -31.92
N ALA C 285 -13.54 -21.86 -31.10
CA ALA C 285 -12.56 -21.90 -30.02
C ALA C 285 -11.15 -21.95 -30.60
N VAL C 286 -10.21 -21.37 -29.85
CA VAL C 286 -8.82 -21.29 -30.28
C VAL C 286 -7.99 -22.03 -29.24
N ILE C 287 -7.73 -23.32 -29.50
CA ILE C 287 -6.89 -24.12 -28.61
C ILE C 287 -5.45 -23.70 -28.83
N GLY C 288 -4.86 -23.07 -27.82
CA GLY C 288 -3.55 -22.48 -27.95
C GLY C 288 -2.43 -23.50 -27.95
N PRO C 289 -1.19 -23.03 -27.90
CA PRO C 289 -0.05 -23.95 -27.94
C PRO C 289 0.10 -24.70 -26.64
N TYR C 290 0.31 -26.01 -26.76
CA TYR C 290 0.59 -26.89 -25.63
C TYR C 290 -0.53 -26.83 -24.58
N ALA C 291 -1.72 -27.23 -25.02
CA ALA C 291 -2.89 -27.31 -24.15
C ALA C 291 -3.42 -28.73 -24.13
N SER C 292 -4.02 -29.11 -23.00
CA SER C 292 -4.56 -30.45 -22.83
C SER C 292 -6.01 -30.35 -22.39
N ILE C 293 -6.88 -31.11 -23.05
CA ILE C 293 -8.31 -31.15 -22.74
C ILE C 293 -8.67 -32.56 -22.30
N GLY C 294 -9.26 -32.68 -21.13
CA GLY C 294 -9.52 -33.98 -20.54
C GLY C 294 -10.76 -34.65 -21.11
N ALA C 295 -11.03 -35.84 -20.57
CA ALA C 295 -12.18 -36.62 -21.01
C ALA C 295 -13.49 -35.94 -20.63
N ASN C 296 -14.47 -36.04 -21.53
CA ASN C 296 -15.83 -35.56 -21.30
C ASN C 296 -15.89 -34.06 -21.06
N CYS C 297 -14.76 -33.37 -21.21
CA CYS C 297 -14.73 -31.93 -21.00
C CYS C 297 -15.46 -31.21 -22.13
N VAL C 298 -16.11 -30.11 -21.80
CA VAL C 298 -16.85 -29.30 -22.75
C VAL C 298 -16.24 -27.92 -22.79
N ILE C 299 -15.92 -27.45 -24.00
CA ILE C 299 -15.31 -26.15 -24.23
C ILE C 299 -16.31 -25.27 -24.98
N GLY C 300 -16.46 -24.05 -24.52
CA GLY C 300 -17.46 -23.14 -25.07
C GLY C 300 -17.17 -22.75 -26.51
N GLU C 301 -17.94 -21.78 -26.98
CA GLU C 301 -17.91 -21.42 -28.39
C GLU C 301 -16.59 -20.75 -28.77
N SER C 302 -16.16 -19.77 -28.00
CA SER C 302 -15.01 -18.94 -28.38
C SER C 302 -14.00 -18.85 -27.24
N CYS C 303 -13.66 -20.00 -26.66
CA CYS C 303 -12.68 -20.01 -25.59
C CYS C 303 -11.28 -19.82 -26.15
N ARG C 304 -10.29 -19.80 -25.25
CA ARG C 304 -8.88 -19.68 -25.61
C ARG C 304 -8.09 -20.48 -24.59
N ILE C 305 -7.71 -21.70 -24.94
CA ILE C 305 -6.98 -22.60 -24.04
C ILE C 305 -5.50 -22.43 -24.40
N ASP C 306 -4.86 -21.45 -23.78
CA ASP C 306 -3.47 -21.11 -24.08
C ASP C 306 -2.58 -21.70 -23.00
N ASN C 307 -1.91 -22.80 -23.32
CA ASN C 307 -0.98 -23.46 -22.41
C ASN C 307 -1.67 -23.81 -21.07
N ALA C 308 -2.93 -24.19 -21.15
CA ALA C 308 -3.73 -24.53 -19.98
C ALA C 308 -4.17 -25.98 -20.07
N ALA C 309 -4.34 -26.60 -18.91
CA ALA C 309 -4.75 -27.99 -18.81
C ALA C 309 -6.13 -28.07 -18.18
N ILE C 310 -7.06 -28.72 -18.88
CA ILE C 310 -8.39 -28.99 -18.37
C ILE C 310 -8.45 -30.46 -18.01
N LEU C 311 -8.74 -30.76 -16.73
CA LEU C 311 -8.47 -32.09 -16.21
C LEU C 311 -9.52 -33.11 -16.65
N GLU C 312 -10.77 -32.92 -16.24
CA GLU C 312 -11.80 -33.91 -16.56
C GLU C 312 -13.17 -33.35 -16.20
N ASN C 313 -14.15 -33.61 -17.07
CA ASN C 313 -15.55 -33.28 -16.88
C ASN C 313 -15.81 -31.80 -16.67
N SER C 314 -14.79 -30.95 -16.86
CA SER C 314 -14.96 -29.53 -16.66
C SER C 314 -15.75 -28.91 -17.80
N LYS C 315 -16.61 -27.94 -17.47
CA LYS C 315 -17.42 -27.24 -18.45
C LYS C 315 -17.01 -25.78 -18.47
N VAL C 316 -16.89 -25.22 -19.68
CA VAL C 316 -16.38 -23.87 -19.88
C VAL C 316 -17.37 -23.10 -20.76
N GLY C 317 -17.67 -21.87 -20.38
CA GLY C 317 -18.64 -21.05 -21.08
C GLY C 317 -18.07 -20.45 -22.35
N LYS C 318 -18.84 -19.50 -22.89
CA LYS C 318 -18.53 -18.91 -24.20
C LYS C 318 -17.64 -17.67 -24.02
N GLY C 319 -16.37 -17.82 -24.33
CA GLY C 319 -15.47 -16.68 -24.39
C GLY C 319 -14.44 -16.56 -23.29
N THR C 320 -14.31 -17.55 -22.42
CA THR C 320 -13.28 -17.48 -21.40
C THR C 320 -11.90 -17.60 -22.03
N MET C 321 -10.90 -17.09 -21.32
CA MET C 321 -9.51 -17.18 -21.75
C MET C 321 -8.73 -17.79 -20.58
N VAL C 322 -8.69 -19.11 -20.52
CA VAL C 322 -7.90 -19.82 -19.52
C VAL C 322 -6.49 -20.01 -20.09
N SER C 323 -5.51 -19.34 -19.49
CA SER C 323 -4.16 -19.28 -20.02
C SER C 323 -3.16 -19.62 -18.93
N ARG C 324 -2.29 -20.58 -19.21
CA ARG C 324 -1.17 -20.96 -18.34
C ARG C 324 -1.63 -21.40 -16.94
N SER C 325 -2.88 -21.82 -16.80
CA SER C 325 -3.41 -22.25 -15.51
C SER C 325 -3.98 -23.65 -15.65
N ILE C 326 -4.41 -24.21 -14.53
CA ILE C 326 -4.87 -25.59 -14.46
C ILE C 326 -6.31 -25.58 -13.94
N VAL C 327 -7.18 -26.29 -14.63
CA VAL C 327 -8.60 -26.39 -14.28
C VAL C 327 -8.87 -27.80 -13.77
N GLY C 328 -9.32 -27.91 -12.52
CA GLY C 328 -9.44 -29.20 -11.88
C GLY C 328 -10.64 -30.00 -12.38
N TRP C 329 -10.79 -31.19 -11.81
CA TRP C 329 -11.85 -32.09 -12.21
C TRP C 329 -13.22 -31.52 -11.86
N ASN C 330 -14.21 -31.83 -12.70
CA ASN C 330 -15.61 -31.51 -12.43
C ASN C 330 -15.85 -30.03 -12.21
N ASN C 331 -14.99 -29.17 -12.77
CA ASN C 331 -15.18 -27.74 -12.63
C ASN C 331 -16.34 -27.27 -13.50
N ARG C 332 -16.83 -26.06 -13.18
CA ARG C 332 -17.85 -25.40 -14.00
C ARG C 332 -17.44 -23.93 -14.12
N ILE C 333 -16.67 -23.64 -15.15
CA ILE C 333 -16.21 -22.28 -15.39
C ILE C 333 -17.34 -21.47 -16.01
N GLY C 334 -17.42 -20.19 -15.66
CA GLY C 334 -18.47 -19.33 -16.16
C GLY C 334 -18.35 -19.03 -17.64
N SER C 335 -19.04 -17.97 -18.09
CA SER C 335 -19.14 -17.68 -19.51
C SER C 335 -17.99 -16.82 -20.02
N TRP C 336 -17.68 -15.71 -19.33
CA TRP C 336 -16.69 -14.75 -19.81
C TRP C 336 -15.62 -14.52 -18.76
N CYS C 337 -15.08 -15.61 -18.21
CA CYS C 337 -14.05 -15.49 -17.18
C CYS C 337 -12.67 -15.35 -17.80
N HIS C 338 -11.72 -14.93 -16.98
CA HIS C 338 -10.29 -14.92 -17.33
C HIS C 338 -9.54 -15.66 -16.24
N ILE C 339 -9.08 -16.87 -16.54
CA ILE C 339 -8.26 -17.64 -15.63
C ILE C 339 -6.84 -17.69 -16.18
N LYS C 340 -6.02 -16.73 -15.80
CA LYS C 340 -4.69 -16.57 -16.39
C LYS C 340 -3.63 -16.62 -15.30
N ASP C 341 -2.39 -16.34 -15.70
CA ASP C 341 -1.21 -16.45 -14.84
C ASP C 341 -1.13 -17.90 -14.36
N ILE C 342 -0.59 -18.15 -13.17
CA ILE C 342 -0.54 -19.49 -12.63
C ILE C 342 -1.59 -19.61 -11.53
N SER C 343 -2.81 -20.03 -11.90
CA SER C 343 -3.93 -20.10 -10.98
C SER C 343 -4.52 -21.50 -11.05
N VAL C 344 -4.18 -22.33 -10.07
CA VAL C 344 -4.66 -23.70 -10.04
C VAL C 344 -6.05 -23.75 -9.41
N LEU C 345 -6.98 -24.40 -10.08
CA LEU C 345 -8.34 -24.57 -9.60
C LEU C 345 -8.54 -26.00 -9.12
N GLY C 346 -9.16 -26.15 -7.96
CA GLY C 346 -9.36 -27.45 -7.36
C GLY C 346 -10.58 -28.16 -7.92
N ASP C 347 -10.88 -29.29 -7.30
CA ASP C 347 -12.01 -30.11 -7.73
C ASP C 347 -13.34 -29.42 -7.45
N ASP C 348 -14.25 -29.51 -8.40
CA ASP C 348 -15.63 -29.03 -8.24
C ASP C 348 -15.69 -27.56 -7.86
N VAL C 349 -14.87 -26.74 -8.51
CA VAL C 349 -14.88 -25.29 -8.31
C VAL C 349 -15.75 -24.67 -9.39
N GLU C 350 -16.72 -23.86 -8.98
CA GLU C 350 -17.62 -23.16 -9.89
C GLU C 350 -17.29 -21.69 -9.88
N VAL C 351 -17.16 -21.10 -11.07
CA VAL C 351 -16.79 -19.69 -11.23
C VAL C 351 -17.91 -18.99 -11.96
N LYS C 352 -18.37 -17.87 -11.40
CA LYS C 352 -19.44 -17.09 -12.01
C LYS C 352 -18.93 -16.33 -13.22
N ASP C 353 -19.87 -15.83 -14.02
CA ASP C 353 -19.51 -15.13 -15.25
C ASP C 353 -18.77 -13.83 -14.95
N GLY C 354 -17.79 -13.51 -15.79
CA GLY C 354 -17.05 -12.28 -15.68
C GLY C 354 -16.00 -12.24 -14.60
N VAL C 355 -15.77 -13.35 -13.90
CA VAL C 355 -14.80 -13.38 -12.81
C VAL C 355 -13.40 -13.51 -13.39
N ILE C 356 -12.49 -12.66 -12.93
CA ILE C 356 -11.11 -12.65 -13.41
C ILE C 356 -10.24 -13.20 -12.28
N LEU C 357 -9.61 -14.35 -12.54
CA LEU C 357 -8.69 -14.97 -11.59
C LEU C 357 -7.28 -14.90 -12.16
N ILE C 358 -6.37 -14.32 -11.40
CA ILE C 358 -4.98 -14.15 -11.83
C ILE C 358 -4.08 -14.69 -10.73
N GLY C 359 -3.61 -15.92 -10.90
CA GLY C 359 -2.68 -16.49 -9.94
C GLY C 359 -3.27 -16.87 -8.61
N THR C 360 -4.57 -17.13 -8.55
CA THR C 360 -5.24 -17.47 -7.30
C THR C 360 -5.56 -18.95 -7.28
N LYS C 361 -5.05 -19.65 -6.27
CA LYS C 361 -5.34 -21.07 -6.09
C LYS C 361 -6.64 -21.23 -5.32
N VAL C 362 -7.55 -22.03 -5.86
CA VAL C 362 -8.87 -22.24 -5.26
C VAL C 362 -8.95 -23.66 -4.73
N LEU C 363 -9.29 -23.78 -3.45
CA LEU C 363 -9.45 -25.09 -2.83
C LEU C 363 -10.72 -25.77 -3.34
N PRO C 364 -10.80 -27.09 -3.24
CA PRO C 364 -11.95 -27.80 -3.82
C PRO C 364 -13.27 -27.40 -3.18
N ASN C 365 -14.33 -27.50 -3.98
CA ASN C 365 -15.71 -27.23 -3.54
C ASN C 365 -15.86 -25.79 -3.05
N LYS C 366 -15.57 -24.86 -3.94
CA LYS C 366 -15.71 -23.43 -3.67
C LYS C 366 -16.42 -22.76 -4.83
N ASP C 367 -17.09 -21.65 -4.54
CA ASP C 367 -17.74 -20.82 -5.55
C ASP C 367 -17.06 -19.46 -5.56
N VAL C 368 -16.59 -19.04 -6.73
CA VAL C 368 -15.88 -17.77 -6.90
C VAL C 368 -16.80 -16.82 -7.65
N GLY C 369 -17.03 -15.65 -7.04
CA GLY C 369 -17.88 -14.64 -7.65
C GLY C 369 -17.24 -13.27 -7.65
N GLU C 370 -16.08 -13.15 -7.02
CA GLU C 370 -15.39 -11.88 -6.90
C GLU C 370 -14.07 -11.92 -7.67
N HIS C 371 -13.70 -10.78 -8.25
CA HIS C 371 -12.44 -10.67 -8.96
C HIS C 371 -11.26 -10.77 -8.01
N ARG C 372 -10.12 -11.22 -8.55
CA ARG C 372 -8.88 -11.29 -7.77
C ARG C 372 -7.74 -11.02 -8.73
N PHE C 373 -7.20 -9.81 -8.67
CA PHE C 373 -6.16 -9.35 -9.60
C PHE C 373 -4.76 -9.62 -9.08
N GLU C 374 -4.61 -10.21 -7.91
CA GLU C 374 -3.29 -10.47 -7.35
C GLU C 374 -3.18 -11.93 -6.95
N PRO C 375 -1.96 -12.48 -6.95
CA PRO C 375 -1.79 -13.86 -6.49
C PRO C 375 -2.26 -14.01 -5.05
N GLY C 376 -2.90 -15.14 -4.78
CA GLY C 376 -3.46 -15.37 -3.47
C GLY C 376 -4.10 -16.74 -3.40
N ILE C 377 -4.81 -16.97 -2.30
CA ILE C 377 -5.45 -18.25 -2.04
C ILE C 377 -6.92 -18.01 -1.74
N ILE C 378 -7.79 -18.82 -2.35
CA ILE C 378 -9.23 -18.76 -2.10
C ILE C 378 -9.59 -19.98 -1.26
N MET C 379 -10.07 -19.75 -0.05
CA MET C 379 -10.39 -20.83 0.86
C MET C 379 -11.80 -21.38 0.59
N MET D 9 -40.74 30.21 -31.19
CA MET D 9 -40.28 30.36 -32.57
C MET D 9 -38.79 30.09 -32.69
N ARG D 10 -38.05 30.39 -31.62
CA ARG D 10 -36.60 30.22 -31.61
C ARG D 10 -36.17 29.61 -30.30
N ALA D 11 -35.00 29.00 -30.30
CA ALA D 11 -34.45 28.37 -29.11
C ALA D 11 -32.95 28.66 -29.04
N VAL D 12 -32.42 28.62 -27.82
CA VAL D 12 -31.01 28.88 -27.55
C VAL D 12 -30.43 27.62 -26.93
N ILE D 13 -29.77 26.80 -27.75
CA ILE D 13 -29.13 25.60 -27.27
C ILE D 13 -27.68 25.94 -26.95
N LEU D 14 -27.36 26.05 -25.66
CA LEU D 14 -26.01 26.36 -25.23
C LEU D 14 -25.09 25.20 -25.58
N VAL D 15 -24.17 25.43 -26.52
CA VAL D 15 -23.25 24.39 -26.97
C VAL D 15 -21.79 24.74 -26.70
N GLY D 16 -21.49 25.95 -26.24
CA GLY D 16 -20.12 26.32 -25.96
C GLY D 16 -19.65 25.90 -24.58
N GLY D 17 -18.74 24.94 -24.54
CA GLY D 17 -18.22 24.45 -23.28
C GLY D 17 -17.13 23.40 -23.49
N PHE D 18 -16.13 23.39 -22.60
CA PHE D 18 -14.98 22.52 -22.79
C PHE D 18 -15.31 21.05 -22.58
N GLY D 19 -16.39 20.74 -21.86
CA GLY D 19 -16.73 19.35 -21.59
C GLY D 19 -15.67 18.64 -20.78
N THR D 20 -15.21 19.30 -19.71
CA THR D 20 -14.12 18.74 -18.91
C THR D 20 -14.50 17.42 -18.25
N ARG D 21 -15.78 17.23 -17.94
CA ARG D 21 -16.18 15.99 -17.27
C ARG D 21 -16.13 14.80 -18.20
N LEU D 22 -16.63 14.96 -19.43
CA LEU D 22 -16.54 13.90 -20.45
C LEU D 22 -15.28 14.08 -21.30
N ARG D 23 -14.13 14.20 -20.61
CA ARG D 23 -12.92 14.65 -21.29
C ARG D 23 -12.40 13.68 -22.34
N PRO D 24 -12.28 12.37 -22.08
CA PRO D 24 -11.64 11.50 -23.09
C PRO D 24 -12.34 11.52 -24.44
N LEU D 25 -13.66 11.66 -24.47
CA LEU D 25 -14.38 11.74 -25.73
C LEU D 25 -14.48 13.14 -26.28
N THR D 26 -14.38 14.18 -25.44
CA THR D 26 -14.53 15.55 -25.88
C THR D 26 -13.21 16.18 -26.32
N LEU D 27 -12.12 15.42 -26.30
CA LEU D 27 -10.87 15.93 -26.87
C LEU D 27 -10.90 15.93 -28.39
N THR D 28 -11.85 15.22 -28.99
CA THR D 28 -12.00 15.15 -30.44
C THR D 28 -13.19 15.95 -30.95
N THR D 29 -14.35 15.81 -30.31
CA THR D 29 -15.55 16.51 -30.71
C THR D 29 -16.16 17.21 -29.50
N PRO D 30 -16.87 18.31 -29.71
CA PRO D 30 -17.52 18.99 -28.58
C PRO D 30 -18.58 18.09 -27.94
N LYS D 31 -18.82 18.33 -26.65
CA LYS D 31 -19.81 17.54 -25.92
C LYS D 31 -21.19 17.51 -26.58
N PRO D 32 -21.71 18.59 -27.16
CA PRO D 32 -22.99 18.46 -27.87
C PRO D 32 -22.98 17.42 -28.97
N LEU D 33 -21.84 17.18 -29.60
CA LEU D 33 -21.78 16.33 -30.79
C LEU D 33 -21.33 14.90 -30.49
N VAL D 34 -21.03 14.55 -29.24
CA VAL D 34 -20.69 13.17 -28.94
C VAL D 34 -22.00 12.37 -28.90
N PRO D 35 -22.11 11.31 -29.70
CA PRO D 35 -23.39 10.58 -29.75
C PRO D 35 -23.78 10.00 -28.40
N PHE D 36 -25.08 10.03 -28.11
CA PHE D 36 -25.60 9.49 -26.87
C PHE D 36 -25.95 8.01 -27.02
N CYS D 37 -26.89 7.69 -27.91
CA CYS D 37 -27.21 6.31 -28.22
C CYS D 37 -26.87 5.97 -29.67
N ASN D 38 -27.45 6.69 -30.63
CA ASN D 38 -27.09 6.57 -32.03
C ASN D 38 -26.94 7.91 -32.73
N LYS D 39 -27.32 9.00 -32.10
CA LYS D 39 -27.28 10.34 -32.65
C LYS D 39 -26.62 11.27 -31.66
N PRO D 40 -26.06 12.39 -32.12
CA PRO D 40 -25.42 13.35 -31.20
C PRO D 40 -26.40 13.84 -30.15
N MET D 41 -25.83 14.32 -29.04
CA MET D 41 -26.64 14.74 -27.89
C MET D 41 -27.60 15.87 -28.27
N ILE D 42 -27.11 16.84 -29.04
CA ILE D 42 -27.95 17.98 -29.42
C ILE D 42 -29.06 17.54 -30.37
N ILE D 43 -28.86 16.44 -31.10
CA ILE D 43 -29.82 16.05 -32.13
C ILE D 43 -31.16 15.65 -31.51
N HIS D 44 -31.13 15.02 -30.33
CA HIS D 44 -32.38 14.70 -29.65
C HIS D 44 -33.15 15.98 -29.31
N GLN D 45 -32.44 16.98 -28.77
CA GLN D 45 -33.09 18.25 -28.43
C GLN D 45 -33.59 18.96 -29.68
N ILE D 46 -32.80 18.94 -30.75
CA ILE D 46 -33.23 19.59 -31.99
C ILE D 46 -34.46 18.90 -32.56
N GLU D 47 -34.52 17.57 -32.45
CA GLU D 47 -35.70 16.85 -32.92
C GLU D 47 -36.92 17.18 -32.08
N ALA D 48 -36.75 17.28 -30.76
CA ALA D 48 -37.87 17.66 -29.91
C ALA D 48 -38.36 19.07 -30.25
N LEU D 49 -37.43 20.00 -30.48
CA LEU D 49 -37.79 21.35 -30.87
C LEU D 49 -38.48 21.38 -32.24
N LYS D 50 -38.05 20.52 -33.16
CA LYS D 50 -38.76 20.40 -34.42
C LYS D 50 -40.17 19.87 -34.21
N ALA D 51 -40.34 18.96 -33.26
CA ALA D 51 -41.68 18.46 -32.93
C ALA D 51 -42.56 19.58 -32.41
N VAL D 52 -42.02 20.43 -31.54
CA VAL D 52 -42.76 21.60 -31.09
C VAL D 52 -42.64 22.66 -32.18
N GLY D 53 -43.41 23.74 -32.08
CA GLY D 53 -43.45 24.72 -33.14
C GLY D 53 -42.34 25.77 -33.14
N VAL D 54 -41.11 25.38 -33.47
CA VAL D 54 -40.03 26.32 -33.72
C VAL D 54 -39.30 25.89 -34.99
N THR D 55 -38.63 26.85 -35.62
CA THR D 55 -37.94 26.59 -36.88
C THR D 55 -36.45 26.93 -36.82
N GLU D 56 -36.07 28.03 -36.19
CA GLU D 56 -34.68 28.48 -36.16
C GLU D 56 -34.09 28.25 -34.78
N VAL D 57 -32.93 27.61 -34.72
CA VAL D 57 -32.20 27.37 -33.49
C VAL D 57 -30.86 28.08 -33.58
N ILE D 58 -30.54 28.88 -32.57
CA ILE D 58 -29.27 29.61 -32.51
C ILE D 58 -28.36 28.89 -31.51
N LEU D 59 -27.12 28.68 -31.90
CA LEU D 59 -26.14 27.97 -31.10
C LEU D 59 -25.03 28.91 -30.67
N ALA D 60 -24.69 28.88 -29.38
CA ALA D 60 -23.60 29.68 -28.83
C ALA D 60 -22.41 28.75 -28.62
N VAL D 61 -21.60 28.59 -29.66
CA VAL D 61 -20.47 27.68 -29.65
C VAL D 61 -19.20 28.45 -29.32
N ALA D 62 -18.47 27.95 -28.32
CA ALA D 62 -17.22 28.58 -27.87
C ALA D 62 -16.02 27.64 -27.95
N TYR D 63 -16.16 26.41 -27.47
CA TYR D 63 -15.01 25.52 -27.33
C TYR D 63 -14.42 25.15 -28.68
N ARG D 64 -15.25 24.83 -29.66
CA ARG D 64 -14.77 24.35 -30.96
C ARG D 64 -15.74 24.80 -32.05
N PRO D 65 -15.43 25.88 -32.75
CA PRO D 65 -16.30 26.36 -33.84
C PRO D 65 -16.24 25.53 -35.12
N GLU D 66 -15.53 24.41 -35.12
CA GLU D 66 -15.49 23.51 -36.27
C GLU D 66 -16.61 22.48 -36.25
N ALA D 67 -17.53 22.57 -35.29
CA ALA D 67 -18.77 21.80 -35.34
C ALA D 67 -19.72 22.27 -36.43
N MET D 68 -19.36 23.35 -37.12
CA MET D 68 -20.22 23.91 -38.16
C MET D 68 -20.45 22.92 -39.29
N LYS D 69 -19.40 22.19 -39.70
CA LYS D 69 -19.57 21.24 -40.79
C LYS D 69 -20.52 20.12 -40.42
N GLU D 70 -20.40 19.57 -39.20
CA GLU D 70 -21.31 18.53 -38.77
C GLU D 70 -22.74 19.05 -38.64
N GLN D 71 -22.90 20.28 -38.14
CA GLN D 71 -24.23 20.85 -38.04
C GLN D 71 -24.85 21.06 -39.42
N MET D 72 -24.04 21.51 -40.39
CA MET D 72 -24.53 21.63 -41.76
C MET D 72 -24.90 20.28 -42.33
N ASP D 73 -24.16 19.23 -41.96
CA ASP D 73 -24.56 17.88 -42.36
C ASP D 73 -25.91 17.51 -41.76
N GLU D 74 -26.16 17.93 -40.52
CA GLU D 74 -27.44 17.71 -39.87
C GLU D 74 -28.44 18.83 -40.12
N TRP D 75 -28.06 19.82 -40.94
CA TRP D 75 -28.91 20.97 -41.23
C TRP D 75 -30.02 20.64 -42.24
N SER D 76 -29.93 19.49 -42.92
CA SER D 76 -30.86 19.20 -44.01
C SER D 76 -32.31 19.17 -43.53
N ARG D 77 -32.54 18.82 -42.27
CA ARG D 77 -33.91 18.66 -41.78
C ARG D 77 -34.45 19.92 -41.11
N LYS D 78 -33.60 20.75 -40.51
CA LYS D 78 -34.07 21.91 -39.76
C LYS D 78 -33.08 23.05 -39.94
N LEU D 79 -33.60 24.28 -39.88
CA LEU D 79 -32.80 25.49 -40.12
C LEU D 79 -32.08 25.87 -38.83
N GLY D 80 -31.01 25.15 -38.55
CA GLY D 80 -30.17 25.47 -37.41
C GLY D 80 -28.86 26.11 -37.85
N VAL D 81 -28.95 27.00 -38.84
CA VAL D 81 -27.76 27.57 -39.46
C VAL D 81 -27.11 28.64 -38.59
N SER D 82 -27.83 29.19 -37.62
CA SER D 82 -27.30 30.30 -36.83
C SER D 82 -26.09 29.86 -36.00
N PHE D 83 -25.06 30.70 -35.99
CA PHE D 83 -23.82 30.42 -35.27
C PHE D 83 -23.17 31.74 -34.90
N VAL D 84 -22.98 31.98 -33.61
CA VAL D 84 -22.40 33.22 -33.12
C VAL D 84 -21.30 32.91 -32.12
N PHE D 85 -20.21 33.68 -32.18
CA PHE D 85 -19.12 33.59 -31.23
C PHE D 85 -18.18 34.77 -31.44
N SER D 86 -17.77 35.39 -30.34
CA SER D 86 -16.77 36.46 -30.36
C SER D 86 -15.56 36.14 -29.52
N VAL D 87 -15.76 35.70 -28.26
CA VAL D 87 -14.67 35.38 -27.36
C VAL D 87 -15.24 34.50 -26.25
N GLU D 88 -14.39 33.68 -25.65
CA GLU D 88 -14.85 32.76 -24.61
C GLU D 88 -15.39 33.55 -23.42
N GLU D 89 -16.69 33.36 -23.14
CA GLU D 89 -17.34 34.00 -22.00
C GLU D 89 -17.49 33.04 -20.83
N GLU D 90 -18.18 31.91 -21.05
CA GLU D 90 -18.41 30.92 -20.01
C GLU D 90 -19.01 29.67 -20.62
N PRO D 91 -18.66 28.47 -20.12
CA PRO D 91 -19.40 27.27 -20.55
C PRO D 91 -20.90 27.37 -20.26
N LEU D 92 -21.26 27.96 -19.12
CA LEU D 92 -22.67 28.23 -18.83
C LEU D 92 -23.24 29.24 -19.81
N GLY D 93 -22.41 30.16 -20.30
CA GLY D 93 -22.81 31.05 -21.37
C GLY D 93 -24.03 31.90 -21.08
N THR D 94 -24.07 32.50 -19.89
CA THR D 94 -25.18 33.38 -19.56
C THR D 94 -25.24 34.56 -20.52
N ALA D 95 -24.08 35.12 -20.87
CA ALA D 95 -24.01 36.17 -21.86
C ALA D 95 -24.34 35.68 -23.26
N GLY D 96 -24.41 34.36 -23.48
CA GLY D 96 -24.74 33.79 -24.76
C GLY D 96 -25.99 34.40 -25.38
N PRO D 97 -27.15 34.23 -24.73
CA PRO D 97 -28.35 34.93 -25.20
C PRO D 97 -28.19 36.44 -25.19
N LEU D 98 -27.43 36.99 -24.23
CA LEU D 98 -27.28 38.44 -24.15
C LEU D 98 -26.37 38.96 -25.25
N ALA D 99 -25.33 38.21 -25.61
CA ALA D 99 -24.45 38.63 -26.70
C ALA D 99 -25.16 38.62 -28.05
N LEU D 100 -26.24 37.87 -28.18
CA LEU D 100 -27.04 37.84 -29.40
C LEU D 100 -28.46 38.31 -29.10
N ALA D 101 -28.57 39.35 -28.27
CA ALA D 101 -29.88 39.91 -27.97
C ALA D 101 -30.51 40.60 -29.18
N ARG D 102 -29.69 41.05 -30.13
CA ARG D 102 -30.23 41.77 -31.29
C ARG D 102 -30.99 40.83 -32.22
N ASP D 103 -30.47 39.63 -32.45
CA ASP D 103 -31.08 38.72 -33.40
C ASP D 103 -32.44 38.23 -32.91
N ILE D 104 -32.55 37.91 -31.62
CA ILE D 104 -33.79 37.38 -31.09
C ILE D 104 -34.89 38.43 -31.11
N LEU D 105 -34.55 39.70 -30.89
CA LEU D 105 -35.57 40.74 -30.71
C LEU D 105 -36.26 41.09 -32.02
N MET D 106 -35.48 41.55 -33.02
CA MET D 106 -36.10 42.12 -34.21
C MET D 106 -36.87 41.07 -35.00
N GLN D 107 -36.36 39.85 -35.09
CA GLN D 107 -36.98 38.84 -35.92
C GLN D 107 -38.36 38.44 -35.38
N ASP D 108 -38.43 38.15 -34.08
CA ASP D 108 -39.67 37.66 -33.47
C ASP D 108 -39.79 38.18 -32.05
N ASP D 109 -41.03 38.14 -31.54
CA ASP D 109 -41.32 38.54 -30.18
C ASP D 109 -41.72 37.36 -29.29
N LYS D 110 -41.98 36.20 -29.87
CA LYS D 110 -42.43 35.05 -29.09
C LYS D 110 -41.33 34.60 -28.13
N PRO D 111 -41.70 34.01 -27.00
CA PRO D 111 -40.68 33.54 -26.04
C PRO D 111 -39.77 32.49 -26.66
N PHE D 112 -38.51 32.51 -26.23
CA PHE D 112 -37.47 31.66 -26.78
C PHE D 112 -37.02 30.63 -25.75
N PHE D 113 -36.84 29.40 -26.20
CA PHE D 113 -36.35 28.34 -25.34
C PHE D 113 -34.85 28.48 -25.08
N VAL D 114 -34.42 28.01 -23.92
CA VAL D 114 -33.01 27.90 -23.58
C VAL D 114 -32.77 26.50 -23.03
N LEU D 115 -31.84 25.76 -23.63
CA LEU D 115 -31.59 24.38 -23.26
C LEU D 115 -30.10 24.13 -23.10
N ASN D 116 -29.77 23.24 -22.17
CA ASN D 116 -28.43 22.69 -22.11
C ASN D 116 -28.26 21.63 -23.19
N SER D 117 -27.02 21.44 -23.63
CA SER D 117 -26.73 20.46 -24.66
C SER D 117 -26.35 19.10 -24.10
N ASP D 118 -26.36 18.94 -22.77
CA ASP D 118 -25.99 17.68 -22.12
C ASP D 118 -27.14 17.14 -21.27
N VAL D 119 -28.37 17.50 -21.61
CA VAL D 119 -29.55 17.09 -20.84
C VAL D 119 -30.38 16.16 -21.72
N THR D 120 -30.81 15.04 -21.15
CA THR D 120 -31.72 14.12 -21.81
C THR D 120 -32.89 13.82 -20.88
N CYS D 121 -34.09 13.81 -21.44
CA CYS D 121 -35.32 13.57 -20.68
C CYS D 121 -36.42 13.28 -21.68
N THR D 122 -37.66 13.23 -21.17
CA THR D 122 -38.81 12.99 -22.04
C THR D 122 -39.00 14.11 -23.06
N PHE D 123 -38.51 15.31 -22.75
CA PHE D 123 -38.62 16.49 -23.61
C PHE D 123 -40.08 16.79 -23.90
N PRO D 124 -40.84 17.27 -22.91
CA PRO D 124 -42.27 17.55 -23.13
C PRO D 124 -42.51 18.54 -24.26
N MET D 125 -41.96 19.74 -24.12
CA MET D 125 -42.16 20.82 -25.10
C MET D 125 -43.65 20.97 -25.41
N GLN D 126 -44.46 20.95 -24.37
CA GLN D 126 -45.91 20.87 -24.52
C GLN D 126 -46.44 22.09 -25.28
N GLU D 127 -47.45 21.85 -26.11
CA GLU D 127 -48.13 22.93 -26.81
C GLU D 127 -49.00 23.76 -25.87
N LEU D 128 -49.23 23.29 -24.64
CA LEU D 128 -49.96 24.08 -23.67
C LEU D 128 -49.23 25.40 -23.41
N LEU D 129 -50.00 26.47 -23.32
CA LEU D 129 -49.40 27.81 -23.22
C LEU D 129 -48.55 27.94 -21.97
N ASP D 130 -49.11 27.59 -20.81
CA ASP D 130 -48.44 27.76 -19.52
C ASP D 130 -47.92 29.18 -19.36
N PHE D 131 -48.79 30.15 -19.68
CA PHE D 131 -48.43 31.56 -19.61
C PHE D 131 -48.59 32.15 -18.22
N HIS D 132 -49.05 31.38 -17.24
CA HIS D 132 -49.03 31.84 -15.86
C HIS D 132 -47.67 31.70 -15.21
N LYS D 133 -46.84 30.78 -15.71
CA LYS D 133 -45.48 30.59 -15.20
C LYS D 133 -44.70 29.85 -16.28
N ALA D 134 -43.60 30.44 -16.75
CA ALA D 134 -42.90 29.90 -17.90
C ALA D 134 -41.99 28.74 -17.53
N HIS D 135 -40.99 29.00 -16.68
CA HIS D 135 -39.99 27.98 -16.35
C HIS D 135 -40.40 27.10 -15.18
N GLY D 136 -41.29 27.56 -14.30
CA GLY D 136 -41.66 26.78 -13.13
C GLY D 136 -42.32 25.47 -13.48
N GLY D 137 -43.29 25.50 -14.40
CA GLY D 137 -43.95 24.27 -14.81
C GLY D 137 -43.04 23.33 -15.55
N GLU D 138 -42.26 23.86 -16.50
CA GLU D 138 -41.33 23.06 -17.28
C GLU D 138 -40.02 22.91 -16.48
N GLY D 139 -38.99 22.37 -17.13
CA GLY D 139 -37.73 22.14 -16.45
C GLY D 139 -37.90 21.24 -15.25
N THR D 140 -37.75 21.80 -14.05
CA THR D 140 -38.04 21.07 -12.83
C THR D 140 -39.54 21.13 -12.55
N ILE D 141 -40.18 19.96 -12.41
CA ILE D 141 -41.62 19.96 -12.27
C ILE D 141 -41.97 19.80 -10.81
N MET D 142 -43.19 20.12 -10.46
CA MET D 142 -43.56 20.06 -9.06
C MET D 142 -44.45 18.86 -8.82
N VAL D 143 -44.03 17.97 -7.91
CA VAL D 143 -44.83 16.80 -7.60
C VAL D 143 -45.61 17.02 -6.31
N VAL D 146 -34.17 16.37 -11.46
CA VAL D 146 -35.16 16.60 -10.42
C VAL D 146 -35.32 15.35 -9.56
N THR D 147 -35.49 15.56 -8.25
CA THR D 147 -35.62 14.47 -7.28
C THR D 147 -34.43 13.51 -7.35
N GLN D 148 -33.24 14.06 -7.15
CA GLN D 148 -32.02 13.26 -7.19
C GLN D 148 -31.01 13.91 -6.26
N TRP D 149 -29.73 13.53 -6.41
CA TRP D 149 -28.67 14.04 -5.54
C TRP D 149 -28.56 15.55 -5.63
N GLU D 150 -28.24 16.18 -4.50
CA GLU D 150 -28.05 17.62 -4.44
C GLU D 150 -26.60 18.03 -4.68
N LYS D 151 -25.71 17.07 -4.93
CA LYS D 151 -24.30 17.41 -5.13
C LYS D 151 -24.11 18.27 -6.38
N TYR D 152 -24.79 17.92 -7.47
CA TYR D 152 -24.70 18.67 -8.71
C TYR D 152 -26.04 19.32 -9.02
N GLY D 153 -25.99 20.40 -9.80
CA GLY D 153 -27.19 21.12 -10.17
C GLY D 153 -27.67 22.03 -9.06
N VAL D 154 -28.51 23.00 -9.40
CA VAL D 154 -29.01 23.96 -8.41
C VAL D 154 -30.21 23.37 -7.70
N VAL D 155 -30.23 23.50 -6.38
CA VAL D 155 -31.41 23.15 -5.60
C VAL D 155 -32.47 24.23 -5.80
N VAL D 156 -33.68 23.81 -6.16
CA VAL D 156 -34.79 24.70 -6.40
C VAL D 156 -35.86 24.42 -5.36
N TYR D 157 -36.24 25.45 -4.59
CA TYR D 157 -37.27 25.33 -3.56
C TYR D 157 -38.56 25.90 -4.12
N SER D 158 -39.50 25.03 -4.48
CA SER D 158 -40.73 25.43 -5.12
C SER D 158 -41.92 24.92 -4.32
N PRO D 159 -42.76 25.80 -3.76
CA PRO D 159 -43.99 25.33 -3.10
C PRO D 159 -45.03 24.89 -4.12
N GLN D 160 -46.22 24.55 -3.62
CA GLN D 160 -47.29 24.07 -4.50
C GLN D 160 -47.89 25.17 -5.36
N ASN D 161 -47.56 26.43 -5.11
CA ASN D 161 -48.11 27.56 -5.86
C ASN D 161 -47.18 28.06 -6.95
N TYR D 162 -46.14 27.28 -7.29
CA TYR D 162 -45.24 27.58 -8.41
C TYR D 162 -44.49 28.91 -8.18
N GLN D 163 -43.71 28.93 -7.09
CA GLN D 163 -42.83 30.05 -6.81
C GLN D 163 -41.42 29.52 -6.55
N ILE D 164 -40.45 30.40 -6.73
CA ILE D 164 -39.04 30.09 -6.47
C ILE D 164 -38.43 31.28 -5.74
N GLU D 165 -37.71 31.00 -4.66
CA GLU D 165 -37.09 32.04 -3.86
C GLU D 165 -35.61 31.81 -3.58
N ARG D 166 -35.13 30.57 -3.66
CA ARG D 166 -33.72 30.26 -3.42
C ARG D 166 -33.13 29.59 -4.66
N PHE D 167 -31.89 29.97 -4.97
CA PHE D 167 -31.20 29.47 -6.16
C PHE D 167 -29.71 29.40 -5.84
N VAL D 168 -29.26 28.24 -5.38
CA VAL D 168 -27.87 28.01 -4.99
C VAL D 168 -27.26 26.97 -5.92
N GLU D 169 -26.22 27.37 -6.64
CA GLU D 169 -25.71 26.54 -7.74
C GLU D 169 -25.16 25.22 -7.23
N LYS D 170 -24.24 25.26 -6.26
CA LYS D 170 -23.61 24.06 -5.71
C LYS D 170 -23.61 24.16 -4.18
N PRO D 171 -24.75 23.93 -3.54
CA PRO D 171 -24.79 23.96 -2.08
C PRO D 171 -23.98 22.83 -1.47
N SER D 172 -23.42 23.09 -0.29
CA SER D 172 -22.66 22.07 0.42
C SER D 172 -23.59 20.98 0.96
N ARG D 173 -24.50 21.36 1.86
CA ARG D 173 -25.52 20.43 2.36
C ARG D 173 -26.76 21.26 2.68
N PHE D 174 -27.67 21.35 1.71
CA PHE D 174 -28.89 22.14 1.84
C PHE D 174 -30.15 21.32 1.59
N LEU D 175 -30.01 20.01 1.40
CA LEU D 175 -31.12 19.12 1.06
C LEU D 175 -31.78 19.65 -0.22
N GLY D 176 -33.10 19.56 -0.32
CA GLY D 176 -33.78 20.03 -1.51
C GLY D 176 -33.50 19.18 -2.72
N ASP D 177 -34.05 17.96 -2.74
CA ASP D 177 -33.77 17.02 -3.82
C ASP D 177 -34.20 17.55 -5.19
N ARG D 178 -35.10 18.53 -5.23
CA ARG D 178 -35.54 19.08 -6.51
C ARG D 178 -34.45 19.95 -7.11
N ILE D 179 -34.09 19.66 -8.37
CA ILE D 179 -33.12 20.45 -9.11
C ILE D 179 -33.70 20.77 -10.48
N ASN D 180 -33.15 21.82 -11.10
CA ASN D 180 -33.60 22.21 -12.43
C ASN D 180 -33.19 21.16 -13.46
N ALA D 181 -34.10 20.88 -14.39
CA ALA D 181 -33.80 19.91 -15.43
C ALA D 181 -32.73 20.43 -16.38
N GLY D 182 -32.73 21.73 -16.65
CA GLY D 182 -31.83 22.32 -17.62
C GLY D 182 -32.52 22.91 -18.83
N ILE D 183 -33.84 22.79 -18.96
CA ILE D 183 -34.58 23.39 -20.04
C ILE D 183 -35.27 24.64 -19.50
N TYR D 184 -35.01 25.78 -20.13
CA TYR D 184 -35.58 27.05 -19.71
C TYR D 184 -36.32 27.70 -20.87
N ILE D 185 -37.38 28.43 -20.53
CA ILE D 185 -38.09 29.27 -21.49
C ILE D 185 -38.17 30.68 -20.91
N PHE D 186 -37.81 31.67 -21.73
CA PHE D 186 -37.74 33.05 -21.28
C PHE D 186 -38.48 33.95 -22.25
N ASN D 187 -38.96 35.08 -21.72
CA ASN D 187 -39.55 36.12 -22.55
C ASN D 187 -38.45 37.08 -23.02
N LYS D 188 -38.84 38.06 -23.84
CA LYS D 188 -37.87 39.00 -24.38
C LYS D 188 -37.31 39.94 -23.32
N SER D 189 -37.91 39.99 -22.14
CA SER D 189 -37.40 40.87 -21.09
C SER D 189 -36.13 40.34 -20.44
N ILE D 190 -35.95 39.02 -20.40
CA ILE D 190 -34.79 38.44 -19.74
C ILE D 190 -33.51 38.82 -20.48
N LEU D 191 -33.52 38.72 -21.81
CA LEU D 191 -32.33 39.10 -22.57
C LEU D 191 -32.03 40.59 -22.45
N ASP D 192 -33.05 41.39 -22.17
CA ASP D 192 -32.87 42.82 -21.98
C ASP D 192 -32.79 43.22 -20.51
N ARG D 193 -32.85 42.25 -19.59
CA ARG D 193 -32.84 42.58 -18.17
C ARG D 193 -31.42 42.83 -17.66
N ILE D 194 -30.57 41.82 -17.70
CA ILE D 194 -29.21 41.93 -17.18
C ILE D 194 -28.24 41.43 -18.25
N PRO D 195 -27.86 42.25 -19.21
CA PRO D 195 -26.79 41.91 -20.14
C PRO D 195 -25.45 42.45 -19.69
N PRO D 196 -24.80 41.81 -18.70
CA PRO D 196 -23.59 42.42 -18.11
C PRO D 196 -22.39 42.46 -19.04
N ARG D 197 -22.47 41.86 -20.22
CA ARG D 197 -21.41 41.83 -21.23
C ARG D 197 -20.21 40.98 -20.83
N ARG D 198 -20.30 40.19 -19.76
CA ARG D 198 -19.19 39.36 -19.35
C ARG D 198 -19.73 38.08 -18.71
N ALA D 199 -18.81 37.25 -18.22
CA ALA D 199 -19.18 35.95 -17.67
C ALA D 199 -20.07 36.09 -16.44
N SER D 200 -21.07 35.23 -16.35
CA SER D 200 -22.00 35.20 -15.22
C SER D 200 -22.69 33.85 -15.20
N ILE D 201 -23.33 33.55 -14.07
CA ILE D 201 -23.97 32.25 -13.91
C ILE D 201 -25.49 32.38 -13.94
N GLU D 202 -26.06 32.31 -15.14
CA GLU D 202 -27.50 32.17 -15.38
C GLU D 202 -28.29 33.41 -14.96
N LYS D 203 -27.64 34.36 -14.28
CA LYS D 203 -28.23 35.61 -13.81
C LYS D 203 -29.68 35.42 -13.35
N GLU D 204 -29.87 34.48 -12.45
CA GLU D 204 -31.21 34.17 -11.96
C GLU D 204 -31.57 35.16 -10.85
N ILE D 205 -32.56 36.00 -11.12
CA ILE D 205 -33.02 37.01 -10.16
C ILE D 205 -34.44 36.64 -9.78
N PHE D 206 -34.73 35.34 -9.78
CA PHE D 206 -36.05 34.88 -9.35
C PHE D 206 -36.44 35.30 -7.93
N PRO D 207 -35.52 35.50 -6.97
CA PRO D 207 -35.94 36.06 -5.67
C PRO D 207 -36.64 37.40 -5.79
N ALA D 208 -36.34 38.19 -6.82
CA ALA D 208 -37.00 39.47 -6.99
C ALA D 208 -38.50 39.30 -7.24
N MET D 209 -38.86 38.32 -8.07
CA MET D 209 -40.26 38.06 -8.41
C MET D 209 -40.60 36.59 -8.21
N ALA D 210 -41.45 36.27 -7.25
CA ALA D 210 -41.75 34.88 -6.95
C ALA D 210 -42.40 34.05 -8.06
N ALA D 211 -43.39 34.58 -8.77
CA ALA D 211 -43.95 33.85 -9.89
C ALA D 211 -44.14 34.82 -11.02
N GLU D 212 -43.86 34.39 -12.26
CA GLU D 212 -43.92 35.35 -13.38
C GLU D 212 -44.14 34.82 -14.77
N GLY D 213 -44.47 35.70 -15.70
CA GLY D 213 -44.55 35.30 -17.07
C GLY D 213 -43.14 34.90 -17.45
N GLN D 214 -42.11 35.60 -16.95
CA GLN D 214 -40.71 35.24 -17.21
C GLN D 214 -40.16 34.16 -16.28
N LEU D 220 -40.61 17.94 -15.32
CA LEU D 220 -40.39 16.75 -16.08
C LEU D 220 -40.98 15.60 -15.37
N GLU D 221 -42.09 15.10 -15.88
CA GLU D 221 -42.62 13.88 -15.31
C GLU D 221 -42.06 12.91 -16.32
N GLY D 222 -40.95 12.28 -16.00
CA GLY D 222 -40.30 11.37 -16.93
C GLY D 222 -38.90 11.13 -16.43
N PHE D 223 -38.08 10.45 -17.21
CA PHE D 223 -36.72 10.24 -16.81
C PHE D 223 -36.01 11.52 -17.02
N TRP D 224 -34.92 11.72 -16.31
CA TRP D 224 -34.13 12.89 -16.59
C TRP D 224 -32.80 12.54 -16.13
N MET D 225 -31.80 12.90 -16.88
CA MET D 225 -30.41 12.69 -16.50
C MET D 225 -29.53 13.74 -17.16
N ASP D 226 -28.61 14.30 -16.38
CA ASP D 226 -27.60 15.22 -16.89
C ASP D 226 -26.47 14.37 -17.46
N VAL D 227 -26.54 14.10 -18.76
CA VAL D 227 -25.60 13.17 -19.41
C VAL D 227 -24.38 14.00 -19.80
N GLY D 228 -23.47 14.14 -18.84
CA GLY D 228 -22.25 14.89 -19.05
C GLY D 228 -21.05 14.26 -18.38
N GLN D 229 -21.27 13.12 -17.72
CA GLN D 229 -20.21 12.35 -17.08
C GLN D 229 -20.31 10.91 -17.53
N PRO D 230 -19.19 10.18 -17.52
CA PRO D 230 -19.24 8.78 -17.98
C PRO D 230 -20.24 7.91 -17.24
N LYS D 231 -20.19 7.91 -15.91
CA LYS D 231 -21.19 7.16 -15.15
C LYS D 231 -22.59 7.72 -15.38
N ASP D 232 -22.72 9.05 -15.43
CA ASP D 232 -24.00 9.65 -15.76
C ASP D 232 -24.40 9.32 -17.19
N TYR D 233 -23.44 9.23 -18.11
CA TYR D 233 -23.74 8.82 -19.47
C TYR D 233 -24.36 7.44 -19.50
N ILE D 234 -23.73 6.49 -18.79
CA ILE D 234 -24.22 5.11 -18.79
C ILE D 234 -25.59 5.04 -18.14
N LEU D 235 -25.78 5.71 -17.00
CA LEU D 235 -27.05 5.64 -16.30
C LEU D 235 -28.16 6.31 -17.11
N GLY D 236 -27.86 7.43 -17.77
CA GLY D 236 -28.85 8.08 -18.60
C GLY D 236 -29.23 7.25 -19.81
N MET D 237 -28.25 6.56 -20.40
CA MET D 237 -28.57 5.65 -21.49
C MET D 237 -29.46 4.51 -21.02
N THR D 238 -29.17 3.98 -19.82
CA THR D 238 -30.00 2.94 -19.23
C THR D 238 -31.43 3.41 -19.02
N LYS D 239 -31.60 4.65 -18.56
CA LYS D 239 -32.94 5.18 -18.35
C LYS D 239 -33.63 5.56 -19.65
N PHE D 240 -32.86 5.91 -20.69
CA PHE D 240 -33.41 6.44 -21.92
C PHE D 240 -33.83 5.37 -22.92
N ILE D 241 -33.08 4.26 -23.01
CA ILE D 241 -33.38 3.25 -24.02
C ILE D 241 -34.78 2.65 -23.87
N PRO D 242 -35.24 2.27 -22.67
CA PRO D 242 -36.62 1.75 -22.58
C PRO D 242 -37.68 2.73 -23.04
N SER D 243 -37.49 4.03 -22.79
CA SER D 243 -38.49 5.01 -23.17
C SER D 243 -38.56 5.23 -24.68
N LEU D 244 -37.56 4.79 -25.44
CA LEU D 244 -37.53 4.99 -26.88
C LEU D 244 -38.17 3.85 -27.65
N VAL D 245 -38.57 2.77 -26.98
CA VAL D 245 -39.10 1.60 -27.67
C VAL D 245 -40.43 1.90 -28.36
N HIS D 246 -41.12 2.98 -27.96
CA HIS D 246 -42.42 3.27 -28.52
C HIS D 246 -42.34 3.82 -29.94
N GLY D 247 -41.27 4.54 -30.27
CA GLY D 247 -41.25 5.26 -31.54
C GLY D 247 -40.16 4.91 -32.52
N ASN D 248 -39.02 4.42 -32.04
CA ASN D 248 -37.85 4.16 -32.89
C ASN D 248 -37.83 2.68 -33.26
N ARG D 249 -38.16 2.39 -34.52
CA ARG D 249 -38.16 1.04 -35.09
C ARG D 249 -39.11 0.08 -34.37
N GLU D 250 -39.96 0.60 -33.49
CA GLU D 250 -40.92 -0.21 -32.73
C GLU D 250 -40.24 -1.34 -31.98
N HIS D 255 -37.73 -11.53 -31.99
CA HIS D 255 -37.28 -10.25 -32.53
C HIS D 255 -37.92 -9.09 -31.77
N THR D 256 -38.79 -9.41 -30.82
CA THR D 256 -39.49 -8.41 -30.02
C THR D 256 -38.74 -8.05 -28.73
N GLU D 257 -37.61 -8.69 -28.45
CA GLU D 257 -36.91 -8.43 -27.21
C GLU D 257 -36.27 -7.05 -27.21
N ALA D 258 -35.71 -6.62 -28.34
CA ALA D 258 -35.02 -5.34 -28.44
C ALA D 258 -35.41 -4.66 -29.74
N VAL D 259 -34.81 -3.49 -29.97
CA VAL D 259 -35.08 -2.74 -31.20
C VAL D 259 -34.54 -3.50 -32.40
N GLU D 260 -33.34 -4.06 -32.30
CA GLU D 260 -32.74 -4.85 -33.36
C GLU D 260 -32.34 -6.21 -32.78
N HIS D 261 -32.72 -7.28 -33.48
CA HIS D 261 -32.43 -8.63 -33.03
C HIS D 261 -31.85 -9.54 -34.11
N GLN D 262 -31.79 -9.09 -35.37
CA GLN D 262 -31.22 -9.93 -36.44
C GLN D 262 -30.57 -8.98 -37.44
N ARG D 263 -29.26 -8.78 -37.29
CA ARG D 263 -28.47 -7.97 -38.21
C ARG D 263 -27.31 -8.71 -38.81
N GLY D 264 -26.61 -9.53 -38.04
CA GLY D 264 -25.52 -10.33 -38.55
C GLY D 264 -25.51 -11.73 -38.00
N GLY D 265 -25.57 -12.73 -38.88
CA GLY D 265 -25.58 -14.11 -38.42
C GLY D 265 -26.78 -14.39 -37.55
N ARG D 266 -26.52 -14.90 -36.34
CA ARG D 266 -27.56 -15.17 -35.36
C ARG D 266 -27.01 -14.88 -33.97
N PHE D 267 -27.57 -13.87 -33.31
CA PHE D 267 -27.14 -13.48 -31.98
C PHE D 267 -28.35 -13.32 -31.08
N THR D 268 -28.12 -13.35 -29.78
CA THR D 268 -29.17 -13.23 -28.78
C THR D 268 -29.05 -11.89 -28.06
N VAL D 269 -30.18 -11.32 -27.69
CA VAL D 269 -30.24 -10.03 -27.03
C VAL D 269 -30.98 -10.19 -25.71
N ILE D 270 -30.42 -9.62 -24.64
CA ILE D 270 -31.05 -9.60 -23.33
C ILE D 270 -31.48 -8.16 -23.07
N GLY D 271 -32.80 -7.95 -22.93
CA GLY D 271 -33.32 -6.62 -22.75
C GLY D 271 -33.33 -5.84 -24.04
N ALA D 272 -33.62 -4.54 -23.90
CA ALA D 272 -33.70 -3.65 -25.04
C ALA D 272 -32.33 -3.03 -25.34
N SER D 273 -32.07 -2.80 -26.62
CA SER D 273 -30.81 -2.22 -27.05
C SER D 273 -30.99 -1.61 -28.43
N LEU D 274 -30.12 -0.67 -28.76
CA LEU D 274 -30.12 0.02 -30.04
C LEU D 274 -28.94 -0.48 -30.87
N ILE D 275 -29.23 -1.01 -32.06
CA ILE D 275 -28.21 -1.49 -32.98
C ILE D 275 -28.49 -0.88 -34.34
N ASP D 276 -27.53 -0.10 -34.84
CA ASP D 276 -27.72 0.56 -36.13
C ASP D 276 -27.67 -0.49 -37.23
N PRO D 277 -28.64 -0.51 -38.15
CA PRO D 277 -28.65 -1.53 -39.22
C PRO D 277 -27.34 -1.63 -40.00
N SER D 278 -26.48 -0.62 -39.92
CA SER D 278 -25.20 -0.68 -40.60
C SER D 278 -24.16 -1.52 -39.87
N ALA D 279 -24.43 -1.92 -38.63
CA ALA D 279 -23.48 -2.70 -37.86
C ALA D 279 -23.51 -4.17 -38.28
N LYS D 280 -22.46 -4.89 -37.91
CA LYS D 280 -22.36 -6.33 -38.14
C LYS D 280 -22.07 -7.02 -36.82
N ILE D 281 -22.87 -8.02 -36.49
CA ILE D 281 -22.77 -8.73 -35.23
C ILE D 281 -22.38 -10.18 -35.51
N GLY D 282 -21.48 -10.72 -34.70
CA GLY D 282 -20.98 -12.07 -34.89
C GLY D 282 -21.98 -13.12 -34.45
N ASP D 283 -21.60 -14.38 -34.66
CA ASP D 283 -22.46 -15.51 -34.34
C ASP D 283 -22.33 -15.83 -32.86
N GLY D 284 -23.39 -15.55 -32.11
CA GLY D 284 -23.42 -15.86 -30.69
C GLY D 284 -23.16 -14.71 -29.75
N ALA D 285 -22.99 -13.49 -30.27
CA ALA D 285 -22.81 -12.34 -29.41
C ALA D 285 -24.06 -12.09 -28.58
N VAL D 286 -23.86 -11.62 -27.36
CA VAL D 286 -24.95 -11.39 -26.41
C VAL D 286 -25.00 -9.89 -26.14
N ILE D 287 -25.83 -9.18 -26.90
CA ILE D 287 -26.02 -7.74 -26.69
C ILE D 287 -26.84 -7.56 -25.42
N GLY D 288 -26.20 -7.06 -24.37
CA GLY D 288 -26.81 -7.00 -23.06
C GLY D 288 -27.86 -5.91 -22.94
N PRO D 289 -28.35 -5.70 -21.72
CA PRO D 289 -29.42 -4.71 -21.52
C PRO D 289 -28.89 -3.29 -21.69
N TYR D 290 -29.64 -2.50 -22.45
CA TYR D 290 -29.37 -1.07 -22.63
C TYR D 290 -27.96 -0.83 -23.18
N ALA D 291 -27.74 -1.32 -24.40
CA ALA D 291 -26.49 -1.14 -25.10
C ALA D 291 -26.74 -0.50 -26.46
N SER D 292 -25.78 0.28 -26.93
CA SER D 292 -25.89 0.97 -28.21
C SER D 292 -24.69 0.62 -29.08
N ILE D 293 -24.96 0.26 -30.32
CA ILE D 293 -23.93 -0.09 -31.29
C ILE D 293 -24.02 0.90 -32.45
N GLY D 294 -22.90 1.55 -32.75
CA GLY D 294 -22.88 2.62 -33.73
C GLY D 294 -22.81 2.13 -35.15
N ALA D 295 -22.77 3.10 -36.07
CA ALA D 295 -22.73 2.80 -37.49
C ALA D 295 -21.40 2.14 -37.87
N ASN D 296 -21.47 1.19 -38.80
CA ASN D 296 -20.31 0.54 -39.39
C ASN D 296 -19.50 -0.24 -38.36
N CYS D 297 -19.98 -0.31 -37.12
CA CYS D 297 -19.27 -1.04 -36.08
C CYS D 297 -19.35 -2.53 -36.32
N VAL D 298 -18.27 -3.23 -36.00
CA VAL D 298 -18.18 -4.67 -36.17
C VAL D 298 -18.00 -5.30 -34.79
N ILE D 299 -18.84 -6.29 -34.48
CA ILE D 299 -18.83 -6.97 -33.19
C ILE D 299 -18.42 -8.42 -33.43
N GLY D 300 -17.49 -8.91 -32.63
CA GLY D 300 -16.95 -10.25 -32.80
C GLY D 300 -17.96 -11.36 -32.59
N GLU D 301 -17.48 -12.60 -32.60
CA GLU D 301 -18.38 -13.75 -32.58
C GLU D 301 -19.14 -13.85 -31.27
N SER D 302 -18.43 -13.80 -30.14
CA SER D 302 -19.03 -14.07 -28.84
C SER D 302 -18.80 -12.92 -27.86
N CYS D 303 -19.04 -11.69 -28.30
CA CYS D 303 -18.88 -10.55 -27.41
C CYS D 303 -20.04 -10.46 -26.43
N ARG D 304 -19.87 -9.61 -25.43
CA ARG D 304 -20.91 -9.31 -24.45
C ARG D 304 -20.95 -7.80 -24.27
N ILE D 305 -21.97 -7.16 -24.85
CA ILE D 305 -22.11 -5.71 -24.79
C ILE D 305 -23.13 -5.43 -23.69
N ASP D 306 -22.66 -5.28 -22.46
CA ASP D 306 -23.54 -5.12 -21.30
C ASP D 306 -23.53 -3.66 -20.89
N ASN D 307 -24.60 -2.94 -21.23
CA ASN D 307 -24.76 -1.53 -20.87
C ASN D 307 -23.58 -0.69 -21.35
N ALA D 308 -23.08 -1.01 -22.54
CA ALA D 308 -21.94 -0.31 -23.11
C ALA D 308 -22.33 0.34 -24.43
N ALA D 309 -21.66 1.44 -24.75
CA ALA D 309 -21.93 2.20 -25.96
C ALA D 309 -20.72 2.13 -26.88
N ILE D 310 -20.95 1.70 -28.12
CA ILE D 310 -19.92 1.69 -29.16
C ILE D 310 -20.27 2.79 -30.14
N LEU D 311 -19.34 3.74 -30.32
CA LEU D 311 -19.69 4.98 -31.00
C LEU D 311 -19.79 4.81 -32.51
N GLU D 312 -18.67 4.49 -33.17
CA GLU D 312 -18.70 4.43 -34.63
C GLU D 312 -17.40 3.82 -35.14
N ASN D 313 -17.51 3.01 -36.20
CA ASN D 313 -16.37 2.43 -36.91
C ASN D 313 -15.46 1.61 -36.00
N SER D 314 -15.93 1.25 -34.81
CA SER D 314 -15.12 0.47 -33.88
C SER D 314 -15.23 -1.01 -34.20
N LYS D 315 -14.10 -1.71 -34.08
CA LYS D 315 -14.04 -3.14 -34.34
C LYS D 315 -13.71 -3.87 -33.05
N VAL D 316 -14.38 -5.00 -32.82
CA VAL D 316 -14.28 -5.74 -31.58
C VAL D 316 -13.97 -7.21 -31.90
N GLY D 317 -13.03 -7.79 -31.16
CA GLY D 317 -12.59 -9.14 -31.39
C GLY D 317 -13.58 -10.18 -30.86
N LYS D 318 -13.11 -11.42 -30.81
CA LYS D 318 -13.95 -12.56 -30.46
C LYS D 318 -13.89 -12.80 -28.96
N GLY D 319 -14.93 -12.41 -28.24
CA GLY D 319 -15.08 -12.79 -26.85
C GLY D 319 -14.85 -11.70 -25.82
N THR D 320 -14.66 -10.45 -26.23
CA THR D 320 -14.51 -9.39 -25.25
C THR D 320 -15.82 -9.17 -24.50
N MET D 321 -15.70 -8.61 -23.30
CA MET D 321 -16.86 -8.25 -22.49
C MET D 321 -16.74 -6.77 -22.14
N VAL D 322 -17.23 -5.92 -23.04
CA VAL D 322 -17.28 -4.48 -22.77
C VAL D 322 -18.55 -4.20 -21.98
N SER D 323 -18.40 -3.84 -20.71
CA SER D 323 -19.52 -3.72 -19.79
C SER D 323 -19.47 -2.36 -19.12
N ARG D 324 -20.58 -1.61 -19.23
CA ARG D 324 -20.76 -0.33 -18.55
C ARG D 324 -19.69 0.69 -18.91
N SER D 325 -19.05 0.54 -20.05
CA SER D 325 -18.02 1.48 -20.48
C SER D 325 -18.33 1.97 -21.89
N ILE D 326 -17.56 2.97 -22.33
CA ILE D 326 -17.78 3.65 -23.59
C ILE D 326 -16.58 3.41 -24.49
N VAL D 327 -16.83 3.00 -25.73
CA VAL D 327 -15.79 2.70 -26.70
C VAL D 327 -15.86 3.76 -27.81
N GLY D 328 -14.81 4.55 -27.93
CA GLY D 328 -14.83 5.71 -28.79
C GLY D 328 -14.78 5.39 -30.27
N TRP D 329 -14.79 6.45 -31.07
CA TRP D 329 -14.81 6.30 -32.52
C TRP D 329 -13.53 5.64 -33.02
N ASN D 330 -13.68 4.87 -34.10
CA ASN D 330 -12.55 4.30 -34.84
C ASN D 330 -11.62 3.47 -33.95
N ASN D 331 -12.17 2.82 -32.93
CA ASN D 331 -11.37 1.97 -32.07
C ASN D 331 -11.10 0.63 -32.75
N ARG D 332 -10.11 -0.08 -32.22
CA ARG D 332 -9.81 -1.45 -32.67
C ARG D 332 -9.54 -2.26 -31.40
N ILE D 333 -10.58 -2.86 -30.86
CA ILE D 333 -10.49 -3.64 -29.63
C ILE D 333 -9.95 -5.02 -29.97
N GLY D 334 -9.10 -5.55 -29.09
CA GLY D 334 -8.50 -6.85 -29.30
C GLY D 334 -9.53 -7.96 -29.22
N SER D 335 -9.01 -9.19 -29.12
CA SER D 335 -9.84 -10.38 -29.23
C SER D 335 -10.50 -10.76 -27.91
N TRP D 336 -9.75 -10.80 -26.82
CA TRP D 336 -10.25 -11.31 -25.54
C TRP D 336 -10.04 -10.29 -24.42
N CYS D 337 -10.42 -9.05 -24.68
CA CYS D 337 -10.27 -7.98 -23.70
C CYS D 337 -11.45 -7.94 -22.73
N HIS D 338 -11.28 -7.20 -21.64
CA HIS D 338 -12.33 -6.91 -20.67
C HIS D 338 -12.34 -5.41 -20.42
N ILE D 339 -13.06 -4.67 -21.25
CA ILE D 339 -13.22 -3.22 -21.05
C ILE D 339 -14.49 -3.04 -20.23
N LYS D 340 -14.35 -3.18 -18.92
CA LYS D 340 -15.51 -3.13 -18.04
C LYS D 340 -15.37 -1.96 -17.06
N ASP D 341 -16.32 -1.89 -16.12
CA ASP D 341 -16.46 -0.77 -15.20
C ASP D 341 -16.68 0.51 -15.99
N ILE D 342 -16.38 1.66 -15.42
CA ILE D 342 -16.56 2.94 -16.09
C ILE D 342 -15.19 3.30 -16.68
N SER D 343 -14.93 2.83 -17.89
CA SER D 343 -13.64 3.03 -18.56
C SER D 343 -13.90 3.56 -19.96
N VAL D 344 -13.82 4.89 -20.10
CA VAL D 344 -14.05 5.52 -21.40
C VAL D 344 -12.80 5.36 -22.26
N LEU D 345 -13.00 5.00 -23.52
CA LEU D 345 -11.93 4.89 -24.49
C LEU D 345 -12.05 6.03 -25.50
N GLY D 346 -10.92 6.67 -25.79
CA GLY D 346 -10.91 7.79 -26.71
C GLY D 346 -10.90 7.36 -28.16
N ASP D 347 -10.73 8.35 -29.03
CA ASP D 347 -10.69 8.10 -30.47
C ASP D 347 -9.46 7.31 -30.85
N ASP D 348 -9.64 6.36 -31.76
CA ASP D 348 -8.53 5.60 -32.37
C ASP D 348 -7.63 4.93 -31.33
N VAL D 349 -8.25 4.35 -30.32
CA VAL D 349 -7.51 3.61 -29.30
C VAL D 349 -7.53 2.13 -29.67
N GLU D 350 -6.35 1.52 -29.74
CA GLU D 350 -6.20 0.11 -30.06
C GLU D 350 -5.78 -0.65 -28.81
N VAL D 351 -6.48 -1.74 -28.53
CA VAL D 351 -6.23 -2.57 -27.35
C VAL D 351 -5.79 -3.95 -27.82
N LYS D 352 -4.68 -4.42 -27.27
CA LYS D 352 -4.18 -5.74 -27.63
C LYS D 352 -5.03 -6.84 -27.01
N ASP D 353 -4.82 -8.07 -27.47
CA ASP D 353 -5.60 -9.19 -26.99
C ASP D 353 -5.32 -9.46 -25.52
N GLY D 354 -6.37 -9.82 -24.78
CA GLY D 354 -6.23 -10.21 -23.39
C GLY D 354 -6.05 -9.08 -22.41
N VAL D 355 -6.13 -7.83 -22.86
CA VAL D 355 -5.91 -6.69 -21.96
C VAL D 355 -7.19 -6.42 -21.19
N ILE D 356 -7.05 -6.27 -19.86
CA ILE D 356 -8.17 -6.01 -18.98
C ILE D 356 -8.10 -4.56 -18.53
N LEU D 357 -9.12 -3.78 -18.89
CA LEU D 357 -9.21 -2.38 -18.50
C LEU D 357 -10.41 -2.23 -17.56
N ILE D 358 -10.16 -1.69 -16.37
CA ILE D 358 -11.19 -1.51 -15.36
C ILE D 358 -11.14 -0.07 -14.89
N GLY D 359 -12.03 0.76 -15.42
CA GLY D 359 -12.13 2.13 -14.98
C GLY D 359 -11.01 3.03 -15.44
N THR D 360 -10.30 2.68 -16.51
CA THR D 360 -9.18 3.46 -17.00
C THR D 360 -9.60 4.25 -18.23
N LYS D 361 -9.51 5.58 -18.14
CA LYS D 361 -9.81 6.44 -19.29
C LYS D 361 -8.56 6.53 -20.17
N VAL D 362 -8.73 6.28 -21.46
CA VAL D 362 -7.62 6.26 -22.41
C VAL D 362 -7.76 7.45 -23.34
N LEU D 363 -6.70 8.25 -23.42
CA LEU D 363 -6.69 9.40 -24.30
C LEU D 363 -6.60 8.96 -25.76
N PRO D 364 -7.00 9.81 -26.70
CA PRO D 364 -7.05 9.39 -28.10
C PRO D 364 -5.69 9.02 -28.65
N ASN D 365 -5.70 8.11 -29.63
CA ASN D 365 -4.50 7.68 -30.35
C ASN D 365 -3.47 7.05 -29.40
N LYS D 366 -3.89 5.97 -28.76
CA LYS D 366 -3.03 5.24 -27.85
C LYS D 366 -3.16 3.75 -28.11
N ASP D 367 -2.10 3.01 -27.77
CA ASP D 367 -2.10 1.56 -27.84
C ASP D 367 -1.93 1.02 -26.42
N VAL D 368 -2.86 0.17 -25.99
CA VAL D 368 -2.86 -0.40 -24.65
C VAL D 368 -2.46 -1.88 -24.77
N GLY D 369 -1.45 -2.27 -24.00
CA GLY D 369 -0.99 -3.65 -24.03
C GLY D 369 -0.79 -4.24 -22.66
N GLU D 370 -0.95 -3.42 -21.62
CA GLU D 370 -0.75 -3.83 -20.25
C GLU D 370 -2.06 -3.79 -19.47
N HIS D 371 -2.25 -4.76 -18.57
CA HIS D 371 -3.44 -4.81 -17.75
C HIS D 371 -3.49 -3.62 -16.80
N ARG D 372 -4.71 -3.23 -16.43
CA ARG D 372 -4.92 -2.15 -15.46
C ARG D 372 -6.15 -2.51 -14.63
N PHE D 373 -5.91 -2.97 -13.40
CA PHE D 373 -6.97 -3.45 -12.53
C PHE D 373 -7.54 -2.37 -11.63
N GLU D 374 -7.06 -1.15 -11.71
CA GLU D 374 -7.54 -0.07 -10.87
C GLU D 374 -7.93 1.13 -11.71
N PRO D 375 -8.86 1.95 -11.24
CA PRO D 375 -9.21 3.17 -11.98
C PRO D 375 -7.99 4.05 -12.17
N GLY D 376 -7.88 4.65 -13.35
CA GLY D 376 -6.73 5.45 -13.67
C GLY D 376 -6.90 6.11 -15.02
N ILE D 377 -5.79 6.65 -15.53
CA ILE D 377 -5.78 7.37 -16.80
C ILE D 377 -4.58 6.89 -17.61
N ILE D 378 -4.77 6.70 -18.91
CA ILE D 378 -3.71 6.29 -19.81
C ILE D 378 -3.44 7.44 -20.77
N MET D 379 -2.20 7.93 -20.76
CA MET D 379 -1.80 9.00 -21.66
C MET D 379 -1.58 8.49 -23.08
N MET E 9 -4.52 33.50 48.99
CA MET E 9 -3.29 34.22 49.30
C MET E 9 -2.10 33.39 48.80
N ARG E 10 -2.38 32.17 48.35
CA ARG E 10 -1.37 31.30 47.78
C ARG E 10 -2.00 30.46 46.69
N ALA E 11 -1.16 29.96 45.79
CA ALA E 11 -1.61 29.13 44.67
C ALA E 11 -0.60 28.03 44.42
N VAL E 12 -1.09 26.90 43.90
CA VAL E 12 -0.27 25.73 43.62
C VAL E 12 -0.40 25.45 42.12
N ILE E 13 0.57 25.91 41.34
CA ILE E 13 0.60 25.67 39.91
C ILE E 13 1.36 24.38 39.68
N LEU E 14 0.64 23.31 39.32
CA LEU E 14 1.27 22.02 39.05
C LEU E 14 2.11 22.12 37.79
N VAL E 15 3.43 22.02 37.94
CA VAL E 15 4.35 22.13 36.82
C VAL E 15 5.16 20.86 36.60
N GLY E 16 5.04 19.88 37.47
CA GLY E 16 5.78 18.64 37.32
C GLY E 16 5.09 17.64 36.42
N GLY E 17 5.66 17.40 35.25
CA GLY E 17 5.11 16.46 34.30
C GLY E 17 5.97 16.30 33.06
N PHE E 18 5.98 15.09 32.50
CA PHE E 18 6.89 14.82 31.39
C PHE E 18 6.50 15.52 30.11
N GLY E 19 5.24 15.94 29.96
CA GLY E 19 4.82 16.57 28.74
C GLY E 19 4.91 15.67 27.54
N THR E 20 4.42 14.43 27.68
CA THR E 20 4.58 13.43 26.64
C THR E 20 3.85 13.84 25.36
N ARG E 21 2.67 14.46 25.49
CA ARG E 21 1.89 14.80 24.31
C ARG E 21 2.58 15.88 23.47
N LEU E 22 3.13 16.90 24.12
CA LEU E 22 3.89 17.95 23.43
C LEU E 22 5.38 17.59 23.41
N ARG E 23 5.70 16.43 22.85
CA ARG E 23 7.04 15.87 23.07
C ARG E 23 8.14 16.59 22.31
N PRO E 24 8.02 16.89 21.01
CA PRO E 24 9.17 17.47 20.30
C PRO E 24 9.67 18.77 20.89
N LEU E 25 8.80 19.56 21.52
CA LEU E 25 9.20 20.79 22.16
C LEU E 25 9.58 20.61 23.62
N THR E 26 9.05 19.59 24.29
CA THR E 26 9.33 19.39 25.71
C THR E 26 10.57 18.54 25.96
N LEU E 27 11.28 18.11 24.92
CA LEU E 27 12.56 17.45 25.11
C LEU E 27 13.66 18.42 25.51
N THR E 28 13.43 19.72 25.38
CA THR E 28 14.38 20.75 25.76
C THR E 28 13.96 21.54 26.99
N THR E 29 12.70 21.94 27.07
CA THR E 29 12.17 22.70 28.19
C THR E 29 10.92 22.04 28.72
N PRO E 30 10.61 22.21 30.00
CA PRO E 30 9.38 21.63 30.54
C PRO E 30 8.15 22.25 29.89
N LYS E 31 7.07 21.49 29.88
CA LYS E 31 5.83 21.96 29.26
C LYS E 31 5.34 23.30 29.80
N PRO E 32 5.42 23.60 31.10
CA PRO E 32 5.05 24.95 31.55
C PRO E 32 5.84 26.06 30.87
N LEU E 33 7.09 25.82 30.50
CA LEU E 33 7.96 26.88 30.02
C LEU E 33 8.02 26.99 28.50
N VAL E 34 7.32 26.15 27.75
CA VAL E 34 7.29 26.31 26.30
C VAL E 34 6.34 27.46 25.99
N PRO E 35 6.79 28.50 25.29
CA PRO E 35 5.93 29.66 25.07
C PRO E 35 4.66 29.30 24.31
N PHE E 36 3.56 29.96 24.68
CA PHE E 36 2.28 29.73 24.02
C PHE E 36 2.10 30.69 22.84
N CYS E 37 2.10 31.99 23.10
CA CYS E 37 2.05 32.98 22.04
C CYS E 37 3.33 33.81 21.99
N ASN E 38 3.66 34.49 23.09
CA ASN E 38 4.94 35.17 23.21
C ASN E 38 5.56 34.98 24.59
N LYS E 39 4.88 34.32 25.51
CA LYS E 39 5.33 34.10 26.88
C LYS E 39 5.09 32.64 27.23
N PRO E 40 5.82 32.10 28.21
CA PRO E 40 5.59 30.71 28.63
C PRO E 40 4.16 30.51 29.12
N MET E 41 3.71 29.26 29.04
CA MET E 41 2.33 28.93 29.40
C MET E 41 2.03 29.30 30.85
N ILE E 42 2.97 29.02 31.76
CA ILE E 42 2.74 29.34 33.16
C ILE E 42 2.68 30.85 33.37
N ILE E 43 3.34 31.63 32.52
CA ILE E 43 3.44 33.07 32.73
C ILE E 43 2.06 33.72 32.61
N HIS E 44 1.22 33.23 31.71
CA HIS E 44 -0.14 33.77 31.60
C HIS E 44 -0.91 33.55 32.90
N GLN E 45 -0.83 32.34 33.45
CA GLN E 45 -1.52 32.04 34.70
C GLN E 45 -0.95 32.85 35.85
N ILE E 46 0.38 33.03 35.88
CA ILE E 46 1.00 33.81 36.94
C ILE E 46 0.55 35.27 36.85
N GLU E 47 0.43 35.79 35.62
CA GLU E 47 -0.03 37.16 35.45
C GLU E 47 -1.49 37.31 35.89
N ALA E 48 -2.33 36.34 35.56
CA ALA E 48 -3.72 36.38 36.03
C ALA E 48 -3.78 36.33 37.55
N LEU E 49 -2.96 35.48 38.17
CA LEU E 49 -2.90 35.42 39.62
C LEU E 49 -2.43 36.73 40.21
N LYS E 50 -1.45 37.38 39.57
CA LYS E 50 -1.02 38.69 40.03
C LYS E 50 -2.15 39.71 39.92
N ALA E 51 -2.97 39.58 38.86
CA ALA E 51 -4.13 40.46 38.71
C ALA E 51 -5.11 40.28 39.86
N VAL E 52 -5.40 39.03 40.24
CA VAL E 52 -6.21 38.78 41.43
C VAL E 52 -5.27 38.94 42.63
N GLY E 53 -5.82 38.93 43.84
CA GLY E 53 -4.98 39.14 45.01
C GLY E 53 -4.25 37.89 45.48
N VAL E 54 -2.96 37.80 45.14
CA VAL E 54 -2.10 36.72 45.61
C VAL E 54 -0.66 37.17 45.43
N THR E 55 0.22 36.69 46.31
CA THR E 55 1.62 37.10 46.29
C THR E 55 2.58 35.95 46.06
N GLU E 56 2.43 34.85 46.80
CA GLU E 56 3.36 33.73 46.73
C GLU E 56 2.72 32.57 45.96
N VAL E 57 3.46 32.06 44.99
CA VAL E 57 3.03 30.91 44.18
C VAL E 57 4.04 29.79 44.40
N ILE E 58 3.54 28.61 44.75
CA ILE E 58 4.38 27.44 44.97
C ILE E 58 4.26 26.52 43.77
N LEU E 59 5.39 26.02 43.30
CA LEU E 59 5.44 25.16 42.12
C LEU E 59 5.91 23.76 42.53
N ALA E 60 5.21 22.75 42.04
CA ALA E 60 5.57 21.36 42.28
C ALA E 60 6.22 20.82 41.01
N VAL E 61 7.53 21.04 40.90
CA VAL E 61 8.29 20.68 39.71
C VAL E 61 8.90 19.30 39.91
N ALA E 62 8.69 18.41 38.94
CA ALA E 62 9.21 17.05 38.98
C ALA E 62 10.08 16.70 37.79
N TYR E 63 9.62 17.03 36.57
CA TYR E 63 10.29 16.54 35.36
C TYR E 63 11.69 17.12 35.23
N ARG E 64 11.85 18.42 35.48
CA ARG E 64 13.14 19.09 35.29
C ARG E 64 13.27 20.23 36.29
N PRO E 65 14.05 20.05 37.35
CA PRO E 65 14.31 21.14 38.30
C PRO E 65 15.22 22.23 37.75
N GLU E 66 15.56 22.20 36.48
CA GLU E 66 16.37 23.25 35.86
C GLU E 66 15.54 24.45 35.43
N ALA E 67 14.22 24.41 35.63
CA ALA E 67 13.37 25.56 35.38
C ALA E 67 13.58 26.67 36.40
N MET E 68 14.38 26.42 37.44
CA MET E 68 14.59 27.40 38.49
C MET E 68 15.23 28.67 37.95
N LYS E 69 16.21 28.53 37.04
CA LYS E 69 16.88 29.71 36.50
C LYS E 69 15.92 30.57 35.68
N GLU E 70 15.09 29.93 34.85
CA GLU E 70 14.11 30.70 34.07
C GLU E 70 13.08 31.35 34.97
N GLN E 71 12.65 30.66 36.02
CA GLN E 71 11.71 31.26 36.97
C GLN E 71 12.34 32.46 37.68
N MET E 72 13.61 32.34 38.06
CA MET E 72 14.31 33.47 38.67
C MET E 72 14.42 34.63 37.69
N ASP E 73 14.60 34.32 36.40
CA ASP E 73 14.57 35.37 35.39
C ASP E 73 13.20 36.04 35.35
N GLU E 74 12.13 35.27 35.51
CA GLU E 74 10.78 35.80 35.57
C GLU E 74 10.33 36.12 36.99
N TRP E 75 11.23 35.99 37.98
CA TRP E 75 10.90 36.21 39.38
C TRP E 75 10.72 37.69 39.73
N SER E 76 11.06 38.60 38.82
CA SER E 76 11.02 40.03 39.15
C SER E 76 9.60 40.48 39.49
N ARG E 77 8.61 40.03 38.72
CA ARG E 77 7.26 40.54 38.91
C ARG E 77 6.60 39.96 40.17
N LYS E 78 6.77 38.66 40.41
CA LYS E 78 6.02 37.98 41.45
C LYS E 78 6.97 37.13 42.31
N LEU E 79 6.55 36.89 43.55
CA LEU E 79 7.32 36.09 44.50
C LEU E 79 7.00 34.61 44.31
N GLY E 80 7.46 34.08 43.18
CA GLY E 80 7.28 32.68 42.87
C GLY E 80 8.52 31.86 43.12
N VAL E 81 9.22 32.17 44.22
CA VAL E 81 10.50 31.53 44.51
C VAL E 81 10.32 30.11 45.06
N SER E 82 9.14 29.77 45.54
CA SER E 82 8.94 28.47 46.18
C SER E 82 9.12 27.33 45.18
N PHE E 83 9.82 26.29 45.62
CA PHE E 83 10.11 25.13 44.77
C PHE E 83 10.29 23.92 45.68
N VAL E 84 9.52 22.87 45.42
CA VAL E 84 9.56 21.65 46.23
C VAL E 84 9.60 20.43 45.33
N PHE E 85 10.46 19.48 45.68
CA PHE E 85 10.53 18.19 45.00
C PHE E 85 11.40 17.24 45.82
N SER E 86 10.90 16.01 45.98
CA SER E 86 11.67 14.95 46.62
C SER E 86 11.87 13.75 45.70
N VAL E 87 10.80 13.26 45.07
CA VAL E 87 10.86 12.11 44.18
C VAL E 87 9.64 12.17 43.28
N GLU E 88 9.74 11.57 42.09
CA GLU E 88 8.64 11.61 41.14
C GLU E 88 7.41 10.89 41.71
N GLU E 89 6.33 11.65 41.89
CA GLU E 89 5.08 11.10 42.39
C GLU E 89 4.09 10.84 41.25
N GLU E 90 3.74 11.90 40.51
CA GLU E 90 2.80 11.80 39.39
C GLU E 90 2.79 13.11 38.61
N PRO E 91 2.67 13.05 37.27
CA PRO E 91 2.43 14.29 36.52
C PRO E 91 1.18 15.03 36.98
N LEU E 92 0.12 14.29 37.30
CA LEU E 92 -1.07 14.91 37.89
C LEU E 92 -0.76 15.50 39.26
N GLY E 93 0.14 14.87 40.01
CA GLY E 93 0.66 15.44 41.23
C GLY E 93 -0.38 15.72 42.29
N THR E 94 -1.27 14.77 42.55
CA THR E 94 -2.22 14.93 43.64
C THR E 94 -1.50 15.06 44.97
N ALA E 95 -0.45 14.27 45.17
CA ALA E 95 0.38 14.39 46.36
C ALA E 95 1.19 15.69 46.39
N GLY E 96 1.24 16.42 45.28
CA GLY E 96 1.94 17.68 45.21
C GLY E 96 1.58 18.63 46.34
N PRO E 97 0.32 19.07 46.38
CA PRO E 97 -0.12 19.87 47.53
C PRO E 97 -0.01 19.14 48.86
N LEU E 98 -0.21 17.81 48.85
CA LEU E 98 -0.13 17.05 50.09
C LEU E 98 1.30 16.92 50.58
N ALA E 99 2.26 16.79 49.67
CA ALA E 99 3.66 16.71 50.06
C ALA E 99 4.17 18.03 50.63
N LEU E 100 3.48 19.13 50.38
CA LEU E 100 3.84 20.44 50.92
C LEU E 100 2.67 21.00 51.73
N ALA E 101 2.06 20.15 52.55
CA ALA E 101 0.95 20.60 53.39
C ALA E 101 1.40 21.51 54.52
N ARG E 102 2.68 21.45 54.89
CA ARG E 102 3.15 22.26 56.01
C ARG E 102 3.31 23.73 55.63
N ASP E 103 3.74 24.02 54.39
CA ASP E 103 3.98 25.40 54.00
C ASP E 103 2.68 26.17 53.80
N ILE E 104 1.68 25.52 53.21
CA ILE E 104 0.41 26.19 52.96
C ILE E 104 -0.32 26.49 54.27
N LEU E 105 -0.20 25.60 55.25
CA LEU E 105 -0.98 25.73 56.48
C LEU E 105 -0.46 26.84 57.39
N MET E 106 0.80 26.74 57.82
CA MET E 106 1.27 27.60 58.90
C MET E 106 1.35 29.06 58.48
N GLN E 107 1.65 29.34 57.21
CA GLN E 107 1.78 30.71 56.76
C GLN E 107 0.45 31.44 56.77
N ASP E 108 -0.58 30.84 56.20
CA ASP E 108 -1.88 31.48 56.08
C ASP E 108 -2.98 30.42 56.11
N ASP E 109 -4.20 30.88 56.43
CA ASP E 109 -5.38 30.03 56.45
C ASP E 109 -6.33 30.28 55.29
N LYS E 110 -5.96 31.17 54.37
CA LYS E 110 -6.84 31.49 53.25
C LYS E 110 -6.88 30.33 52.26
N PRO E 111 -7.97 30.20 51.50
CA PRO E 111 -8.03 29.17 50.46
C PRO E 111 -6.96 29.37 49.42
N PHE E 112 -6.45 28.25 48.89
CA PHE E 112 -5.34 28.24 47.95
C PHE E 112 -5.79 27.73 46.59
N PHE E 113 -5.33 28.41 45.54
CA PHE E 113 -5.65 28.00 44.18
C PHE E 113 -4.81 26.80 43.77
N VAL E 114 -5.37 26.00 42.86
CA VAL E 114 -4.65 24.91 42.22
C VAL E 114 -4.96 24.98 40.73
N LEU E 115 -3.90 25.00 39.91
CA LEU E 115 -4.05 25.16 38.46
C LEU E 115 -3.18 24.16 37.73
N ASN E 116 -3.60 23.82 36.51
CA ASN E 116 -2.74 23.13 35.57
C ASN E 116 -1.86 24.15 34.86
N SER E 117 -0.68 23.71 34.45
CA SER E 117 0.27 24.59 33.76
C SER E 117 0.10 24.58 32.25
N ASP E 118 -0.88 23.84 31.73
CA ASP E 118 -1.11 23.77 30.29
C ASP E 118 -2.54 24.17 29.95
N VAL E 119 -3.12 25.09 30.71
CA VAL E 119 -4.50 25.53 30.51
C VAL E 119 -4.48 27.01 30.14
N THR E 120 -5.23 27.36 29.10
CA THR E 120 -5.45 28.74 28.72
C THR E 120 -6.95 29.01 28.63
N CYS E 121 -7.35 30.16 29.16
CA CYS E 121 -8.76 30.55 29.18
C CYS E 121 -8.82 32.04 29.50
N THR E 122 -10.03 32.55 29.73
CA THR E 122 -10.19 33.95 30.11
C THR E 122 -9.56 34.23 31.47
N PHE E 123 -9.44 33.22 32.33
CA PHE E 123 -8.88 33.35 33.67
C PHE E 123 -9.67 34.36 34.47
N PRO E 124 -10.91 34.05 34.86
CA PRO E 124 -11.72 35.01 35.61
C PRO E 124 -11.05 35.47 36.90
N MET E 125 -10.77 34.52 37.79
CA MET E 125 -10.17 34.83 39.09
C MET E 125 -10.92 35.96 39.79
N GLN E 126 -12.25 35.87 39.76
CA GLN E 126 -13.08 36.97 40.23
C GLN E 126 -12.83 37.26 41.70
N GLU E 127 -12.86 38.54 42.07
CA GLU E 127 -12.74 38.93 43.46
C GLU E 127 -13.99 38.62 44.26
N LEU E 128 -15.08 38.23 43.60
CA LEU E 128 -16.27 37.78 44.32
C LEU E 128 -15.93 36.57 45.17
N LEU E 129 -16.50 36.55 46.38
CA LEU E 129 -16.16 35.49 47.33
C LEU E 129 -16.51 34.12 46.78
N ASP E 130 -17.76 33.95 46.31
CA ASP E 130 -18.25 32.67 45.80
C ASP E 130 -18.02 31.57 46.84
N PHE E 131 -18.34 31.89 48.09
CA PHE E 131 -18.05 31.01 49.22
C PHE E 131 -19.13 29.98 49.48
N HIS E 132 -20.23 30.00 48.72
CA HIS E 132 -21.23 28.95 48.84
C HIS E 132 -20.76 27.65 48.21
N LYS E 133 -19.89 27.74 47.19
CA LYS E 133 -19.33 26.57 46.54
C LYS E 133 -18.05 27.00 45.86
N ALA E 134 -16.92 26.44 46.29
CA ALA E 134 -15.62 26.96 45.86
C ALA E 134 -15.33 26.62 44.39
N HIS E 135 -15.25 25.33 44.06
CA HIS E 135 -14.86 24.92 42.72
C HIS E 135 -16.03 24.82 41.76
N GLY E 136 -17.26 24.74 42.26
CA GLY E 136 -18.40 24.57 41.37
C GLY E 136 -18.59 25.74 40.43
N GLY E 137 -18.53 26.97 40.96
CA GLY E 137 -18.70 28.14 40.13
C GLY E 137 -17.55 28.35 39.16
N GLU E 138 -16.32 28.26 39.68
CA GLU E 138 -15.13 28.45 38.85
C GLU E 138 -14.81 27.14 38.14
N GLY E 139 -13.65 27.08 37.49
CA GLY E 139 -13.30 25.89 36.73
C GLY E 139 -14.31 25.67 35.63
N THR E 140 -14.95 24.51 35.58
CA THR E 140 -15.97 24.33 34.56
C THR E 140 -17.27 25.07 34.93
N ILE E 141 -17.55 26.24 34.34
CA ILE E 141 -18.77 26.94 34.73
C ILE E 141 -19.99 26.19 34.22
N MET E 142 -21.10 26.38 34.91
CA MET E 142 -22.30 25.69 34.50
C MET E 142 -23.16 26.66 33.71
N VAL E 143 -23.55 26.30 32.50
CA VAL E 143 -24.46 27.16 31.75
C VAL E 143 -25.89 26.67 31.90
N VAL E 146 -14.64 22.77 28.79
CA VAL E 146 -16.06 22.69 29.09
C VAL E 146 -16.87 22.73 27.79
N THR E 147 -17.90 21.90 27.71
CA THR E 147 -18.75 21.78 26.53
C THR E 147 -17.92 21.46 25.28
N GLN E 148 -17.24 20.33 25.32
CA GLN E 148 -16.41 19.88 24.21
C GLN E 148 -16.38 18.36 24.22
N TRP E 149 -15.43 17.78 23.49
CA TRP E 149 -15.32 16.33 23.39
C TRP E 149 -15.08 15.70 24.76
N GLU E 150 -15.64 14.52 24.95
CA GLU E 150 -15.46 13.77 26.19
C GLU E 150 -14.26 12.82 26.16
N LYS E 151 -13.50 12.81 25.05
CA LYS E 151 -12.37 11.89 24.94
C LYS E 151 -11.29 12.22 25.98
N TYR E 152 -10.99 13.49 26.17
CA TYR E 152 -10.01 13.92 27.15
C TYR E 152 -10.69 14.71 28.26
N GLY E 153 -10.08 14.68 29.44
CA GLY E 153 -10.63 15.37 30.59
C GLY E 153 -11.77 14.59 31.23
N VAL E 154 -12.06 14.95 32.46
CA VAL E 154 -13.11 14.30 33.25
C VAL E 154 -14.46 14.92 32.93
N VAL E 155 -15.45 14.07 32.70
CA VAL E 155 -16.83 14.52 32.59
C VAL E 155 -17.37 14.83 33.98
N VAL E 156 -17.90 16.04 34.14
CA VAL E 156 -18.47 16.48 35.41
C VAL E 156 -19.96 16.67 35.21
N TYR E 157 -20.76 15.96 36.01
CA TYR E 157 -22.21 16.05 35.95
C TYR E 157 -22.68 17.01 37.04
N SER E 158 -23.13 18.20 36.63
CA SER E 158 -23.52 19.25 37.57
C SER E 158 -24.92 19.73 37.24
N PRO E 159 -25.88 19.60 38.15
CA PRO E 159 -27.21 20.18 37.92
C PRO E 159 -27.19 21.69 38.10
N GLN E 160 -28.36 22.32 38.03
CA GLN E 160 -28.44 23.78 38.19
C GLN E 160 -28.16 24.24 39.61
N ASN E 161 -28.07 23.32 40.58
CA ASN E 161 -27.80 23.67 41.96
C ASN E 161 -26.32 23.54 42.33
N TYR E 162 -25.46 23.32 41.34
CA TYR E 162 -24.01 23.30 41.53
C TYR E 162 -23.57 22.20 42.50
N GLN E 163 -23.84 20.96 42.10
CA GLN E 163 -23.35 19.79 42.81
C GLN E 163 -22.59 18.89 41.84
N ILE E 164 -21.59 18.19 42.36
CA ILE E 164 -20.82 17.23 41.58
C ILE E 164 -21.09 15.86 42.15
N GLU E 165 -21.56 14.95 41.29
CA GLU E 165 -21.91 13.59 41.70
C GLU E 165 -21.00 12.53 41.10
N ARG E 166 -20.73 12.62 39.80
CA ARG E 166 -19.88 11.65 39.11
C ARG E 166 -18.59 12.33 38.65
N PHE E 167 -17.49 11.57 38.71
CA PHE E 167 -16.17 12.09 38.38
C PHE E 167 -15.37 10.93 37.76
N VAL E 168 -15.42 10.83 36.44
CA VAL E 168 -14.75 9.77 35.71
C VAL E 168 -13.68 10.39 34.81
N GLU E 169 -12.42 9.99 35.05
CA GLU E 169 -11.30 10.69 34.43
C GLU E 169 -11.31 10.55 32.91
N LYS E 170 -11.39 9.33 32.40
CA LYS E 170 -11.39 9.06 30.97
C LYS E 170 -12.51 8.08 30.64
N PRO E 171 -13.75 8.55 30.59
CA PRO E 171 -14.86 7.67 30.24
C PRO E 171 -14.76 7.20 28.80
N SER E 172 -15.27 5.99 28.55
CA SER E 172 -15.27 5.46 27.20
C SER E 172 -16.33 6.15 26.35
N ARG E 173 -17.60 6.03 26.72
CA ARG E 173 -18.68 6.77 26.07
C ARG E 173 -19.76 7.04 27.12
N PHE E 174 -19.66 8.20 27.76
CA PHE E 174 -20.59 8.59 28.81
C PHE E 174 -21.28 9.91 28.54
N LEU E 175 -21.09 10.51 27.36
CA LEU E 175 -21.64 11.83 27.01
C LEU E 175 -21.13 12.83 28.05
N GLY E 176 -21.95 13.82 28.40
CA GLY E 176 -21.51 14.81 29.37
C GLY E 176 -20.45 15.72 28.82
N ASP E 177 -20.82 16.60 27.88
CA ASP E 177 -19.85 17.46 27.23
C ASP E 177 -19.11 18.36 28.21
N ARG E 178 -19.67 18.61 29.39
CA ARG E 178 -19.01 19.45 30.37
C ARG E 178 -17.79 18.73 30.95
N ILE E 179 -16.64 19.42 30.95
CA ILE E 179 -15.42 18.92 31.56
C ILE E 179 -14.82 20.02 32.41
N ASN E 180 -13.99 19.63 33.37
CA ASN E 180 -13.35 20.60 34.24
C ASN E 180 -12.36 21.47 33.45
N ALA E 181 -12.30 22.75 33.81
CA ALA E 181 -11.39 23.64 33.12
C ALA E 181 -9.94 23.41 33.51
N GLY E 182 -9.68 22.77 34.64
CA GLY E 182 -8.34 22.57 35.13
C GLY E 182 -7.92 23.54 36.22
N ILE E 183 -8.73 24.55 36.52
CA ILE E 183 -8.47 25.48 37.60
C ILE E 183 -9.32 25.08 38.79
N TYR E 184 -8.67 24.86 39.94
CA TYR E 184 -9.35 24.46 41.15
C TYR E 184 -8.99 25.42 42.27
N ILE E 185 -9.95 25.61 43.18
CA ILE E 185 -9.72 26.34 44.43
C ILE E 185 -10.14 25.43 45.57
N PHE E 186 -9.27 25.31 46.58
CA PHE E 186 -9.48 24.40 47.69
C PHE E 186 -9.24 25.12 49.00
N ASN E 187 -9.87 24.62 50.06
CA ASN E 187 -9.63 25.10 51.41
C ASN E 187 -8.59 24.21 52.09
N LYS E 188 -8.21 24.58 53.31
CA LYS E 188 -7.16 23.86 54.02
C LYS E 188 -7.59 22.45 54.40
N SER E 189 -8.88 22.14 54.34
CA SER E 189 -9.34 20.80 54.67
C SER E 189 -8.93 19.78 53.62
N ILE E 190 -8.86 20.19 52.35
CA ILE E 190 -8.55 19.25 51.28
C ILE E 190 -7.14 18.69 51.43
N LEU E 191 -6.17 19.57 51.68
CA LEU E 191 -4.79 19.11 51.85
C LEU E 191 -4.62 18.24 53.08
N ASP E 192 -5.48 18.39 54.08
CA ASP E 192 -5.46 17.55 55.27
C ASP E 192 -6.46 16.40 55.20
N ARG E 193 -7.20 16.26 54.09
CA ARG E 193 -8.22 15.23 54.01
C ARG E 193 -7.61 13.88 53.66
N ILE E 194 -7.03 13.77 52.46
CA ILE E 194 -6.45 12.52 52.00
C ILE E 194 -5.02 12.76 51.54
N PRO E 195 -4.04 12.80 52.44
CA PRO E 195 -2.64 12.82 52.03
C PRO E 195 -2.04 11.42 52.01
N PRO E 196 -2.32 10.62 50.98
CA PRO E 196 -1.91 9.20 51.02
C PRO E 196 -0.41 8.98 50.90
N ARG E 197 0.38 10.04 50.70
CA ARG E 197 1.84 10.01 50.61
C ARG E 197 2.36 9.31 49.36
N ARG E 198 1.51 9.05 48.37
CA ARG E 198 1.96 8.42 47.13
C ARG E 198 1.09 8.90 45.99
N ALA E 199 1.34 8.34 44.80
CA ALA E 199 0.66 8.78 43.59
C ALA E 199 -0.84 8.53 43.68
N SER E 200 -1.61 9.49 43.17
CA SER E 200 -3.07 9.38 43.12
C SER E 200 -3.58 10.38 42.08
N ILE E 201 -4.85 10.23 41.72
CA ILE E 201 -5.43 11.08 40.68
C ILE E 201 -6.46 12.03 41.27
N GLU E 202 -5.98 13.20 41.69
CA GLU E 202 -6.81 14.35 42.08
C GLU E 202 -7.64 14.10 43.33
N LYS E 203 -7.67 12.86 43.81
CA LYS E 203 -8.38 12.44 45.03
C LYS E 203 -9.70 13.17 45.20
N GLU E 204 -10.50 13.19 44.13
CA GLU E 204 -11.78 13.88 44.16
C GLU E 204 -12.82 13.01 44.84
N ILE E 205 -13.35 13.48 45.96
CA ILE E 205 -14.33 12.73 46.75
C ILE E 205 -15.63 13.52 46.73
N PHE E 206 -15.94 14.12 45.60
CA PHE E 206 -17.19 14.82 45.49
C PHE E 206 -18.47 14.09 45.88
N PRO E 207 -18.45 12.75 45.90
CA PRO E 207 -19.69 12.13 46.40
C PRO E 207 -20.05 12.54 47.82
N ALA E 208 -19.07 12.64 48.71
CA ALA E 208 -19.36 12.99 50.08
C ALA E 208 -19.98 14.36 50.29
N MET E 209 -19.54 15.39 49.57
CA MET E 209 -20.04 16.75 49.84
C MET E 209 -20.62 17.48 48.64
N ALA E 210 -21.50 18.44 48.91
CA ALA E 210 -22.10 19.21 47.82
C ALA E 210 -21.83 20.73 47.77
N ALA E 211 -21.61 21.37 48.91
CA ALA E 211 -21.43 22.83 48.92
C ALA E 211 -20.28 23.42 49.76
N GLU E 212 -19.30 24.08 49.13
CA GLU E 212 -18.21 24.79 49.86
C GLU E 212 -17.17 23.92 50.56
N GLY E 213 -17.26 22.60 50.41
CA GLY E 213 -16.30 21.69 51.00
C GLY E 213 -14.95 21.91 50.38
N GLN E 214 -14.94 22.14 49.08
CA GLN E 214 -13.72 22.39 48.37
C GLN E 214 -13.11 23.61 48.99
N LEU E 220 -16.20 28.46 32.98
CA LEU E 220 -15.53 29.56 32.38
C LEU E 220 -16.45 30.07 31.34
N GLU E 221 -16.89 31.31 31.44
CA GLU E 221 -17.65 31.88 30.36
C GLU E 221 -16.55 32.56 29.62
N GLY E 222 -16.09 31.94 28.54
CA GLY E 222 -14.97 32.48 27.81
C GLY E 222 -14.44 31.36 26.96
N PHE E 223 -13.27 31.57 26.38
CA PHE E 223 -12.69 30.52 25.60
C PHE E 223 -12.01 29.65 26.55
N TRP E 224 -11.78 28.42 26.15
CA TRP E 224 -10.99 27.54 27.00
C TRP E 224 -10.38 26.47 26.12
N MET E 225 -9.14 26.08 26.43
CA MET E 225 -8.48 25.03 25.68
C MET E 225 -7.34 24.45 26.50
N ASP E 226 -7.25 23.12 26.51
CA ASP E 226 -6.13 22.42 27.16
C ASP E 226 -4.96 22.42 26.20
N VAL E 227 -4.06 23.38 26.36
CA VAL E 227 -2.94 23.56 25.41
C VAL E 227 -1.82 22.62 25.87
N GLY E 228 -1.94 21.37 25.45
CA GLY E 228 -0.96 20.36 25.79
C GLY E 228 -0.66 19.41 24.65
N GLN E 229 -1.31 19.64 23.52
CA GLN E 229 -1.10 18.86 22.31
C GLN E 229 -0.85 19.80 21.14
N PRO E 230 -0.12 19.36 20.12
CA PRO E 230 0.17 20.26 18.98
C PRO E 230 -1.07 20.84 18.31
N LYS E 231 -2.01 19.98 17.91
CA LYS E 231 -3.26 20.48 17.33
C LYS E 231 -4.04 21.29 18.35
N ASP E 232 -4.05 20.85 19.60
CA ASP E 232 -4.68 21.64 20.66
C ASP E 232 -3.94 22.95 20.88
N TYR E 233 -2.61 22.93 20.74
CA TYR E 233 -1.84 24.17 20.83
C TYR E 233 -2.28 25.16 19.77
N ILE E 234 -2.38 24.70 18.52
CA ILE E 234 -2.76 25.58 17.41
C ILE E 234 -4.17 26.12 17.62
N LEU E 235 -5.11 25.23 17.99
CA LEU E 235 -6.49 25.67 18.16
C LEU E 235 -6.63 26.63 19.33
N GLY E 236 -5.91 26.38 20.43
CA GLY E 236 -5.96 27.28 21.55
C GLY E 236 -5.37 28.64 21.24
N MET E 237 -4.28 28.66 20.46
CA MET E 237 -3.74 29.95 20.01
C MET E 237 -4.74 30.69 19.14
N THR E 238 -5.42 29.96 18.25
CA THR E 238 -6.45 30.56 17.40
C THR E 238 -7.58 31.16 18.23
N LYS E 239 -7.99 30.47 19.29
CA LYS E 239 -9.05 31.00 20.14
C LYS E 239 -8.56 32.10 21.08
N PHE E 240 -7.26 32.13 21.37
CA PHE E 240 -6.73 33.02 22.39
C PHE E 240 -6.32 34.38 21.83
N ILE E 241 -5.75 34.43 20.63
CA ILE E 241 -5.26 35.70 20.08
C ILE E 241 -6.37 36.74 19.94
N PRO E 242 -7.55 36.42 19.40
CA PRO E 242 -8.61 37.45 19.33
C PRO E 242 -8.99 38.03 20.69
N SER E 243 -8.98 37.22 21.75
CA SER E 243 -9.34 37.71 23.07
C SER E 243 -8.28 38.61 23.67
N LEU E 244 -7.08 38.64 23.11
CA LEU E 244 -5.97 39.43 23.66
C LEU E 244 -5.91 40.82 23.05
N VAL E 245 -6.71 41.11 22.02
CA VAL E 245 -6.61 42.39 21.31
C VAL E 245 -6.92 43.57 22.21
N HIS E 246 -7.64 43.36 23.30
CA HIS E 246 -8.01 44.46 24.18
C HIS E 246 -6.84 44.96 25.01
N GLY E 247 -5.95 44.07 25.45
CA GLY E 247 -4.96 44.44 26.43
C GLY E 247 -3.53 44.65 25.96
N ASN E 248 -3.04 43.80 25.06
CA ASN E 248 -1.63 43.79 24.66
C ASN E 248 -1.46 44.66 23.41
N ARG E 249 -0.80 45.80 23.57
CA ARG E 249 -0.47 46.74 22.50
C ARG E 249 -1.70 47.26 21.77
N GLU E 250 -2.89 47.05 22.33
CA GLU E 250 -4.15 47.50 21.73
C GLU E 250 -4.30 47.02 20.29
N HIS E 255 -2.77 49.72 10.18
CA HIS E 255 -2.06 49.22 11.34
C HIS E 255 -3.03 48.68 12.39
N THR E 256 -4.32 48.76 12.09
CA THR E 256 -5.36 48.30 12.99
C THR E 256 -5.78 46.86 12.72
N GLU E 257 -5.20 46.20 11.72
CA GLU E 257 -5.62 44.84 11.39
C GLU E 257 -5.15 43.84 12.44
N ALA E 258 -3.94 44.04 12.98
CA ALA E 258 -3.37 43.12 13.96
C ALA E 258 -2.66 43.91 15.04
N VAL E 259 -2.04 43.19 15.97
CA VAL E 259 -1.29 43.83 17.04
C VAL E 259 -0.08 44.55 16.49
N GLU E 260 0.65 43.91 15.58
CA GLU E 260 1.82 44.51 14.94
C GLU E 260 1.65 44.46 13.43
N HIS E 261 1.88 45.59 12.76
CA HIS E 261 1.72 45.69 11.32
C HIS E 261 2.89 46.36 10.62
N GLN E 262 3.86 46.92 11.35
CA GLN E 262 5.02 47.56 10.73
C GLN E 262 6.21 47.36 11.65
N ARG E 263 7.02 46.33 11.37
CA ARG E 263 8.21 46.07 12.15
C ARG E 263 9.43 45.98 11.25
N GLY E 264 9.24 45.45 10.04
CA GLY E 264 10.33 45.38 9.08
C GLY E 264 9.86 45.57 7.65
N GLY E 265 10.46 46.55 6.96
CA GLY E 265 10.07 46.82 5.58
C GLY E 265 8.60 47.17 5.49
N ARG E 266 7.88 46.46 4.60
CA ARG E 266 6.45 46.67 4.41
C ARG E 266 5.82 45.30 4.17
N PHE E 267 5.07 44.80 5.14
CA PHE E 267 4.41 43.52 5.03
C PHE E 267 2.92 43.68 5.34
N THR E 268 2.12 42.75 4.83
CA THR E 268 0.69 42.76 5.03
C THR E 268 0.29 41.66 6.02
N VAL E 269 -0.78 41.93 6.77
CA VAL E 269 -1.27 41.02 7.79
C VAL E 269 -2.75 40.73 7.51
N ILE E 270 -3.12 39.46 7.58
CA ILE E 270 -4.50 39.03 7.46
C ILE E 270 -4.96 38.56 8.84
N GLY E 271 -5.95 39.24 9.39
CA GLY E 271 -6.41 38.93 10.73
C GLY E 271 -5.46 39.43 11.78
N ALA E 272 -5.69 38.96 13.01
CA ALA E 272 -4.87 39.36 14.15
C ALA E 272 -3.68 38.44 14.30
N SER E 273 -2.56 39.01 14.75
CA SER E 273 -1.34 38.25 14.97
C SER E 273 -0.50 38.95 16.02
N LEU E 274 0.37 38.17 16.67
CA LEU E 274 1.26 38.67 17.71
C LEU E 274 2.70 38.62 17.19
N ILE E 275 3.32 39.78 17.07
CA ILE E 275 4.70 39.88 16.57
C ILE E 275 5.51 40.66 17.59
N ASP E 276 6.55 40.03 18.13
CA ASP E 276 7.39 40.69 19.12
C ASP E 276 8.19 41.79 18.43
N PRO E 277 8.17 43.02 18.95
CA PRO E 277 8.93 44.13 18.31
C PRO E 277 10.38 43.83 18.02
N SER E 278 10.95 42.80 18.65
CA SER E 278 12.33 42.43 18.38
C SER E 278 12.49 41.64 17.08
N ALA E 279 11.41 41.15 16.50
CA ALA E 279 11.48 40.37 15.28
C ALA E 279 11.69 41.27 14.06
N LYS E 280 12.12 40.65 12.96
CA LYS E 280 12.30 41.34 11.69
C LYS E 280 11.50 40.61 10.62
N ILE E 281 10.72 41.35 9.85
CA ILE E 281 9.85 40.80 8.82
C ILE E 281 10.30 41.32 7.46
N GLY E 282 10.33 40.45 6.48
CA GLY E 282 10.78 40.81 5.15
C GLY E 282 9.77 41.64 4.39
N ASP E 283 10.14 41.97 3.15
CA ASP E 283 9.32 42.82 2.29
C ASP E 283 8.29 41.94 1.58
N GLY E 284 7.04 42.05 1.98
CA GLY E 284 5.95 41.33 1.34
C GLY E 284 5.48 40.08 2.04
N ALA E 285 6.00 39.79 3.23
CA ALA E 285 5.52 38.64 3.99
C ALA E 285 4.06 38.84 4.38
N VAL E 286 3.32 37.73 4.41
CA VAL E 286 1.88 37.77 4.71
C VAL E 286 1.69 36.98 6.01
N ILE E 287 1.69 37.70 7.14
CA ILE E 287 1.45 37.09 8.44
C ILE E 287 -0.04 36.76 8.52
N GLY E 288 -0.37 35.47 8.49
CA GLY E 288 -1.74 35.04 8.39
C GLY E 288 -2.51 35.18 9.67
N PRO E 289 -3.73 34.64 9.71
CA PRO E 289 -4.58 34.79 10.89
C PRO E 289 -4.05 33.97 12.06
N TYR E 290 -3.99 34.61 13.23
CA TYR E 290 -3.63 33.95 14.49
C TYR E 290 -2.26 33.30 14.40
N ALA E 291 -1.25 34.13 14.20
CA ALA E 291 0.14 33.69 14.14
C ALA E 291 0.97 34.45 15.16
N SER E 292 1.98 33.78 15.70
CA SER E 292 2.84 34.35 16.73
C SER E 292 4.30 34.25 16.27
N ILE E 293 5.02 35.36 16.38
CA ILE E 293 6.43 35.44 16.00
C ILE E 293 7.24 35.79 17.24
N GLY E 294 8.26 35.00 17.52
CA GLY E 294 9.02 35.14 18.75
C GLY E 294 10.09 36.21 18.69
N ALA E 295 10.82 36.33 19.80
CA ALA E 295 11.87 37.33 19.90
C ALA E 295 13.04 37.00 18.97
N ASN E 296 13.63 38.04 18.39
CA ASN E 296 14.84 37.93 17.58
C ASN E 296 14.63 37.08 16.33
N CYS E 297 13.40 36.66 16.08
CA CYS E 297 13.11 35.83 14.91
C CYS E 297 13.21 36.67 13.64
N VAL E 298 13.65 36.02 12.57
CA VAL E 298 13.79 36.65 11.26
C VAL E 298 12.88 35.94 10.28
N ILE E 299 12.05 36.70 9.57
CA ILE E 299 11.11 36.16 8.60
C ILE E 299 11.52 36.66 7.22
N GLY E 300 11.56 35.74 6.25
CA GLY E 300 12.03 36.06 4.91
C GLY E 300 11.16 37.06 4.17
N GLU E 301 11.46 37.26 2.88
CA GLU E 301 10.81 38.32 2.12
C GLU E 301 9.33 38.04 1.92
N SER E 302 8.98 36.84 1.45
CA SER E 302 7.61 36.54 1.04
C SER E 302 7.10 35.27 1.71
N CYS E 303 7.30 35.17 3.02
CA CYS E 303 6.80 34.02 3.75
C CYS E 303 5.29 34.10 3.93
N ARG E 304 4.73 33.02 4.49
CA ARG E 304 3.31 32.96 4.82
C ARG E 304 3.19 32.27 6.16
N ILE E 305 2.89 33.04 7.21
CA ILE E 305 2.80 32.50 8.57
C ILE E 305 1.31 32.38 8.86
N ASP E 306 0.75 31.21 8.55
CA ASP E 306 -0.70 30.98 8.66
C ASP E 306 -0.96 30.10 9.86
N ASN E 307 -1.45 30.70 10.95
CA ASN E 307 -1.80 29.98 12.17
C ASN E 307 -0.61 29.16 12.69
N ALA E 308 0.58 29.71 12.55
CA ALA E 308 1.80 29.04 12.96
C ALA E 308 2.52 29.87 14.00
N ALA E 309 3.25 29.18 14.89
CA ALA E 309 3.97 29.81 15.97
C ALA E 309 5.46 29.65 15.75
N ILE E 310 6.18 30.76 15.77
CA ILE E 310 7.64 30.77 15.70
C ILE E 310 8.16 31.14 17.09
N LEU E 311 8.93 30.23 17.69
CA LEU E 311 9.20 30.35 19.12
C LEU E 311 10.24 31.43 19.43
N GLU E 312 11.47 31.26 18.95
CA GLU E 312 12.52 32.20 19.29
C GLU E 312 13.75 31.93 18.43
N ASN E 313 14.41 33.01 18.00
CA ASN E 313 15.68 32.98 17.29
C ASN E 313 15.62 32.20 15.97
N SER E 314 14.43 31.79 15.54
CA SER E 314 14.31 31.02 14.31
C SER E 314 14.47 31.93 13.10
N LYS E 315 15.08 31.40 12.05
CA LYS E 315 15.29 32.12 10.80
C LYS E 315 14.57 31.39 9.67
N VAL E 316 13.91 32.16 8.81
CA VAL E 316 13.09 31.61 7.74
C VAL E 316 13.50 32.26 6.42
N GLY E 317 13.62 31.44 5.38
CA GLY E 317 14.03 31.91 4.07
C GLY E 317 12.91 32.61 3.33
N LYS E 318 13.13 32.80 2.02
CA LYS E 318 12.22 33.59 1.19
C LYS E 318 11.19 32.67 0.54
N GLY E 319 9.96 32.72 1.02
CA GLY E 319 8.86 32.05 0.36
C GLY E 319 8.31 30.81 1.02
N THR E 320 8.77 30.46 2.22
CA THR E 320 8.21 29.30 2.89
C THR E 320 6.77 29.57 3.30
N MET E 321 6.02 28.49 3.51
CA MET E 321 4.64 28.57 3.98
C MET E 321 4.51 27.65 5.19
N VAL E 322 4.84 28.17 6.36
CA VAL E 322 4.64 27.43 7.61
C VAL E 322 3.19 27.66 8.06
N SER E 323 2.37 26.63 7.96
CA SER E 323 0.93 26.75 8.17
C SER E 323 0.48 25.74 9.21
N ARG E 324 -0.18 26.23 10.26
CA ARG E 324 -0.79 25.41 11.31
C ARG E 324 0.22 24.51 12.01
N SER E 325 1.50 24.87 11.99
CA SER E 325 2.54 24.06 12.63
C SER E 325 3.38 24.95 13.53
N ILE E 326 4.26 24.31 14.29
CA ILE E 326 5.07 24.97 15.31
C ILE E 326 6.53 24.85 14.93
N VAL E 327 7.26 25.97 15.01
CA VAL E 327 8.68 26.03 14.66
C VAL E 327 9.45 26.33 15.94
N GLY E 328 10.32 25.40 16.33
CA GLY E 328 10.95 25.46 17.63
C GLY E 328 12.06 26.51 17.70
N TRP E 329 12.71 26.53 18.87
CA TRP E 329 13.75 27.51 19.13
C TRP E 329 14.95 27.30 18.23
N ASN E 330 15.59 28.42 17.86
CA ASN E 330 16.89 28.41 17.18
C ASN E 330 16.86 27.60 15.88
N ASN E 331 15.69 27.53 15.24
CA ASN E 331 15.59 26.80 13.98
C ASN E 331 16.21 27.63 12.86
N ARG E 332 16.47 26.94 11.74
CA ARG E 332 16.95 27.58 10.52
C ARG E 332 16.19 26.95 9.36
N ILE E 333 15.05 27.52 9.02
CA ILE E 333 14.21 27.01 7.93
C ILE E 333 14.81 27.44 6.60
N GLY E 334 14.69 26.56 5.60
CA GLY E 334 15.24 26.83 4.30
C GLY E 334 14.54 27.98 3.59
N SER E 335 14.81 28.08 2.30
CA SER E 335 14.32 29.22 1.53
C SER E 335 12.89 29.01 1.03
N TRP E 336 12.62 27.86 0.40
CA TRP E 336 11.32 27.66 -0.22
C TRP E 336 10.62 26.42 0.35
N CYS E 337 10.60 26.29 1.66
CA CYS E 337 10.01 25.12 2.30
C CYS E 337 8.49 25.24 2.35
N HIS E 338 7.87 24.19 2.90
CA HIS E 338 6.42 24.15 3.14
C HIS E 338 6.20 23.27 4.37
N ILE E 339 6.08 23.92 5.53
CA ILE E 339 5.86 23.22 6.79
C ILE E 339 4.36 23.37 7.09
N LYS E 340 3.57 22.42 6.62
CA LYS E 340 2.12 22.48 6.71
C LYS E 340 1.61 21.43 7.68
N ASP E 341 0.29 21.32 7.77
CA ASP E 341 -0.40 20.38 8.65
C ASP E 341 0.06 20.66 10.09
N ILE E 342 0.03 19.65 10.95
CA ILE E 342 0.48 19.80 12.34
C ILE E 342 1.83 19.10 12.41
N SER E 343 2.89 19.88 12.18
CA SER E 343 4.25 19.35 12.16
C SER E 343 5.11 20.18 13.11
N VAL E 344 5.43 19.61 14.26
CA VAL E 344 6.17 20.32 15.30
C VAL E 344 7.66 20.14 15.05
N LEU E 345 8.39 21.25 15.00
CA LEU E 345 9.84 21.22 14.84
C LEU E 345 10.50 21.46 16.18
N GLY E 346 11.52 20.66 16.50
CA GLY E 346 12.21 20.76 17.75
C GLY E 346 13.27 21.84 17.75
N ASP E 347 14.05 21.88 18.82
CA ASP E 347 15.11 22.85 18.97
C ASP E 347 16.23 22.61 17.96
N ASP E 348 16.72 23.71 17.38
CA ASP E 348 17.91 23.68 16.51
C ASP E 348 17.75 22.69 15.35
N VAL E 349 16.58 22.73 14.71
CA VAL E 349 16.33 21.90 13.52
C VAL E 349 16.55 22.76 12.29
N GLU E 350 17.39 22.28 11.38
CA GLU E 350 17.68 22.98 10.13
C GLU E 350 17.03 22.23 8.98
N VAL E 351 16.32 22.96 8.12
CA VAL E 351 15.60 22.39 6.99
C VAL E 351 16.21 22.95 5.71
N LYS E 352 16.55 22.06 4.78
CA LYS E 352 17.14 22.48 3.52
C LYS E 352 16.08 23.12 2.62
N ASP E 353 16.55 23.78 1.56
CA ASP E 353 15.66 24.48 0.65
C ASP E 353 14.75 23.51 -0.09
N GLY E 354 13.49 23.90 -0.24
CA GLY E 354 12.55 23.12 -1.01
C GLY E 354 11.96 21.91 -0.31
N VAL E 355 12.31 21.69 0.95
CA VAL E 355 11.83 20.52 1.69
C VAL E 355 10.38 20.77 2.11
N ILE E 356 9.52 19.78 1.86
CA ILE E 356 8.11 19.86 2.21
C ILE E 356 7.86 18.93 3.39
N LEU E 357 7.44 19.50 4.51
CA LEU E 357 7.10 18.73 5.71
C LEU E 357 5.60 18.86 5.96
N ILE E 358 4.92 17.74 6.10
CA ILE E 358 3.48 17.70 6.29
C ILE E 358 3.20 16.77 7.47
N GLY E 359 3.01 17.36 8.65
CA GLY E 359 2.66 16.57 9.82
C GLY E 359 3.77 15.73 10.39
N THR E 360 5.02 16.07 10.12
CA THR E 360 6.17 15.31 10.60
C THR E 360 6.82 16.05 11.75
N LYS E 361 6.97 15.39 12.88
CA LYS E 361 7.63 15.97 14.05
C LYS E 361 9.13 15.65 14.00
N VAL E 362 9.94 16.68 14.16
CA VAL E 362 11.40 16.56 14.09
C VAL E 362 11.97 16.73 15.49
N LEU E 363 12.77 15.76 15.92
CA LEU E 363 13.41 15.84 17.22
C LEU E 363 14.53 16.88 17.19
N PRO E 364 14.93 17.38 18.36
CA PRO E 364 15.93 18.46 18.38
C PRO E 364 17.25 18.05 17.76
N ASN E 365 17.93 19.04 17.17
CA ASN E 365 19.26 18.88 16.58
C ASN E 365 19.24 17.84 15.46
N LYS E 366 18.44 18.15 14.43
CA LYS E 366 18.35 17.31 13.25
C LYS E 366 18.39 18.17 12.01
N ASP E 367 18.83 17.59 10.91
CA ASP E 367 18.84 18.24 9.60
C ASP E 367 17.90 17.48 8.67
N VAL E 368 16.95 18.18 8.08
CA VAL E 368 15.96 17.60 7.19
C VAL E 368 16.30 18.01 5.77
N GLY E 369 16.45 17.03 4.89
CA GLY E 369 16.77 17.30 3.51
C GLY E 369 15.88 16.54 2.54
N GLU E 370 15.01 15.70 3.08
CA GLU E 370 14.14 14.86 2.27
C GLU E 370 12.68 15.23 2.50
N HIS E 371 11.88 15.09 1.46
CA HIS E 371 10.45 15.37 1.55
C HIS E 371 9.75 14.32 2.40
N ARG E 372 8.64 14.73 3.01
CA ARG E 372 7.83 13.80 3.81
C ARG E 372 6.37 14.23 3.66
N PHE E 373 5.61 13.50 2.86
CA PHE E 373 4.24 13.85 2.54
C PHE E 373 3.23 13.18 3.46
N GLU E 374 3.68 12.40 4.43
CA GLU E 374 2.77 11.71 5.34
C GLU E 374 3.16 12.02 6.78
N PRO E 375 2.19 12.00 7.70
CA PRO E 375 2.53 12.21 9.11
C PRO E 375 3.50 11.16 9.61
N GLY E 376 4.43 11.58 10.44
CA GLY E 376 5.44 10.67 10.93
C GLY E 376 6.40 11.38 11.88
N ILE E 377 7.48 10.69 12.19
CA ILE E 377 8.50 11.20 13.11
C ILE E 377 9.85 11.18 12.40
N ILE E 378 10.65 12.22 12.61
CA ILE E 378 12.02 12.29 12.13
C ILE E 378 12.94 12.22 13.33
N MET E 379 13.80 11.21 13.36
CA MET E 379 14.71 11.01 14.47
C MET E 379 15.94 11.91 14.35
N MET F 9 -37.77 -41.88 18.95
CA MET F 9 -37.07 -43.16 19.03
C MET F 9 -35.86 -43.17 18.11
N ARG F 10 -35.84 -42.25 17.15
CA ARG F 10 -34.74 -42.16 16.19
C ARG F 10 -34.46 -40.70 15.89
N ALA F 11 -33.25 -40.44 15.39
CA ALA F 11 -32.83 -39.10 15.04
C ALA F 11 -32.05 -39.14 13.74
N VAL F 12 -32.05 -38.01 13.03
CA VAL F 12 -31.36 -37.87 11.76
C VAL F 12 -30.33 -36.77 11.94
N ILE F 13 -29.08 -37.15 12.23
CA ILE F 13 -28.00 -36.19 12.40
C ILE F 13 -27.33 -36.01 11.04
N LEU F 14 -27.60 -34.88 10.40
CA LEU F 14 -27.00 -34.58 9.10
C LEU F 14 -25.50 -34.38 9.28
N VAL F 15 -24.72 -35.31 8.70
CA VAL F 15 -23.27 -35.26 8.82
C VAL F 15 -22.59 -35.14 7.46
N GLY F 16 -23.33 -35.17 6.36
CA GLY F 16 -22.74 -35.05 5.05
C GLY F 16 -22.58 -33.60 4.61
N GLY F 17 -21.33 -33.14 4.52
CA GLY F 17 -21.05 -31.79 4.12
C GLY F 17 -19.56 -31.50 4.05
N PHE F 18 -19.15 -30.66 3.10
CA PHE F 18 -17.73 -30.43 2.86
C PHE F 18 -17.06 -29.64 3.98
N GLY F 19 -17.82 -28.86 4.75
CA GLY F 19 -17.24 -28.06 5.81
C GLY F 19 -16.29 -27.00 5.27
N THR F 20 -16.73 -26.28 4.23
CA THR F 20 -15.86 -25.31 3.58
C THR F 20 -15.46 -24.17 4.53
N ARG F 21 -16.32 -23.84 5.50
CA ARG F 21 -16.01 -22.74 6.40
C ARG F 21 -14.89 -23.12 7.37
N LEU F 22 -14.97 -24.31 7.95
CA LEU F 22 -13.91 -24.83 8.82
C LEU F 22 -12.90 -25.64 8.03
N ARG F 23 -12.34 -25.03 6.98
CA ARG F 23 -11.62 -25.81 5.98
C ARG F 23 -10.26 -26.32 6.47
N PRO F 24 -9.40 -25.52 7.11
CA PRO F 24 -8.07 -26.05 7.47
C PRO F 24 -8.11 -27.27 8.36
N LEU F 25 -9.16 -27.44 9.17
CA LEU F 25 -9.30 -28.63 10.00
C LEU F 25 -10.11 -29.72 9.33
N THR F 26 -10.99 -29.39 8.40
CA THR F 26 -11.84 -30.39 7.76
C THR F 26 -11.21 -31.01 6.52
N LEU F 27 -9.98 -30.64 6.18
CA LEU F 27 -9.27 -31.33 5.11
C LEU F 27 -8.79 -32.71 5.54
N THR F 28 -8.80 -33.01 6.83
CA THR F 28 -8.40 -34.30 7.37
C THR F 28 -9.57 -35.12 7.89
N THR F 29 -10.49 -34.51 8.62
CA THR F 29 -11.64 -35.18 9.19
C THR F 29 -12.91 -34.43 8.84
N PRO F 30 -14.04 -35.12 8.76
CA PRO F 30 -15.30 -34.41 8.49
C PRO F 30 -15.64 -33.45 9.61
N LYS F 31 -16.38 -32.40 9.26
CA LYS F 31 -16.77 -31.40 10.25
C LYS F 31 -17.49 -31.97 11.47
N PRO F 32 -18.37 -32.96 11.35
CA PRO F 32 -18.95 -33.55 12.58
C PRO F 32 -17.92 -34.12 13.52
N LEU F 33 -16.82 -34.66 13.00
CA LEU F 33 -15.86 -35.40 13.82
C LEU F 33 -14.71 -34.55 14.34
N VAL F 34 -14.63 -33.28 13.99
CA VAL F 34 -13.58 -32.42 14.55
C VAL F 34 -13.95 -32.08 15.99
N PRO F 35 -13.07 -32.33 16.95
CA PRO F 35 -13.43 -32.09 18.36
C PRO F 35 -13.75 -30.63 18.62
N PHE F 36 -14.74 -30.40 19.49
CA PHE F 36 -15.15 -29.06 19.87
C PHE F 36 -14.38 -28.57 21.09
N CYS F 37 -14.53 -29.26 22.22
CA CYS F 37 -13.76 -28.98 23.41
C CYS F 37 -12.83 -30.13 23.76
N ASN F 38 -13.39 -31.32 23.98
CA ASN F 38 -12.62 -32.53 24.14
C ASN F 38 -13.19 -33.72 23.39
N LYS F 39 -14.37 -33.59 22.80
CA LYS F 39 -15.06 -34.65 22.08
C LYS F 39 -15.53 -34.11 20.74
N PRO F 40 -15.75 -34.99 19.76
CA PRO F 40 -16.24 -34.51 18.46
C PRO F 40 -17.59 -33.82 18.58
N MET F 41 -17.83 -32.89 17.66
CA MET F 41 -19.06 -32.10 17.69
C MET F 41 -20.30 -32.97 17.74
N ILE F 42 -20.30 -34.07 16.98
CA ILE F 42 -21.46 -34.94 16.96
C ILE F 42 -21.64 -35.67 18.28
N ILE F 43 -20.56 -35.86 19.04
CA ILE F 43 -20.65 -36.67 20.27
C ILE F 43 -21.52 -35.96 21.31
N HIS F 44 -21.45 -34.63 21.38
CA HIS F 44 -22.32 -33.91 22.30
C HIS F 44 -23.79 -34.13 21.96
N GLN F 45 -24.14 -34.04 20.68
CA GLN F 45 -25.51 -34.27 20.27
C GLN F 45 -25.95 -35.70 20.53
N ILE F 46 -25.05 -36.67 20.28
CA ILE F 46 -25.39 -38.06 20.54
C ILE F 46 -25.61 -38.30 22.02
N GLU F 47 -24.79 -37.67 22.87
CA GLU F 47 -24.99 -37.79 24.31
C GLU F 47 -26.31 -37.17 24.75
N ALA F 48 -26.68 -36.02 24.19
CA ALA F 48 -27.96 -35.42 24.52
C ALA F 48 -29.12 -36.33 24.07
N LEU F 49 -29.01 -36.90 22.88
CA LEU F 49 -30.03 -37.82 22.39
C LEU F 49 -30.10 -39.08 23.24
N LYS F 50 -28.97 -39.52 23.80
CA LYS F 50 -29.01 -40.63 24.74
C LYS F 50 -29.66 -40.22 26.05
N ALA F 51 -29.47 -38.97 26.47
CA ALA F 51 -30.13 -38.47 27.67
C ALA F 51 -31.64 -38.49 27.49
N VAL F 52 -32.13 -38.03 26.34
CA VAL F 52 -33.55 -38.20 26.02
C VAL F 52 -33.69 -39.64 25.54
N GLY F 53 -34.93 -40.12 25.37
CA GLY F 53 -35.10 -41.51 25.01
C GLY F 53 -35.10 -41.80 23.53
N VAL F 54 -33.94 -42.17 22.99
CA VAL F 54 -33.81 -42.73 21.64
C VAL F 54 -32.73 -43.81 21.70
N THR F 55 -32.76 -44.70 20.72
CA THR F 55 -31.81 -45.81 20.68
C THR F 55 -30.99 -45.87 19.41
N GLU F 56 -31.60 -45.62 18.25
CA GLU F 56 -30.92 -45.72 16.97
C GLU F 56 -30.79 -44.33 16.35
N VAL F 57 -29.57 -43.97 15.96
CA VAL F 57 -29.28 -42.71 15.28
C VAL F 57 -28.78 -43.03 13.88
N ILE F 58 -29.40 -42.43 12.88
CA ILE F 58 -29.02 -42.64 11.48
C ILE F 58 -28.24 -41.42 11.00
N LEU F 59 -27.13 -41.68 10.31
CA LEU F 59 -26.25 -40.64 9.82
C LEU F 59 -26.29 -40.59 8.30
N ALA F 60 -26.44 -39.39 7.75
CA ALA F 60 -26.42 -39.17 6.30
C ALA F 60 -25.05 -38.57 5.96
N VAL F 61 -24.07 -39.44 5.72
CA VAL F 61 -22.70 -39.02 5.48
C VAL F 61 -22.45 -38.99 3.97
N ALA F 62 -21.93 -37.86 3.49
CA ALA F 62 -21.63 -37.66 2.08
C ALA F 62 -20.18 -37.33 1.82
N TYR F 63 -19.60 -36.40 2.58
CA TYR F 63 -18.27 -35.88 2.27
C TYR F 63 -17.20 -36.95 2.38
N ARG F 64 -17.25 -37.77 3.42
CA ARG F 64 -16.22 -38.78 3.66
C ARG F 64 -16.86 -39.96 4.39
N PRO F 65 -17.10 -41.07 3.69
CA PRO F 65 -17.66 -42.25 4.36
C PRO F 65 -16.62 -43.00 5.19
N GLU F 66 -15.45 -42.39 5.39
CA GLU F 66 -14.40 -42.96 6.22
C GLU F 66 -14.59 -42.66 7.70
N ALA F 67 -15.63 -41.91 8.06
CA ALA F 67 -15.97 -41.68 9.46
C ALA F 67 -16.54 -42.93 10.13
N MET F 68 -16.76 -44.00 9.36
CA MET F 68 -17.35 -45.20 9.91
C MET F 68 -16.48 -45.81 11.00
N LYS F 69 -15.16 -45.84 10.80
CA LYS F 69 -14.27 -46.42 11.80
C LYS F 69 -14.31 -45.63 13.10
N GLU F 70 -14.27 -44.31 13.03
CA GLU F 70 -14.33 -43.50 14.24
C GLU F 70 -15.68 -43.65 14.93
N GLN F 71 -16.77 -43.73 14.16
CA GLN F 71 -18.08 -43.92 14.76
C GLN F 71 -18.18 -45.28 15.44
N MET F 72 -17.61 -46.32 14.82
CA MET F 72 -17.56 -47.63 15.46
C MET F 72 -16.74 -47.59 16.74
N ASP F 73 -15.68 -46.78 16.75
CA ASP F 73 -14.93 -46.57 17.98
C ASP F 73 -15.81 -45.92 19.05
N GLU F 74 -16.66 -44.98 18.64
CA GLU F 74 -17.61 -44.36 19.55
C GLU F 74 -18.95 -45.10 19.62
N TRP F 75 -19.07 -46.24 18.94
CA TRP F 75 -20.31 -47.00 18.87
C TRP F 75 -20.63 -47.73 20.18
N SER F 76 -19.69 -47.78 21.13
CA SER F 76 -19.90 -48.57 22.34
C SER F 76 -21.09 -48.06 23.14
N ARG F 77 -21.25 -46.74 23.26
CA ARG F 77 -22.29 -46.20 24.12
C ARG F 77 -23.67 -46.32 23.49
N LYS F 78 -23.79 -46.03 22.20
CA LYS F 78 -25.09 -45.94 21.54
C LYS F 78 -25.09 -46.73 20.24
N LEU F 79 -26.30 -47.14 19.83
CA LEU F 79 -26.48 -47.93 18.61
C LEU F 79 -26.61 -46.96 17.42
N GLY F 80 -25.48 -46.42 17.02
CA GLY F 80 -25.43 -45.51 15.88
C GLY F 80 -24.80 -46.14 14.67
N VAL F 81 -25.12 -47.41 14.42
CA VAL F 81 -24.47 -48.17 13.35
C VAL F 81 -25.00 -47.77 11.97
N SER F 82 -26.16 -47.12 11.92
CA SER F 82 -26.78 -46.83 10.63
C SER F 82 -25.94 -45.85 9.82
N PHE F 83 -25.79 -46.14 8.53
CA PHE F 83 -25.00 -45.32 7.63
C PHE F 83 -25.54 -45.50 6.22
N VAL F 84 -25.96 -44.40 5.59
CA VAL F 84 -26.57 -44.43 4.27
C VAL F 84 -25.93 -43.37 3.39
N PHE F 85 -25.64 -43.74 2.14
CA PHE F 85 -25.14 -42.82 1.13
C PHE F 85 -25.20 -43.49 -0.23
N SER F 86 -25.68 -42.76 -1.23
CA SER F 86 -25.67 -43.21 -2.62
C SER F 86 -24.90 -42.27 -3.53
N VAL F 87 -25.17 -40.96 -3.45
CA VAL F 87 -24.50 -39.98 -4.29
C VAL F 87 -24.67 -38.63 -3.60
N GLU F 88 -23.73 -37.71 -3.87
CA GLU F 88 -23.78 -36.40 -3.23
C GLU F 88 -25.05 -35.66 -3.63
N GLU F 89 -25.89 -35.37 -2.64
CA GLU F 89 -27.13 -34.62 -2.86
C GLU F 89 -26.98 -33.16 -2.46
N GLU F 90 -26.65 -32.90 -1.19
CA GLU F 90 -26.49 -31.56 -0.67
C GLU F 90 -25.90 -31.59 0.74
N PRO F 91 -25.04 -30.62 1.08
CA PRO F 91 -24.65 -30.49 2.50
C PRO F 91 -25.84 -30.28 3.41
N LEU F 92 -26.84 -29.50 2.96
CA LEU F 92 -28.10 -29.39 3.68
C LEU F 92 -28.81 -30.73 3.75
N GLY F 93 -28.74 -31.53 2.68
CA GLY F 93 -29.23 -32.88 2.69
C GLY F 93 -30.71 -33.00 3.01
N THR F 94 -31.53 -32.17 2.37
CA THR F 94 -32.97 -32.29 2.55
C THR F 94 -33.46 -33.66 2.11
N ALA F 95 -32.94 -34.16 0.99
CA ALA F 95 -33.25 -35.51 0.55
C ALA F 95 -32.65 -36.58 1.45
N GLY F 96 -31.76 -36.21 2.37
CA GLY F 96 -31.15 -37.13 3.31
C GLY F 96 -32.15 -38.04 3.99
N PRO F 97 -33.01 -37.48 4.85
CA PRO F 97 -34.08 -38.29 5.43
C PRO F 97 -35.06 -38.82 4.38
N LEU F 98 -35.27 -38.08 3.29
CA LEU F 98 -36.17 -38.54 2.25
C LEU F 98 -35.60 -39.75 1.51
N ALA F 99 -34.29 -39.77 1.28
CA ALA F 99 -33.66 -40.92 0.62
C ALA F 99 -33.66 -42.15 1.50
N LEU F 100 -33.93 -42.00 2.80
CA LEU F 100 -34.02 -43.11 3.73
C LEU F 100 -35.38 -43.11 4.41
N ALA F 101 -36.44 -42.89 3.63
CA ALA F 101 -37.79 -42.93 4.16
C ALA F 101 -38.22 -44.35 4.55
N ARG F 102 -37.59 -45.36 3.96
CA ARG F 102 -37.98 -46.74 4.26
C ARG F 102 -37.56 -47.15 5.67
N ASP F 103 -36.36 -46.76 6.09
CA ASP F 103 -35.85 -47.21 7.38
C ASP F 103 -36.60 -46.54 8.53
N ILE F 104 -36.88 -45.24 8.42
CA ILE F 104 -37.57 -44.54 9.50
C ILE F 104 -39.00 -45.02 9.64
N LEU F 105 -39.66 -45.33 8.52
CA LEU F 105 -41.08 -45.62 8.55
C LEU F 105 -41.37 -46.99 9.13
N MET F 106 -40.83 -48.04 8.50
CA MET F 106 -41.27 -49.40 8.82
C MET F 106 -40.88 -49.84 10.23
N GLN F 107 -39.76 -49.34 10.75
CA GLN F 107 -39.35 -49.74 12.09
C GLN F 107 -40.28 -49.18 13.17
N ASP F 108 -40.58 -47.89 13.10
CA ASP F 108 -41.38 -47.24 14.13
C ASP F 108 -42.16 -46.08 13.53
N ASP F 109 -43.20 -45.67 14.24
CA ASP F 109 -44.02 -44.53 13.85
C ASP F 109 -43.81 -43.31 14.72
N LYS F 110 -42.88 -43.37 15.67
CA LYS F 110 -42.64 -42.25 16.56
C LYS F 110 -41.96 -41.10 15.82
N PRO F 111 -42.17 -39.86 16.25
CA PRO F 111 -41.49 -38.72 15.60
C PRO F 111 -39.98 -38.85 15.70
N PHE F 112 -39.30 -38.39 14.66
CA PHE F 112 -37.86 -38.51 14.55
C PHE F 112 -37.21 -37.13 14.58
N PHE F 113 -36.10 -37.03 15.30
CA PHE F 113 -35.35 -35.78 15.38
C PHE F 113 -34.51 -35.56 14.13
N VAL F 114 -34.25 -34.29 13.82
CA VAL F 114 -33.33 -33.90 12.78
C VAL F 114 -32.42 -32.81 13.35
N LEU F 115 -31.11 -33.04 13.29
CA LEU F 115 -30.15 -32.13 13.90
C LEU F 115 -29.02 -31.83 12.93
N ASN F 116 -28.50 -30.61 13.03
CA ASN F 116 -27.24 -30.27 12.38
C ASN F 116 -26.08 -30.83 13.20
N SER F 117 -24.98 -31.11 12.51
CA SER F 117 -23.79 -31.63 13.19
C SER F 117 -22.85 -30.54 13.65
N ASP F 118 -23.16 -29.27 13.39
CA ASP F 118 -22.33 -28.15 13.79
C ASP F 118 -23.08 -27.18 14.69
N VAL F 119 -23.97 -27.70 15.53
CA VAL F 119 -24.77 -26.90 16.45
C VAL F 119 -24.43 -27.31 17.87
N THR F 120 -24.20 -26.31 18.73
CA THR F 120 -23.98 -26.54 20.15
C THR F 120 -24.88 -25.60 20.94
N CYS F 121 -25.53 -26.13 21.95
CA CYS F 121 -26.47 -25.36 22.79
C CYS F 121 -26.74 -26.18 24.04
N THR F 122 -27.71 -25.74 24.84
CA THR F 122 -28.08 -26.45 26.05
C THR F 122 -28.62 -27.84 25.74
N PHE F 123 -29.16 -28.04 24.54
CA PHE F 123 -29.74 -29.31 24.10
C PHE F 123 -30.85 -29.74 25.04
N PRO F 124 -32.00 -29.06 25.02
CA PRO F 124 -33.09 -29.40 25.94
C PRO F 124 -33.54 -30.84 25.81
N MET F 125 -34.00 -31.22 24.62
CA MET F 125 -34.53 -32.57 24.36
C MET F 125 -35.53 -32.96 25.43
N GLN F 126 -36.40 -32.02 25.79
CA GLN F 126 -37.27 -32.18 26.94
C GLN F 126 -38.22 -33.35 26.76
N GLU F 127 -38.52 -34.02 27.86
CA GLU F 127 -39.50 -35.10 27.85
C GLU F 127 -40.93 -34.58 27.67
N LEU F 128 -41.13 -33.27 27.78
CA LEU F 128 -42.45 -32.69 27.52
C LEU F 128 -42.86 -33.00 26.08
N LEU F 129 -44.14 -33.31 25.91
CA LEU F 129 -44.62 -33.79 24.62
C LEU F 129 -44.46 -32.73 23.54
N ASP F 130 -44.94 -31.51 23.82
CA ASP F 130 -45.00 -30.44 22.81
C ASP F 130 -45.71 -30.94 21.55
N PHE F 131 -46.83 -31.64 21.77
CA PHE F 131 -47.59 -32.25 20.69
C PHE F 131 -48.55 -31.28 20.01
N HIS F 132 -48.62 -30.03 20.49
CA HIS F 132 -49.38 -29.00 19.78
C HIS F 132 -48.53 -28.28 18.74
N LYS F 133 -47.21 -28.27 18.93
CA LYS F 133 -46.29 -27.69 17.96
C LYS F 133 -44.91 -28.29 18.23
N ALA F 134 -44.33 -28.91 17.19
CA ALA F 134 -43.11 -29.68 17.37
C ALA F 134 -41.86 -28.80 17.26
N HIS F 135 -41.67 -28.14 16.11
CA HIS F 135 -40.49 -27.33 15.90
C HIS F 135 -40.65 -25.89 16.37
N GLY F 136 -41.89 -25.45 16.61
CA GLY F 136 -42.10 -24.08 17.05
C GLY F 136 -41.48 -23.79 18.40
N GLY F 137 -41.68 -24.68 19.36
CA GLY F 137 -41.13 -24.49 20.69
C GLY F 137 -39.66 -24.85 20.77
N GLU F 138 -39.31 -26.06 20.33
CA GLU F 138 -37.92 -26.48 20.30
C GLU F 138 -37.18 -25.74 19.20
N GLY F 139 -35.88 -26.03 19.07
CA GLY F 139 -35.07 -25.31 18.11
C GLY F 139 -34.99 -23.84 18.45
N THR F 140 -35.56 -22.98 17.62
CA THR F 140 -35.45 -21.54 17.89
C THR F 140 -36.54 -21.05 18.85
N ILE F 141 -36.41 -21.24 20.17
CA ILE F 141 -37.51 -20.84 21.05
C ILE F 141 -37.76 -19.36 21.07
N MET F 142 -39.02 -19.00 21.16
CA MET F 142 -39.35 -17.59 21.26
C MET F 142 -38.98 -17.15 22.65
N VAL F 143 -38.43 -15.94 22.80
CA VAL F 143 -38.16 -15.44 24.15
C VAL F 143 -38.98 -14.19 24.39
N VAL F 146 -30.42 -17.83 17.54
CA VAL F 146 -31.62 -17.10 17.92
C VAL F 146 -31.23 -15.78 18.60
N THR F 147 -31.92 -14.70 18.23
CA THR F 147 -31.64 -13.36 18.74
C THR F 147 -30.18 -12.97 18.50
N GLN F 148 -29.73 -13.14 17.27
CA GLN F 148 -28.35 -12.81 16.90
C GLN F 148 -28.36 -12.25 15.48
N TRP F 149 -27.18 -12.16 14.87
CA TRP F 149 -27.04 -11.60 13.55
C TRP F 149 -27.87 -12.35 12.52
N GLU F 150 -28.44 -11.61 11.58
CA GLU F 150 -29.25 -12.19 10.51
C GLU F 150 -28.43 -12.54 9.27
N LYS F 151 -27.12 -12.30 9.29
CA LYS F 151 -26.29 -12.56 8.12
C LYS F 151 -26.29 -14.04 7.76
N TYR F 152 -26.16 -14.92 8.75
CA TYR F 152 -26.19 -16.36 8.53
C TYR F 152 -27.41 -16.94 9.23
N GLY F 153 -27.92 -18.03 8.68
CA GLY F 153 -29.12 -18.65 9.20
C GLY F 153 -30.38 -17.98 8.69
N VAL F 154 -31.48 -18.72 8.76
CA VAL F 154 -32.75 -18.26 8.23
C VAL F 154 -33.50 -17.49 9.30
N VAL F 155 -34.05 -16.33 8.91
CA VAL F 155 -34.91 -15.56 9.79
C VAL F 155 -36.24 -16.26 9.95
N VAL F 156 -36.67 -16.44 11.19
CA VAL F 156 -37.94 -17.09 11.51
C VAL F 156 -38.83 -16.06 12.19
N TYR F 157 -39.99 -15.80 11.59
CA TYR F 157 -40.96 -14.84 12.12
C TYR F 157 -42.04 -15.63 12.84
N SER F 158 -41.97 -15.64 14.17
CA SER F 158 -42.91 -16.40 15.00
C SER F 158 -43.62 -15.49 15.98
N PRO F 159 -44.94 -15.32 15.87
CA PRO F 159 -45.66 -14.53 16.88
C PRO F 159 -45.81 -15.28 18.19
N GLN F 160 -46.55 -14.71 19.14
CA GLN F 160 -46.72 -15.34 20.44
C GLN F 160 -47.59 -16.59 20.39
N ASN F 161 -48.25 -16.86 19.26
CA ASN F 161 -49.08 -18.05 19.11
C ASN F 161 -48.36 -19.19 18.39
N TYR F 162 -47.05 -19.05 18.17
CA TYR F 162 -46.22 -20.12 17.62
C TYR F 162 -46.66 -20.54 16.22
N GLN F 163 -46.58 -19.59 15.29
CA GLN F 163 -46.78 -19.84 13.88
C GLN F 163 -45.57 -19.37 13.09
N ILE F 164 -45.38 -19.95 11.91
CA ILE F 164 -44.29 -19.55 11.01
C ILE F 164 -44.92 -19.25 9.65
N GLU F 165 -44.66 -18.06 9.14
CA GLU F 165 -45.22 -17.64 7.85
C GLU F 165 -44.17 -17.22 6.84
N ARG F 166 -43.00 -16.79 7.28
CA ARG F 166 -41.91 -16.39 6.38
C ARG F 166 -40.67 -17.20 6.70
N PHE F 167 -39.95 -17.59 5.65
CA PHE F 167 -38.78 -18.46 5.81
C PHE F 167 -37.79 -18.08 4.71
N VAL F 168 -36.86 -17.18 5.02
CA VAL F 168 -35.90 -16.67 4.05
C VAL F 168 -34.49 -17.05 4.50
N GLU F 169 -33.82 -17.87 3.69
CA GLU F 169 -32.57 -18.50 4.14
C GLU F 169 -31.48 -17.47 4.40
N LYS F 170 -31.19 -16.61 3.43
CA LYS F 170 -30.14 -15.61 3.53
C LYS F 170 -30.67 -14.26 3.05
N PRO F 171 -31.51 -13.60 3.85
CA PRO F 171 -32.02 -12.29 3.44
C PRO F 171 -30.93 -11.25 3.42
N SER F 172 -31.11 -10.25 2.54
CA SER F 172 -30.15 -9.14 2.47
C SER F 172 -30.23 -8.28 3.72
N ARG F 173 -31.40 -7.66 3.94
CA ARG F 173 -31.63 -6.87 5.16
C ARG F 173 -33.12 -6.99 5.50
N PHE F 174 -33.44 -7.95 6.36
CA PHE F 174 -34.82 -8.22 6.75
C PHE F 174 -35.05 -8.12 8.25
N LEU F 175 -34.03 -7.74 9.02
CA LEU F 175 -34.09 -7.70 10.50
C LEU F 175 -34.47 -9.10 10.98
N GLY F 176 -35.29 -9.24 12.01
CA GLY F 176 -35.68 -10.55 12.48
C GLY F 176 -34.54 -11.30 13.14
N ASP F 177 -34.12 -10.84 14.32
CA ASP F 177 -32.99 -11.44 15.00
C ASP F 177 -33.19 -12.93 15.30
N ARG F 178 -34.43 -13.41 15.32
CA ARG F 178 -34.68 -14.81 15.60
C ARG F 178 -34.29 -15.67 14.40
N ILE F 179 -33.47 -16.69 14.66
CA ILE F 179 -33.09 -17.67 13.66
C ILE F 179 -33.24 -19.07 14.27
N ASN F 180 -33.33 -20.07 13.39
CA ASN F 180 -33.50 -21.44 13.86
C ASN F 180 -32.23 -21.93 14.54
N ALA F 181 -32.41 -22.69 15.61
CA ALA F 181 -31.26 -23.26 16.31
C ALA F 181 -30.56 -24.32 15.47
N GLY F 182 -31.32 -25.08 14.69
CA GLY F 182 -30.79 -26.17 13.91
C GLY F 182 -31.27 -27.54 14.35
N ILE F 183 -32.00 -27.62 15.46
CA ILE F 183 -32.58 -28.87 15.94
C ILE F 183 -34.02 -28.91 15.45
N TYR F 184 -34.34 -29.92 14.65
CA TYR F 184 -35.67 -30.08 14.07
C TYR F 184 -36.28 -31.39 14.54
N ILE F 185 -37.59 -31.39 14.74
CA ILE F 185 -38.35 -32.60 15.01
C ILE F 185 -39.52 -32.66 14.03
N PHE F 186 -39.63 -33.78 13.32
CA PHE F 186 -40.64 -33.95 12.29
C PHE F 186 -41.40 -35.25 12.51
N ASN F 187 -42.63 -35.27 12.02
CA ASN F 187 -43.45 -36.48 12.04
C ASN F 187 -43.27 -37.22 10.72
N LYS F 188 -43.89 -38.41 10.64
CA LYS F 188 -43.74 -39.25 9.45
C LYS F 188 -44.38 -38.63 8.22
N SER F 189 -45.26 -37.64 8.39
CA SER F 189 -45.87 -36.99 7.23
C SER F 189 -44.85 -36.15 6.46
N ILE F 190 -43.82 -35.64 7.15
CA ILE F 190 -42.84 -34.79 6.49
C ILE F 190 -42.04 -35.57 5.46
N LEU F 191 -41.54 -36.74 5.86
CA LEU F 191 -40.75 -37.56 4.95
C LEU F 191 -41.57 -38.07 3.77
N ASP F 192 -42.89 -38.14 3.90
CA ASP F 192 -43.77 -38.52 2.81
C ASP F 192 -44.41 -37.33 2.13
N ARG F 193 -44.08 -36.11 2.55
CA ARG F 193 -44.72 -34.92 1.97
C ARG F 193 -44.08 -34.54 0.65
N ILE F 194 -42.79 -34.17 0.68
CA ILE F 194 -42.08 -33.74 -0.51
C ILE F 194 -40.77 -34.51 -0.63
N PRO F 195 -40.78 -35.71 -1.20
CA PRO F 195 -39.53 -36.41 -1.54
C PRO F 195 -39.10 -36.10 -2.96
N PRO F 196 -38.45 -34.95 -3.21
CA PRO F 196 -38.17 -34.57 -4.61
C PRO F 196 -37.13 -35.44 -5.29
N ARG F 197 -36.43 -36.31 -4.55
CA ARG F 197 -35.40 -37.21 -5.08
C ARG F 197 -34.16 -36.49 -5.59
N ARG F 198 -33.97 -35.23 -5.21
CA ARG F 198 -32.77 -34.50 -5.61
C ARG F 198 -32.50 -33.39 -4.59
N ALA F 199 -31.47 -32.59 -4.87
CA ALA F 199 -31.06 -31.54 -3.96
C ALA F 199 -32.17 -30.52 -3.74
N SER F 200 -32.34 -30.11 -2.50
CA SER F 200 -33.34 -29.10 -2.13
C SER F 200 -32.92 -28.48 -0.81
N ILE F 201 -33.55 -27.35 -0.48
CA ILE F 201 -33.16 -26.61 0.71
C ILE F 201 -34.23 -26.74 1.79
N GLU F 202 -34.14 -27.82 2.58
CA GLU F 202 -34.91 -28.00 3.81
C GLU F 202 -36.41 -28.14 3.56
N LYS F 203 -36.84 -27.94 2.31
CA LYS F 203 -38.23 -28.10 1.86
C LYS F 203 -39.23 -27.67 2.92
N GLU F 204 -39.04 -26.47 3.45
CA GLU F 204 -39.93 -25.94 4.48
C GLU F 204 -41.15 -25.32 3.83
N ILE F 205 -42.31 -25.96 3.97
CA ILE F 205 -43.54 -25.44 3.38
C ILE F 205 -44.40 -25.06 4.53
N PHE F 206 -43.88 -24.17 5.37
CA PHE F 206 -44.67 -23.68 6.47
C PHE F 206 -45.81 -22.74 6.13
N PRO F 207 -45.84 -22.20 4.90
CA PRO F 207 -47.04 -21.42 4.60
C PRO F 207 -48.30 -22.26 4.71
N ALA F 208 -48.25 -23.51 4.31
CA ALA F 208 -49.44 -24.31 4.32
C ALA F 208 -50.01 -24.44 5.72
N MET F 209 -49.15 -24.69 6.71
CA MET F 209 -49.64 -24.89 8.07
C MET F 209 -49.04 -23.90 9.03
N ALA F 210 -49.89 -23.09 9.65
CA ALA F 210 -49.42 -22.12 10.62
C ALA F 210 -48.84 -22.83 11.84
N ALA F 211 -49.63 -23.62 12.54
CA ALA F 211 -49.11 -24.39 13.66
C ALA F 211 -49.47 -25.84 13.45
N GLU F 212 -48.54 -26.76 13.67
CA GLU F 212 -48.81 -28.16 13.36
C GLU F 212 -48.08 -29.22 14.13
N GLY F 213 -48.58 -30.46 14.07
CA GLY F 213 -47.85 -31.57 14.65
C GLY F 213 -46.60 -31.74 13.80
N GLN F 214 -46.62 -31.31 12.54
CA GLN F 214 -45.47 -31.40 11.64
C GLN F 214 -45.11 -32.83 11.35
N LEU F 220 -34.13 -21.13 21.98
CA LEU F 220 -33.62 -22.07 22.93
C LEU F 220 -33.39 -21.20 24.13
N GLU F 221 -33.78 -21.66 25.30
CA GLU F 221 -33.45 -20.90 26.49
C GLU F 221 -32.13 -21.45 26.93
N GLY F 222 -31.05 -20.82 26.51
CA GLY F 222 -29.73 -21.31 26.84
C GLY F 222 -28.76 -20.63 25.90
N PHE F 223 -27.53 -21.08 25.87
CA PHE F 223 -26.60 -20.51 24.95
C PHE F 223 -26.82 -21.19 23.68
N TRP F 224 -26.39 -20.58 22.60
CA TRP F 224 -26.47 -21.27 21.31
C TRP F 224 -25.44 -20.65 20.38
N MET F 225 -24.83 -21.48 19.54
CA MET F 225 -23.85 -20.99 18.58
C MET F 225 -23.66 -22.01 17.47
N ASP F 226 -23.65 -21.52 16.24
CA ASP F 226 -23.29 -22.34 15.08
C ASP F 226 -21.77 -22.45 15.03
N VAL F 227 -21.26 -23.66 15.25
CA VAL F 227 -19.84 -23.86 15.50
C VAL F 227 -19.09 -24.26 14.22
N GLY F 228 -19.67 -23.96 13.06
CA GLY F 228 -19.08 -24.32 11.79
C GLY F 228 -18.07 -23.33 11.24
N GLN F 229 -17.74 -22.28 11.97
CA GLN F 229 -16.79 -21.27 11.54
C GLN F 229 -15.73 -21.06 12.60
N PRO F 230 -14.49 -20.75 12.20
CA PRO F 230 -13.42 -20.61 13.21
C PRO F 230 -13.71 -19.59 14.30
N LYS F 231 -14.05 -18.35 13.91
CA LYS F 231 -14.43 -17.36 14.92
C LYS F 231 -15.65 -17.81 15.70
N ASP F 232 -16.64 -18.36 14.99
CA ASP F 232 -17.81 -18.91 15.67
C ASP F 232 -17.43 -20.11 16.52
N TYR F 233 -16.43 -20.90 16.10
CA TYR F 233 -15.95 -22.00 16.93
C TYR F 233 -15.41 -21.47 18.25
N ILE F 234 -14.58 -20.43 18.20
CA ILE F 234 -13.99 -19.87 19.42
C ILE F 234 -15.08 -19.30 20.32
N LEU F 235 -16.01 -18.54 19.73
CA LEU F 235 -17.07 -17.93 20.52
C LEU F 235 -17.98 -18.99 21.14
N GLY F 236 -18.30 -20.04 20.38
CA GLY F 236 -19.12 -21.12 20.93
C GLY F 236 -18.42 -21.86 22.04
N MET F 237 -17.10 -22.05 21.93
CA MET F 237 -16.35 -22.64 23.04
C MET F 237 -16.40 -21.75 24.26
N THR F 238 -16.26 -20.43 24.06
CA THR F 238 -16.32 -19.47 25.16
C THR F 238 -17.67 -19.52 25.87
N LYS F 239 -18.75 -19.69 25.10
CA LYS F 239 -20.06 -19.80 25.73
C LYS F 239 -20.28 -21.17 26.36
N PHE F 240 -19.73 -22.22 25.76
CA PHE F 240 -20.04 -23.59 26.16
C PHE F 240 -19.33 -23.99 27.44
N ILE F 241 -18.06 -23.62 27.60
CA ILE F 241 -17.29 -24.10 28.76
C ILE F 241 -17.90 -23.69 30.10
N PRO F 242 -18.36 -22.44 30.31
CA PRO F 242 -19.01 -22.12 31.59
C PRO F 242 -20.21 -23.00 31.89
N SER F 243 -20.99 -23.37 30.88
CA SER F 243 -22.17 -24.19 31.10
C SER F 243 -21.82 -25.64 31.42
N LEU F 244 -20.57 -26.05 31.23
CA LEU F 244 -20.16 -27.43 31.47
C LEU F 244 -19.66 -27.65 32.90
N VAL F 245 -19.52 -26.59 33.70
CA VAL F 245 -18.96 -26.72 35.04
C VAL F 245 -19.85 -27.55 35.96
N HIS F 246 -21.14 -27.67 35.63
CA HIS F 246 -22.06 -28.38 36.51
C HIS F 246 -21.89 -29.89 36.44
N GLY F 247 -21.55 -30.44 35.28
CA GLY F 247 -21.58 -31.87 35.10
C GLY F 247 -20.27 -32.58 34.83
N ASN F 248 -19.33 -31.92 34.15
CA ASN F 248 -18.09 -32.56 33.73
C ASN F 248 -17.01 -32.30 34.77
N ARG F 249 -16.64 -33.34 35.52
CA ARG F 249 -15.60 -33.31 36.54
C ARG F 249 -15.86 -32.27 37.64
N GLU F 250 -17.08 -31.75 37.71
CA GLU F 250 -17.46 -30.74 38.71
C GLU F 250 -16.49 -29.55 38.72
N HIS F 255 -8.03 -25.35 43.32
CA HIS F 255 -8.41 -26.34 42.32
C HIS F 255 -9.86 -26.14 41.87
N THR F 256 -10.51 -25.13 42.44
CA THR F 256 -11.90 -24.83 42.14
C THR F 256 -12.05 -23.79 41.02
N GLU F 257 -10.95 -23.27 40.49
CA GLU F 257 -11.05 -22.23 39.47
C GLU F 257 -11.49 -22.80 38.13
N ALA F 258 -11.00 -23.98 37.76
CA ALA F 258 -11.30 -24.59 36.48
C ALA F 258 -11.62 -26.07 36.68
N VAL F 259 -11.91 -26.75 35.57
CA VAL F 259 -12.19 -28.17 35.61
C VAL F 259 -10.95 -28.94 36.03
N GLU F 260 -9.79 -28.58 35.48
CA GLU F 260 -8.52 -29.20 35.85
C GLU F 260 -7.53 -28.12 36.24
N HIS F 261 -6.87 -28.30 37.38
CA HIS F 261 -5.93 -27.32 37.90
C HIS F 261 -4.58 -27.89 38.32
N GLN F 262 -4.43 -29.22 38.32
CA GLN F 262 -3.14 -29.83 38.70
C GLN F 262 -2.99 -31.10 37.88
N ARG F 263 -2.25 -31.02 36.78
CA ARG F 263 -1.99 -32.18 35.94
C ARG F 263 -0.50 -32.36 35.70
N GLY F 264 0.25 -31.26 35.71
CA GLY F 264 1.69 -31.33 35.56
C GLY F 264 2.41 -30.19 36.24
N GLY F 265 3.37 -30.52 37.09
CA GLY F 265 4.10 -29.48 37.81
C GLY F 265 3.17 -28.63 38.65
N ARG F 266 3.24 -27.32 38.47
CA ARG F 266 2.34 -26.40 39.16
C ARG F 266 2.07 -25.24 38.22
N PHE F 267 0.84 -25.15 37.73
CA PHE F 267 0.44 -24.10 36.80
C PHE F 267 -0.81 -23.40 37.34
N THR F 268 -1.00 -22.16 36.90
CA THR F 268 -2.14 -21.35 37.31
C THR F 268 -3.14 -21.25 36.18
N VAL F 269 -4.41 -21.17 36.54
CA VAL F 269 -5.52 -21.11 35.59
C VAL F 269 -6.33 -19.84 35.87
N ILE F 270 -6.66 -19.11 34.81
CA ILE F 270 -7.53 -17.94 34.89
C ILE F 270 -8.85 -18.31 34.26
N GLY F 271 -9.92 -18.29 35.05
CA GLY F 271 -11.22 -18.69 34.55
C GLY F 271 -11.33 -20.20 34.41
N ALA F 272 -12.42 -20.62 33.78
CA ALA F 272 -12.69 -22.03 33.56
C ALA F 272 -12.03 -22.52 32.28
N SER F 273 -11.60 -23.78 32.29
CA SER F 273 -10.98 -24.39 31.13
C SER F 273 -11.10 -25.90 31.25
N LEU F 274 -10.98 -26.57 30.11
CA LEU F 274 -11.07 -28.02 30.03
C LEU F 274 -9.71 -28.59 29.66
N ILE F 275 -9.19 -29.48 30.50
CA ILE F 275 -7.90 -30.11 30.29
C ILE F 275 -8.07 -31.61 30.46
N ASP F 276 -7.72 -32.37 29.43
CA ASP F 276 -7.85 -33.82 29.50
C ASP F 276 -6.78 -34.36 30.44
N PRO F 277 -7.15 -35.20 31.42
CA PRO F 277 -6.16 -35.73 32.37
C PRO F 277 -4.95 -36.40 31.72
N SER F 278 -5.03 -36.71 30.43
CA SER F 278 -3.89 -37.30 29.74
C SER F 278 -2.85 -36.28 29.32
N ALA F 279 -3.17 -34.99 29.38
CA ALA F 279 -2.23 -33.95 28.96
C ALA F 279 -1.16 -33.72 30.01
N LYS F 280 -0.10 -33.04 29.61
CA LYS F 280 0.98 -32.64 30.49
C LYS F 280 1.20 -31.14 30.36
N ILE F 281 1.25 -30.44 31.49
CA ILE F 281 1.39 -28.99 31.53
C ILE F 281 2.68 -28.65 32.26
N GLY F 282 3.46 -27.74 31.69
CA GLY F 282 4.71 -27.35 32.29
C GLY F 282 4.53 -26.49 33.52
N ASP F 283 5.65 -26.22 34.19
CA ASP F 283 5.64 -25.43 35.42
C ASP F 283 5.53 -23.95 35.08
N GLY F 284 4.43 -23.32 35.47
CA GLY F 284 4.24 -21.91 35.26
C GLY F 284 3.34 -21.53 34.10
N ALA F 285 2.78 -22.50 33.39
CA ALA F 285 1.87 -22.19 32.30
C ALA F 285 0.60 -21.53 32.84
N VAL F 286 0.02 -20.66 32.03
CA VAL F 286 -1.18 -19.91 32.42
C VAL F 286 -2.27 -20.29 31.43
N ILE F 287 -3.07 -21.29 31.80
CA ILE F 287 -4.21 -21.70 30.97
C ILE F 287 -5.29 -20.63 31.11
N GLY F 288 -5.55 -19.89 30.03
CA GLY F 288 -6.42 -18.74 30.10
C GLY F 288 -7.88 -19.11 30.17
N PRO F 289 -8.75 -18.11 30.05
CA PRO F 289 -10.19 -18.37 30.16
C PRO F 289 -10.71 -19.12 28.94
N TYR F 290 -11.48 -20.16 29.19
CA TYR F 290 -12.17 -20.93 28.15
C TYR F 290 -11.17 -21.51 27.14
N ALA F 291 -10.30 -22.37 27.65
CA ALA F 291 -9.31 -23.06 26.83
C ALA F 291 -9.51 -24.57 26.94
N SER F 292 -9.19 -25.28 25.87
CA SER F 292 -9.34 -26.73 25.81
C SER F 292 -8.03 -27.36 25.39
N ILE F 293 -7.60 -28.38 26.12
CA ILE F 293 -6.36 -29.09 25.85
C ILE F 293 -6.70 -30.54 25.55
N GLY F 294 -6.22 -31.04 24.42
CA GLY F 294 -6.58 -32.36 23.95
C GLY F 294 -5.79 -33.48 24.61
N ALA F 295 -6.10 -34.70 24.20
CA ALA F 295 -5.44 -35.87 24.74
C ALA F 295 -3.98 -35.92 24.34
N ASN F 296 -3.13 -36.37 25.26
CA ASN F 296 -1.71 -36.59 25.02
C ASN F 296 -0.96 -35.32 24.64
N CYS F 297 -1.65 -34.18 24.69
CA CYS F 297 -1.01 -32.91 24.35
C CYS F 297 -0.01 -32.51 25.42
N VAL F 298 1.07 -31.87 24.99
CA VAL F 298 2.12 -31.40 25.89
C VAL F 298 2.20 -29.89 25.78
N ILE F 299 2.16 -29.21 26.93
CA ILE F 299 2.21 -27.76 27.01
C ILE F 299 3.51 -27.37 27.70
N GLY F 300 4.22 -26.39 27.12
CA GLY F 300 5.53 -26.01 27.63
C GLY F 300 5.51 -25.39 29.01
N GLU F 301 6.65 -24.83 29.42
CA GLU F 301 6.80 -24.36 30.78
C GLU F 301 5.93 -23.12 31.06
N SER F 302 5.99 -22.12 30.19
CA SER F 302 5.36 -20.84 30.45
C SER F 302 4.48 -20.42 29.28
N CYS F 303 3.64 -21.33 28.80
CA CYS F 303 2.74 -21.01 27.71
C CYS F 303 1.60 -20.13 28.21
N ARG F 304 0.71 -19.75 27.28
CA ARG F 304 -0.47 -18.97 27.62
C ARG F 304 -1.58 -19.41 26.66
N ILE F 305 -2.45 -20.29 27.14
CA ILE F 305 -3.53 -20.84 26.33
C ILE F 305 -4.76 -19.98 26.61
N ASP F 306 -4.90 -18.90 25.86
CA ASP F 306 -5.96 -17.91 26.09
C ASP F 306 -7.04 -18.13 25.05
N ASN F 307 -8.15 -18.75 25.47
CA ASN F 307 -9.30 -19.00 24.60
C ASN F 307 -8.89 -19.76 23.33
N ALA F 308 -7.94 -20.67 23.47
CA ALA F 308 -7.42 -21.44 22.36
C ALA F 308 -7.69 -22.92 22.59
N ALA F 309 -7.85 -23.66 21.50
CA ALA F 309 -8.12 -25.08 21.55
C ALA F 309 -6.95 -25.85 20.97
N ILE F 310 -6.41 -26.78 21.74
CA ILE F 310 -5.35 -27.68 21.30
C ILE F 310 -5.98 -29.05 21.07
N LEU F 311 -5.90 -29.55 19.84
CA LEU F 311 -6.76 -30.65 19.45
C LEU F 311 -6.29 -32.00 20.00
N GLU F 312 -5.10 -32.45 19.60
CA GLU F 312 -4.64 -33.76 20.04
C GLU F 312 -3.17 -33.93 19.67
N ASN F 313 -2.41 -34.52 20.58
CA ASN F 313 -1.01 -34.89 20.39
C ASN F 313 -0.11 -33.71 20.04
N SER F 314 -0.61 -32.48 20.14
CA SER F 314 0.19 -31.33 19.80
C SER F 314 1.20 -31.03 20.90
N LYS F 315 2.40 -30.60 20.49
CA LYS F 315 3.46 -30.26 21.42
C LYS F 315 3.76 -28.77 21.29
N VAL F 316 3.94 -28.10 22.42
CA VAL F 316 4.12 -26.66 22.49
C VAL F 316 5.37 -26.35 23.30
N GLY F 317 6.19 -25.43 22.80
CA GLY F 317 7.44 -25.08 23.44
C GLY F 317 7.25 -24.19 24.65
N LYS F 318 8.36 -23.62 25.10
CA LYS F 318 8.40 -22.85 26.33
C LYS F 318 8.17 -21.37 26.03
N GLY F 319 6.98 -20.87 26.35
CA GLY F 319 6.71 -19.46 26.29
C GLY F 319 5.83 -18.97 25.15
N THR F 320 5.24 -19.88 24.37
CA THR F 320 4.33 -19.44 23.32
C THR F 320 3.07 -18.84 23.92
N MET F 321 2.39 -18.02 23.13
CA MET F 321 1.12 -17.43 23.52
C MET F 321 0.12 -17.71 22.40
N VAL F 322 -0.52 -18.87 22.43
CA VAL F 322 -1.57 -19.22 21.49
C VAL F 322 -2.89 -18.68 22.05
N SER F 323 -3.46 -17.69 21.37
CA SER F 323 -4.63 -16.98 21.88
C SER F 323 -5.71 -16.93 20.81
N ARG F 324 -6.92 -17.35 21.17
CA ARG F 324 -8.10 -17.27 20.33
C ARG F 324 -7.95 -17.99 19.01
N SER F 325 -7.04 -18.97 18.93
CA SER F 325 -6.83 -19.71 17.70
C SER F 325 -6.92 -21.20 17.99
N ILE F 326 -6.84 -22.00 16.92
CA ILE F 326 -7.04 -23.44 16.98
C ILE F 326 -5.77 -24.12 16.50
N VAL F 327 -5.31 -25.10 17.27
CA VAL F 327 -4.09 -25.85 16.96
C VAL F 327 -4.50 -27.28 16.62
N GLY F 328 -4.19 -27.71 15.41
CA GLY F 328 -4.68 -28.97 14.90
C GLY F 328 -3.97 -30.17 15.49
N TRP F 329 -4.40 -31.34 15.03
CA TRP F 329 -3.85 -32.60 15.54
C TRP F 329 -2.38 -32.73 15.17
N ASN F 330 -1.62 -33.39 16.07
CA ASN F 330 -0.24 -33.79 15.80
C ASN F 330 0.65 -32.60 15.45
N ASN F 331 0.29 -31.40 15.90
CA ASN F 331 1.12 -30.24 15.63
C ASN F 331 2.39 -30.26 16.47
N ARG F 332 3.36 -29.46 16.06
CA ARG F 332 4.60 -29.26 16.82
C ARG F 332 4.90 -27.76 16.79
N ILE F 333 4.39 -27.04 17.77
CA ILE F 333 4.60 -25.60 17.86
C ILE F 333 5.98 -25.34 18.44
N GLY F 334 6.63 -24.29 17.95
CA GLY F 334 7.98 -23.96 18.40
C GLY F 334 8.05 -23.49 19.83
N SER F 335 9.15 -22.85 20.19
CA SER F 335 9.40 -22.50 21.59
C SER F 335 8.79 -21.16 21.97
N TRP F 336 8.99 -20.12 21.15
CA TRP F 336 8.53 -18.79 21.52
C TRP F 336 7.63 -18.18 20.45
N CYS F 337 6.65 -18.95 19.97
CA CYS F 337 5.77 -18.47 18.91
C CYS F 337 4.63 -17.64 19.50
N HIS F 338 3.95 -16.91 18.62
CA HIS F 338 2.71 -16.21 18.95
C HIS F 338 1.65 -16.60 17.92
N ILE F 339 0.78 -17.53 18.29
CA ILE F 339 -0.33 -17.92 17.44
C ILE F 339 -1.59 -17.23 17.95
N LYS F 340 -1.86 -16.03 17.46
CA LYS F 340 -2.96 -15.24 17.99
C LYS F 340 -3.99 -14.91 16.90
N ASP F 341 -4.96 -14.08 17.25
CA ASP F 341 -6.09 -13.74 16.38
C ASP F 341 -6.82 -15.04 16.04
N ILE F 342 -7.48 -15.11 14.90
CA ILE F 342 -8.17 -16.32 14.46
C ILE F 342 -7.28 -16.97 13.41
N SER F 343 -6.39 -17.84 13.86
CA SER F 343 -5.42 -18.51 12.99
C SER F 343 -5.53 -20.00 13.21
N VAL F 344 -6.23 -20.68 12.30
CA VAL F 344 -6.46 -22.12 12.40
C VAL F 344 -5.27 -22.85 11.80
N LEU F 345 -4.73 -23.80 12.55
CA LEU F 345 -3.60 -24.61 12.10
C LEU F 345 -4.10 -26.01 11.77
N GLY F 346 -3.63 -26.55 10.65
CA GLY F 346 -4.07 -27.86 10.21
C GLY F 346 -3.30 -28.99 10.87
N ASP F 347 -3.55 -30.19 10.37
CA ASP F 347 -2.91 -31.39 10.91
C ASP F 347 -1.42 -31.39 10.60
N ASP F 348 -0.63 -31.81 11.58
CA ASP F 348 0.81 -32.02 11.40
C ASP F 348 1.53 -30.78 10.88
N VAL F 349 1.19 -29.62 11.42
CA VAL F 349 1.85 -28.37 11.09
C VAL F 349 2.94 -28.10 12.12
N GLU F 350 4.15 -27.88 11.65
CA GLU F 350 5.29 -27.58 12.52
C GLU F 350 5.68 -26.12 12.34
N VAL F 351 5.86 -25.43 13.47
CA VAL F 351 6.17 -24.01 13.48
C VAL F 351 7.51 -23.81 14.16
N LYS F 352 8.42 -23.09 13.51
CA LYS F 352 9.74 -22.85 14.06
C LYS F 352 9.67 -21.82 15.19
N ASP F 353 10.77 -21.72 15.94
CA ASP F 353 10.81 -20.83 17.09
C ASP F 353 10.72 -19.37 16.66
N GLY F 354 10.01 -18.57 17.45
CA GLY F 354 9.91 -17.15 17.21
C GLY F 354 8.96 -16.74 16.11
N VAL F 355 8.25 -17.68 15.49
CA VAL F 355 7.34 -17.36 14.40
C VAL F 355 6.06 -16.77 14.97
N ILE F 356 5.63 -15.65 14.40
CA ILE F 356 4.41 -14.96 14.82
C ILE F 356 3.36 -15.16 13.74
N LEU F 357 2.28 -15.86 14.08
CA LEU F 357 1.16 -16.08 13.19
C LEU F 357 -0.05 -15.31 13.71
N ILE F 358 -0.62 -14.46 12.87
CA ILE F 358 -1.76 -13.62 13.25
C ILE F 358 -2.82 -13.81 12.18
N GLY F 359 -3.81 -14.66 12.47
CA GLY F 359 -4.92 -14.84 11.56
C GLY F 359 -4.59 -15.57 10.28
N THR F 360 -3.55 -16.41 10.29
CA THR F 360 -3.12 -17.14 9.11
C THR F 360 -3.54 -18.60 9.24
N LYS F 361 -4.30 -19.08 8.26
CA LYS F 361 -4.71 -20.48 8.22
C LYS F 361 -3.66 -21.30 7.50
N VAL F 362 -3.21 -22.38 8.14
CA VAL F 362 -2.15 -23.24 7.60
C VAL F 362 -2.76 -24.58 7.25
N LEU F 363 -2.59 -25.00 6.00
CA LEU F 363 -3.08 -26.29 5.55
C LEU F 363 -2.20 -27.41 6.11
N PRO F 364 -2.72 -28.64 6.16
CA PRO F 364 -1.99 -29.73 6.81
C PRO F 364 -0.65 -30.01 6.16
N ASN F 365 0.29 -30.49 6.97
CA ASN F 365 1.62 -30.91 6.53
C ASN F 365 2.38 -29.74 5.90
N LYS F 366 2.58 -28.70 6.70
CA LYS F 366 3.34 -27.52 6.30
C LYS F 366 4.31 -27.15 7.40
N ASP F 367 5.40 -26.48 7.02
CA ASP F 367 6.38 -25.96 7.95
C ASP F 367 6.39 -24.45 7.83
N VAL F 368 6.19 -23.75 8.95
CA VAL F 368 6.14 -22.30 8.98
C VAL F 368 7.42 -21.80 9.63
N GLY F 369 8.15 -20.93 8.93
CA GLY F 369 9.37 -20.38 9.46
C GLY F 369 9.45 -18.88 9.32
N GLU F 370 8.47 -18.29 8.64
CA GLU F 370 8.45 -16.86 8.38
C GLU F 370 7.29 -16.22 9.13
N HIS F 371 7.50 -14.99 9.59
CA HIS F 371 6.46 -14.25 10.29
C HIS F 371 5.33 -13.90 9.33
N ARG F 372 4.13 -13.72 9.89
CA ARG F 372 2.98 -13.31 9.09
C ARG F 372 2.09 -12.45 9.99
N PHE F 373 2.17 -11.13 9.80
CA PHE F 373 1.44 -10.18 10.62
C PHE F 373 0.08 -9.82 10.03
N GLU F 374 -0.29 -10.39 8.90
CA GLU F 374 -1.54 -10.06 8.24
C GLU F 374 -2.35 -11.33 8.03
N PRO F 375 -3.68 -11.25 8.11
CA PRO F 375 -4.50 -12.42 7.83
C PRO F 375 -4.26 -12.94 6.42
N GLY F 376 -4.24 -14.25 6.29
CA GLY F 376 -3.96 -14.86 5.01
C GLY F 376 -3.96 -16.37 5.12
N ILE F 377 -3.48 -17.02 4.07
CA ILE F 377 -3.44 -18.47 3.97
C ILE F 377 -2.01 -18.90 3.70
N ILE F 378 -1.59 -19.99 4.34
CA ILE F 378 -0.30 -20.60 4.09
C ILE F 378 -0.56 -21.92 3.36
N MET F 379 -0.11 -22.00 2.11
CA MET F 379 -0.36 -23.17 1.29
C MET F 379 0.78 -24.19 1.42
N2 GDD G . 26.99 12.31 18.16
C2 GDD G . 27.89 12.32 19.18
N1 GDD G . 27.48 12.19 20.44
N3 GDD G . 29.20 12.45 18.87
C4 GDD G . 30.16 12.46 19.82
C5 GDD G . 29.77 12.34 21.20
C6 GDD G . 28.34 12.19 21.46
O6 GDD G . 27.94 12.08 22.61
N7 GDD G . 30.87 12.37 21.94
C8 GDD G . 31.90 12.52 21.09
N9 GDD G . 31.47 12.57 19.86
C1' GDD G . 32.35 12.72 18.74
C2' GDD G . 32.91 11.41 18.43
O2' GDD G . 34.08 11.45 19.21
C3' GDD G . 33.24 11.55 16.98
O3' GDD G . 34.59 11.99 16.83
C4' GDD G . 32.35 12.67 16.51
O4' GDD G . 31.64 13.14 17.62
C5' GDD G . 31.44 12.32 15.37
O5' GDD G . 30.23 11.77 15.84
PA GDD G . 30.04 10.22 15.64
O1A GDD G . 28.70 9.94 15.08
O2A GDD G . 30.51 9.65 16.92
O3A GDD G . 31.12 9.88 14.54
PB GDD G . 30.66 9.76 13.03
O2B GDD G . 30.12 11.10 12.61
O3B GDD G . 29.83 8.53 12.83
O1B GDD G . 32.08 9.57 12.37
C11 GDD G . 33.20 10.00 13.11
O51 GDD G . 33.69 8.94 13.91
C51 GDD G . 34.43 7.97 13.19
C61 GDD G . 34.82 6.86 14.15
O6A GDD G . 34.09 5.72 13.73
C21 GDD G . 34.26 10.50 12.13
O21 GDD G . 34.20 11.91 11.99
C31 GDD G . 35.58 10.15 12.73
O31 GDD G . 35.54 10.60 14.08
C41 GDD G . 35.67 8.64 12.67
O41 GDD G . 35.81 8.32 11.29
MG MG H . 30.83 7.89 15.93
N2 GDD I . 4.63 12.16 -32.26
C2 GDD I . 4.92 13.07 -33.23
N1 GDD I . 4.33 14.27 -33.23
N3 GDD I . 5.83 12.74 -34.15
C4 GDD I . 6.19 13.59 -35.15
C5 GDD I . 5.58 14.90 -35.19
C6 GDD I . 4.61 15.19 -34.14
O6 GDD I . 4.05 16.28 -34.14
N7 GDD I . 6.08 15.54 -36.24
C8 GDD I . 6.96 14.70 -36.82
N9 GDD I . 7.02 13.57 -36.18
C1' GDD I . 7.87 12.50 -36.59
C2' GDD I . 9.22 12.80 -36.12
O2' GDD I . 9.73 13.45 -37.26
C3' GDD I . 9.81 11.43 -35.99
O3' GDD I . 10.53 11.11 -37.18
C4' GDD I . 8.63 10.51 -35.94
O4' GDD I . 7.47 11.31 -35.97
C5' GDD I . 8.61 9.56 -34.77
O5' GDD I . 8.02 10.14 -33.64
PA GDD I . 9.01 10.56 -32.48
O1A GDD I . 8.48 10.10 -31.17
O2A GDD I . 9.28 11.99 -32.76
O3A GDD I . 10.31 9.74 -32.82
PB GDD I . 10.58 8.41 -32.03
O2B GDD I . 9.50 7.44 -32.37
O3B GDD I . 10.89 8.69 -30.60
O1B GDD I . 11.91 7.95 -32.78
C11 GDD I . 12.11 8.47 -34.08
O51 GDD I . 12.85 9.69 -34.00
C51 GDD I . 14.22 9.52 -33.71
C61 GDD I . 14.86 10.87 -33.59
O6A GDD I . 15.21 11.02 -32.22
C21 GDD I . 12.86 7.43 -34.89
O21 GDD I . 11.97 6.69 -35.73
C31 GDD I . 13.80 8.17 -35.78
O31 GDD I . 13.04 9.19 -36.41
C41 GDD I . 14.84 8.76 -34.87
O41 GDD I . 15.58 7.67 -34.34
MG MG J . 11.17 12.53 -31.97
N2 GDD K . 5.60 -34.24 -2.45
C2 GDD K . 5.48 -35.49 -2.95
N1 GDD K . 4.28 -36.00 -3.25
N3 GDD K . 6.60 -36.20 -3.15
C4 GDD K . 6.58 -37.46 -3.66
C5 GDD K . 5.29 -38.05 -4.00
C6 GDD K . 4.13 -37.21 -3.76
O6 GDD K . 3.01 -37.65 -4.01
N7 GDD K . 5.52 -39.26 -4.46
C8 GDD K . 6.85 -39.45 -4.44
N9 GDD K . 7.46 -38.39 -3.96
C1' GDD K . 8.87 -38.32 -3.81
C2' GDD K . 9.44 -37.96 -5.12
O2' GDD K . 9.66 -39.25 -5.64
C3' GDD K . 10.73 -37.32 -4.71
O3' GDD K . 11.77 -38.29 -4.72
C4' GDD K . 10.51 -36.90 -3.29
O4' GDD K . 9.21 -37.30 -2.93
C5' GDD K . 10.74 -35.44 -3.01
O5' GDD K . 9.55 -34.70 -3.19
PA GDD K . 9.45 -33.82 -4.49
O1A GDD K . 8.92 -32.47 -4.15
O2A GDD K . 8.80 -34.71 -5.47
O3A GDD K . 10.97 -33.67 -4.90
PB GDD K . 11.74 -32.35 -4.48
O2B GDD K . 11.77 -32.30 -2.99
O3B GDD K . 11.23 -31.17 -5.25
O1B GDD K . 13.18 -32.76 -5.01
C11 GDD K . 13.44 -34.14 -5.17
O51 GDD K . 13.21 -34.51 -6.53
C51 GDD K . 14.23 -34.13 -7.42
C61 GDD K . 13.84 -34.55 -8.81
O6A GDD K . 13.39 -33.38 -9.47
C21 GDD K . 14.86 -34.42 -4.74
O21 GDD K . 14.91 -34.92 -3.41
C31 GDD K . 15.36 -35.48 -5.65
O31 GDD K . 14.37 -36.50 -5.66
C41 GDD K . 15.50 -34.84 -7.00
O41 GDD K . 16.54 -33.89 -6.88
MG MG L . 9.71 -33.55 -6.90
N2 GDD M . -18.77 21.46 -19.92
C2 GDD M . -19.60 21.78 -20.96
N1 GDD M . -19.33 21.37 -22.19
N3 GDD M . -20.69 22.53 -20.69
C4 GDD M . -21.57 22.89 -21.64
C5 GDD M . -21.32 22.46 -23.00
C6 GDD M . -20.12 21.66 -23.22
O6 GDD M . -19.85 21.27 -24.36
N7 GDD M . -22.31 22.94 -23.77
C8 GDD M . -23.13 23.61 -22.94
N9 GDD M . -22.68 23.58 -21.72
C1' GDD M . -23.36 24.22 -20.64
C2' GDD M . -24.49 23.37 -20.24
O2' GDD M . -25.50 23.92 -21.05
C3' GDD M . -24.68 23.78 -18.82
O3' GDD M . -25.66 24.81 -18.73
C4' GDD M . -23.37 24.40 -18.42
O4' GDD M . -22.53 24.34 -19.54
C5' GDD M . -22.72 23.80 -17.20
O5' GDD M . -21.89 22.71 -17.55
PA GDD M . -22.43 21.27 -17.21
O1A GDD M . -21.35 20.46 -16.58
O2A GDD M . -23.11 20.86 -18.47
O3A GDD M . -23.54 21.57 -16.13
PB GDD M . -23.15 21.41 -14.60
O2B GDD M . -22.08 22.40 -14.30
O3B GDD M . -22.95 19.97 -14.26
O1B GDD M . -24.51 21.93 -13.97
C11 GDD M . -25.33 22.77 -14.77
O51 GDD M . -26.29 21.95 -15.46
C51 GDD M . -27.36 21.51 -14.64
C61 GDD M . -28.25 20.62 -15.47
O6A GDD M . -27.99 19.30 -15.02
C21 GDD M . -26.00 23.78 -13.87
O21 GDD M . -25.30 25.02 -13.90
C31 GDD M . -27.37 24.01 -14.43
O31 GDD M . -27.18 24.24 -15.83
C41 GDD M . -28.13 22.73 -14.20
O41 GDD M . -28.33 22.65 -12.79
MG MG N . -24.14 19.51 -17.32
N2 GDD O . 2.20 16.03 30.81
C2 GDD O . 2.38 17.06 31.68
N1 GDD O . 3.46 17.83 31.58
N3 GDD O . 1.45 17.26 32.62
C4 GDD O . 1.54 18.27 33.53
C5 GDD O . 2.70 19.15 33.46
C6 GDD O . 3.67 18.86 32.41
O6 GDD O . 4.67 19.57 32.30
N7 GDD O . 2.57 20.04 34.43
C8 GDD O . 1.43 19.75 35.08
N9 GDD O . 0.84 18.73 34.54
C1' GDD O . -0.40 18.21 35.02
C2' GDD O . -1.48 19.04 34.50
O2' GDD O . -1.58 19.98 35.56
C3' GDD O . -2.63 18.10 34.52
O3' GDD O . -3.38 18.27 35.73
C4' GDD O . -2.00 16.74 34.58
O4' GDD O . -0.61 16.91 34.53
C5' GDD O . -2.46 15.77 33.52
O5' GDD O . -1.68 15.86 32.37
PA GDD O . -2.33 16.61 31.15
O1A GDD O . -2.10 15.84 29.89
O2A GDD O . -1.87 18.01 31.32
O3A GDD O . -3.86 16.56 31.49
PB GDD O . -4.75 15.44 30.79
O2B GDD O . -4.23 14.11 31.24
O3B GDD O . -4.90 15.71 29.33
O1B GDD O . -6.12 15.72 31.54
C11 GDD O . -6.06 16.40 32.79
O51 GDD O . -6.17 17.80 32.57
C51 GDD O . -7.48 18.23 32.25
C61 GDD O . -7.44 19.71 31.99
O6A GDD O . -7.70 19.88 30.60
C21 GDD O . -7.17 15.88 33.67
O21 GDD O . -6.68 14.91 34.59
C31 GDD O . -7.67 17.05 34.45
O31 GDD O . -6.53 17.68 34.99
C41 GDD O . -8.36 17.95 33.45
O41 GDD O . -9.51 17.24 33.00
MG MG P . -3.35 18.95 30.19
N2 GDD Q . -20.50 -27.47 5.69
C2 GDD Q . -20.95 -28.59 6.30
N1 GDD Q . -20.10 -29.56 6.65
N3 GDD Q . -22.27 -28.70 6.54
C4 GDD Q . -22.81 -29.78 7.14
C5 GDD Q . -21.93 -30.86 7.54
C6 GDD Q . -20.52 -30.67 7.25
O6 GDD Q . -19.72 -31.56 7.56
N7 GDD Q . -22.68 -31.79 8.11
C8 GDD Q . -23.95 -31.35 8.07
N9 GDD Q . -24.01 -30.17 7.52
C1' GDD Q . -25.23 -29.46 7.35
C2' GDD Q . -25.53 -28.76 8.60
O2' GDD Q . -26.32 -29.73 9.24
C3' GDD Q . -26.38 -27.63 8.11
O3' GDD Q . -27.75 -27.99 8.18
C4' GDD Q . -26.02 -27.50 6.66
O4' GDD Q . -25.09 -28.48 6.36
C5' GDD Q . -25.56 -26.13 6.22
O5' GDD Q . -24.16 -26.00 6.36
PA GDD Q . -23.68 -25.12 7.59
O1A GDD Q . -22.60 -24.20 7.15
O2A GDD Q . -23.49 -26.13 8.66
O3A GDD Q . -24.96 -24.27 7.93
PB GDD Q . -25.07 -22.80 7.35
O2B GDD Q . -25.11 -22.90 5.85
O3B GDD Q . -24.07 -21.90 8.00
O1B GDD Q . -26.53 -22.45 7.86
C11 GDD Q . -27.39 -23.55 8.15
O51 GDD Q . -27.35 -23.83 9.55
C51 GDD Q . -28.08 -22.94 10.36
C61 GDD Q . -27.90 -23.35 11.80
O6A GDD Q . -26.96 -22.45 12.34
C21 GDD Q . -28.79 -23.18 7.70
O21 GDD Q . -29.07 -23.72 6.42
C31 GDD Q . -29.72 -23.80 8.69
O31 GDD Q . -29.31 -25.16 8.82
C41 GDD Q . -29.53 -23.05 9.97
O41 GDD Q . -30.04 -21.74 9.74
MG MG R . -23.79 -24.57 9.97
#